data_1ZW7
#
_entry.id   1ZW7
#
_entity_poly.entity_id   1
_entity_poly.type   'polypeptide(L)'
_entity_poly.pdbx_seq_one_letter_code
;MQIFVKTLTGATITLEVESSDTIDNVKSKIQAAPGIPPDQQELIFAGKQLEDGRTLSDYNIQKESTLHLVLRLRGGHHHH
HH
;
_entity_poly.pdbx_strand_id   A
#
# COMPACT_ATOMS: atom_id res chain seq x y z
N MET A 1 6.68 -14.15 -11.98
CA MET A 1 5.99 -12.91 -11.53
C MET A 1 6.81 -12.17 -10.48
N GLN A 2 7.06 -10.90 -10.73
CA GLN A 2 7.82 -10.06 -9.82
C GLN A 2 7.52 -8.59 -10.07
N ILE A 3 7.13 -7.89 -9.01
CA ILE A 3 6.82 -6.47 -9.11
C ILE A 3 7.72 -5.65 -8.19
N PHE A 4 7.78 -4.35 -8.46
CA PHE A 4 8.58 -3.44 -7.67
C PHE A 4 7.67 -2.45 -6.95
N VAL A 5 7.91 -2.26 -5.67
CA VAL A 5 7.12 -1.32 -4.88
C VAL A 5 8.03 -0.40 -4.07
N LYS A 6 7.87 0.90 -4.28
CA LYS A 6 8.68 1.88 -3.58
C LYS A 6 8.01 2.32 -2.29
N THR A 7 8.76 2.24 -1.20
CA THR A 7 8.25 2.62 0.12
C THR A 7 8.57 4.08 0.42
N LEU A 8 8.25 4.49 1.64
CA LEU A 8 8.49 5.88 2.06
C LEU A 8 9.96 6.11 2.37
N THR A 9 10.71 5.04 2.57
CA THR A 9 12.13 5.15 2.85
C THR A 9 12.94 5.12 1.56
N GLY A 10 12.33 4.63 0.48
CA GLY A 10 13.00 4.56 -0.79
C GLY A 10 13.45 3.14 -1.12
N ALA A 11 13.28 2.23 -0.17
CA ALA A 11 13.68 0.84 -0.36
C ALA A 11 12.61 0.04 -1.08
N THR A 12 12.88 -0.31 -2.34
CA THR A 12 11.95 -1.10 -3.13
C THR A 12 11.84 -2.52 -2.59
N ILE A 13 10.62 -3.02 -2.47
CA ILE A 13 10.39 -4.36 -1.96
C ILE A 13 9.79 -5.26 -3.02
N THR A 14 10.23 -6.52 -3.04
CA THR A 14 9.73 -7.50 -4.00
C THR A 14 8.63 -8.33 -3.37
N LEU A 15 7.48 -8.38 -4.03
CA LEU A 15 6.35 -9.15 -3.51
C LEU A 15 5.65 -9.91 -4.63
N GLU A 16 4.87 -10.90 -4.22
CA GLU A 16 4.12 -11.72 -5.16
C GLU A 16 2.63 -11.43 -5.05
N VAL A 17 1.97 -11.22 -6.18
CA VAL A 17 0.55 -10.90 -6.16
C VAL A 17 -0.29 -12.18 -6.20
N GLU A 18 -1.56 -12.02 -5.89
CA GLU A 18 -2.50 -13.14 -5.88
C GLU A 18 -3.90 -12.66 -6.20
N SER A 19 -4.69 -13.54 -6.81
CA SER A 19 -6.06 -13.20 -7.16
C SER A 19 -6.86 -12.93 -5.90
N SER A 20 -6.58 -13.72 -4.87
CA SER A 20 -7.29 -13.59 -3.59
C SER A 20 -6.67 -12.52 -2.70
N ASP A 21 -5.73 -11.74 -3.24
CA ASP A 21 -5.08 -10.69 -2.46
C ASP A 21 -5.91 -9.41 -2.49
N THR A 22 -6.51 -9.08 -1.35
CA THR A 22 -7.33 -7.87 -1.24
C THR A 22 -6.64 -6.81 -0.39
N ILE A 23 -7.14 -5.58 -0.45
CA ILE A 23 -6.55 -4.49 0.32
C ILE A 23 -6.57 -4.79 1.83
N ASP A 24 -7.47 -5.67 2.24
CA ASP A 24 -7.55 -6.04 3.65
C ASP A 24 -6.54 -7.12 4.00
N ASN A 25 -6.44 -8.13 3.15
CA ASN A 25 -5.52 -9.24 3.35
C ASN A 25 -4.09 -8.73 3.50
N VAL A 26 -3.71 -7.76 2.66
CA VAL A 26 -2.37 -7.19 2.72
C VAL A 26 -2.11 -6.64 4.11
N LYS A 27 -3.16 -6.06 4.71
CA LYS A 27 -3.06 -5.49 6.05
C LYS A 27 -2.92 -6.58 7.11
N SER A 28 -3.73 -7.63 6.99
CA SER A 28 -3.68 -8.74 7.95
C SER A 28 -2.29 -9.34 8.03
N LYS A 29 -1.57 -9.31 6.90
CA LYS A 29 -0.22 -9.88 6.81
C LYS A 29 0.83 -9.03 7.53
N ILE A 30 0.41 -7.95 8.15
CA ILE A 30 1.36 -7.09 8.87
C ILE A 30 1.46 -7.53 10.32
N GLN A 31 1.15 -8.80 10.59
CA GLN A 31 1.21 -9.33 11.96
C GLN A 31 2.57 -9.92 12.28
N ALA A 32 3.63 -9.34 11.71
CA ALA A 32 4.99 -9.83 11.96
C ALA A 32 5.83 -8.75 12.63
N ALA A 33 6.17 -7.70 11.89
CA ALA A 33 6.96 -6.60 12.42
C ALA A 33 6.12 -5.34 12.61
N PRO A 34 5.74 -5.03 13.86
CA PRO A 34 4.94 -3.84 14.18
C PRO A 34 5.74 -2.54 14.01
N GLY A 35 5.08 -1.41 14.23
CA GLY A 35 5.76 -0.13 14.10
C GLY A 35 4.90 0.92 13.40
N ILE A 36 4.13 0.47 12.41
CA ILE A 36 3.27 1.37 11.66
C ILE A 36 1.85 0.81 11.57
N PRO A 37 0.82 1.67 11.62
CA PRO A 37 -0.58 1.25 11.54
C PRO A 37 -0.92 0.66 10.17
N PRO A 38 -1.40 -0.60 10.14
CA PRO A 38 -1.75 -1.29 8.88
C PRO A 38 -2.85 -0.56 8.10
N ASP A 39 -3.68 0.20 8.81
CA ASP A 39 -4.77 0.93 8.19
C ASP A 39 -4.25 2.20 7.50
N GLN A 40 -2.96 2.47 7.68
CA GLN A 40 -2.36 3.65 7.08
C GLN A 40 -1.63 3.30 5.78
N GLN A 41 -1.79 2.06 5.33
CA GLN A 41 -1.13 1.64 4.08
C GLN A 41 -2.15 1.53 2.95
N GLU A 42 -1.84 2.16 1.83
CA GLU A 42 -2.72 2.16 0.67
C GLU A 42 -1.93 2.32 -0.62
N LEU A 43 -2.52 1.87 -1.73
CA LEU A 43 -1.87 2.01 -3.03
C LEU A 43 -2.40 3.30 -3.67
N ILE A 44 -1.50 4.09 -4.29
CA ILE A 44 -1.91 5.35 -4.92
C ILE A 44 -1.12 5.63 -6.20
N PHE A 45 -1.85 5.96 -7.25
CA PHE A 45 -1.23 6.27 -8.54
C PHE A 45 -0.89 7.76 -8.64
N ALA A 46 -0.51 8.39 -7.54
CA ALA A 46 -0.16 9.81 -7.56
C ALA A 46 -1.41 10.64 -7.87
N GLY A 47 -1.92 10.48 -9.07
CA GLY A 47 -3.12 11.18 -9.48
C GLY A 47 -4.33 10.26 -9.56
N LYS A 48 -4.10 8.96 -9.35
CA LYS A 48 -5.20 7.99 -9.36
C LYS A 48 -5.25 7.21 -8.06
N GLN A 49 -6.28 7.47 -7.26
CA GLN A 49 -6.44 6.80 -5.97
C GLN A 49 -7.18 5.48 -6.10
N LEU A 50 -6.65 4.42 -5.47
CA LEU A 50 -7.27 3.11 -5.52
C LEU A 50 -8.36 2.98 -4.46
N GLU A 51 -9.23 1.99 -4.63
CA GLU A 51 -10.33 1.74 -3.70
C GLU A 51 -9.98 0.59 -2.75
N ASP A 52 -10.16 0.83 -1.46
CA ASP A 52 -9.87 -0.19 -0.45
C ASP A 52 -10.74 -1.43 -0.66
N GLY A 53 -11.95 -1.22 -1.18
CA GLY A 53 -12.86 -2.33 -1.42
C GLY A 53 -12.60 -3.04 -2.72
N ARG A 54 -11.47 -2.76 -3.38
CA ARG A 54 -11.16 -3.40 -4.65
C ARG A 54 -10.31 -4.66 -4.48
N THR A 55 -10.49 -5.62 -5.39
CA THR A 55 -9.75 -6.87 -5.33
C THR A 55 -8.58 -6.85 -6.31
N LEU A 56 -7.67 -7.82 -6.19
CA LEU A 56 -6.50 -7.88 -7.08
C LEU A 56 -6.93 -7.99 -8.55
N SER A 57 -7.73 -9.01 -8.83
CA SER A 57 -8.21 -9.25 -10.19
C SER A 57 -8.89 -8.00 -10.76
N ASP A 58 -9.47 -7.21 -9.88
CA ASP A 58 -10.15 -5.97 -10.27
C ASP A 58 -9.17 -4.94 -10.80
N TYR A 59 -7.91 -5.05 -10.36
CA TYR A 59 -6.86 -4.12 -10.80
C TYR A 59 -5.57 -4.87 -11.12
N ASN A 60 -5.73 -6.11 -11.56
CA ASN A 60 -4.60 -6.97 -11.91
C ASN A 60 -4.19 -6.77 -13.36
N ILE A 61 -3.16 -5.97 -13.56
CA ILE A 61 -2.64 -5.68 -14.90
C ILE A 61 -1.54 -6.67 -15.29
N GLN A 62 -0.93 -6.45 -16.45
CA GLN A 62 0.13 -7.33 -16.96
C GLN A 62 1.47 -7.03 -16.32
N LYS A 63 2.20 -8.10 -16.01
CA LYS A 63 3.54 -8.01 -15.38
C LYS A 63 4.30 -6.78 -15.85
N GLU A 64 5.32 -6.41 -15.09
CA GLU A 64 6.12 -5.23 -15.40
C GLU A 64 5.27 -3.98 -15.24
N SER A 65 5.07 -3.58 -13.99
CA SER A 65 4.27 -2.41 -13.66
C SER A 65 4.71 -1.82 -12.32
N THR A 66 5.13 -0.57 -12.35
CA THR A 66 5.58 0.11 -11.15
C THR A 66 4.41 0.37 -10.21
N LEU A 67 4.61 0.10 -8.93
CA LEU A 67 3.58 0.32 -7.93
C LEU A 67 4.03 1.39 -6.92
N HIS A 68 3.13 2.29 -6.55
CA HIS A 68 3.49 3.35 -5.60
C HIS A 68 2.63 3.29 -4.34
N LEU A 69 3.29 3.20 -3.19
CA LEU A 69 2.59 3.15 -1.92
C LEU A 69 3.01 4.32 -1.04
N VAL A 70 2.05 5.15 -0.66
CA VAL A 70 2.34 6.31 0.18
C VAL A 70 1.68 6.19 1.55
N LEU A 71 2.28 6.83 2.54
CA LEU A 71 1.76 6.79 3.90
C LEU A 71 1.48 8.19 4.43
N ARG A 72 0.30 8.72 4.11
CA ARG A 72 -0.09 10.04 4.55
C ARG A 72 -0.67 10.00 5.96
N LEU A 73 -0.53 11.10 6.71
CA LEU A 73 -1.05 11.18 8.07
C LEU A 73 -2.48 11.73 8.08
N ARG A 74 -3.35 11.14 8.89
CA ARG A 74 -4.73 11.58 8.97
C ARG A 74 -5.32 11.35 10.37
N GLY A 75 -4.45 11.09 11.36
CA GLY A 75 -4.90 10.84 12.72
C GLY A 75 -5.31 12.09 13.49
N GLY A 76 -6.02 12.99 12.83
CA GLY A 76 -6.46 14.22 13.47
C GLY A 76 -5.48 15.37 13.31
N HIS A 77 -6.00 16.59 13.34
CA HIS A 77 -5.17 17.78 13.19
C HIS A 77 -4.25 18.01 14.38
N HIS A 78 -3.08 18.60 14.12
CA HIS A 78 -2.12 18.89 15.17
C HIS A 78 -2.25 20.33 15.67
N HIS A 79 -2.05 20.52 16.97
CA HIS A 79 -2.16 21.83 17.57
C HIS A 79 -0.86 22.61 17.43
N HIS A 80 -0.94 23.82 16.89
CA HIS A 80 0.24 24.66 16.71
C HIS A 80 0.66 25.29 18.02
N HIS A 81 1.76 24.79 18.59
CA HIS A 81 2.27 25.31 19.87
C HIS A 81 3.04 26.61 19.65
N HIS A 82 2.52 27.70 20.21
CA HIS A 82 3.16 28.99 20.09
C HIS A 82 4.18 29.21 21.20
N MET A 1 5.02 -13.30 -11.60
CA MET A 1 4.63 -12.73 -10.28
C MET A 1 5.79 -11.96 -9.64
N GLN A 2 6.17 -10.85 -10.27
CA GLN A 2 7.25 -10.01 -9.78
C GLN A 2 7.01 -8.55 -10.15
N ILE A 3 6.74 -7.73 -9.13
CA ILE A 3 6.50 -6.30 -9.33
C ILE A 3 7.51 -5.45 -8.55
N PHE A 4 7.58 -4.16 -8.89
CA PHE A 4 8.49 -3.24 -8.22
C PHE A 4 7.68 -2.09 -7.61
N VAL A 5 7.98 -1.76 -6.35
CA VAL A 5 7.27 -0.68 -5.67
C VAL A 5 8.21 0.26 -4.92
N LYS A 6 8.09 1.55 -5.18
CA LYS A 6 8.93 2.55 -4.53
C LYS A 6 8.29 3.04 -3.24
N THR A 7 9.05 3.02 -2.16
CA THR A 7 8.57 3.46 -0.86
C THR A 7 8.86 4.95 -0.64
N LEU A 8 8.55 5.44 0.55
CA LEU A 8 8.78 6.84 0.88
C LEU A 8 10.26 7.10 1.14
N THR A 9 11.01 6.04 1.42
CA THR A 9 12.44 6.16 1.70
C THR A 9 13.26 6.02 0.41
N GLY A 10 12.63 5.51 -0.65
CA GLY A 10 13.31 5.31 -1.91
C GLY A 10 13.63 3.85 -2.18
N ALA A 11 13.33 3.00 -1.20
CA ALA A 11 13.59 1.57 -1.31
C ALA A 11 12.52 0.82 -2.12
N THR A 12 12.92 0.29 -3.26
CA THR A 12 12.00 -0.47 -4.11
C THR A 12 11.84 -1.89 -3.58
N ILE A 13 10.61 -2.37 -3.51
CA ILE A 13 10.34 -3.71 -3.01
C ILE A 13 9.73 -4.61 -4.08
N THR A 14 10.01 -5.91 -3.97
CA THR A 14 9.49 -6.90 -4.91
C THR A 14 8.37 -7.73 -4.27
N LEU A 15 7.24 -7.83 -4.96
CA LEU A 15 6.10 -8.58 -4.44
C LEU A 15 5.42 -9.41 -5.53
N GLU A 16 4.63 -10.40 -5.09
CA GLU A 16 3.90 -11.28 -6.01
C GLU A 16 2.39 -11.10 -5.84
N VAL A 17 1.66 -11.10 -6.94
CA VAL A 17 0.21 -10.91 -6.87
C VAL A 17 -0.54 -12.22 -6.73
N GLU A 18 -1.81 -12.11 -6.34
CA GLU A 18 -2.69 -13.24 -6.12
C GLU A 18 -4.14 -12.82 -6.33
N SER A 19 -4.98 -13.79 -6.67
CA SER A 19 -6.40 -13.52 -6.87
C SER A 19 -7.08 -13.25 -5.53
N SER A 20 -6.61 -13.96 -4.51
CA SER A 20 -7.18 -13.84 -3.17
C SER A 20 -6.51 -12.74 -2.36
N ASP A 21 -5.58 -12.02 -2.97
CA ASP A 21 -4.88 -10.95 -2.26
C ASP A 21 -5.71 -9.67 -2.27
N THR A 22 -6.18 -9.27 -1.09
CA THR A 22 -6.97 -8.06 -0.97
C THR A 22 -6.30 -7.06 -0.05
N ILE A 23 -6.71 -5.81 -0.15
CA ILE A 23 -6.13 -4.76 0.69
C ILE A 23 -6.31 -5.09 2.17
N ASP A 24 -7.29 -5.94 2.48
CA ASP A 24 -7.55 -6.33 3.86
C ASP A 24 -6.62 -7.47 4.29
N ASN A 25 -6.48 -8.48 3.42
CA ASN A 25 -5.64 -9.63 3.71
C ASN A 25 -4.21 -9.19 4.03
N VAL A 26 -3.66 -8.31 3.19
CA VAL A 26 -2.30 -7.82 3.39
C VAL A 26 -2.16 -7.16 4.76
N LYS A 27 -3.16 -6.35 5.13
CA LYS A 27 -3.13 -5.65 6.42
C LYS A 27 -3.22 -6.61 7.59
N SER A 28 -4.17 -7.54 7.52
CA SER A 28 -4.36 -8.50 8.61
C SER A 28 -3.07 -9.28 8.90
N LYS A 29 -2.24 -9.43 7.86
CA LYS A 29 -0.99 -10.17 7.98
C LYS A 29 0.01 -9.51 8.94
N ILE A 30 -0.37 -8.39 9.55
CA ILE A 30 0.53 -7.72 10.51
C ILE A 30 0.44 -8.40 11.88
N GLN A 31 0.15 -9.70 11.89
CA GLN A 31 0.04 -10.44 13.13
C GLN A 31 1.40 -10.97 13.59
N ALA A 32 2.48 -10.38 13.07
CA ALA A 32 3.83 -10.80 13.43
C ALA A 32 4.58 -9.68 14.14
N ALA A 33 4.93 -8.62 13.40
CA ALA A 33 5.66 -7.49 13.96
C ALA A 33 4.80 -6.23 13.95
N PRO A 34 4.36 -5.77 15.13
CA PRO A 34 3.53 -4.56 15.25
C PRO A 34 4.32 -3.29 14.95
N GLY A 35 3.66 -2.14 15.14
CA GLY A 35 4.32 -0.87 14.89
C GLY A 35 3.64 -0.09 13.78
N ILE A 36 3.23 -0.79 12.73
CA ILE A 36 2.58 -0.15 11.59
C ILE A 36 1.12 -0.55 11.49
N PRO A 37 0.20 0.44 11.47
CA PRO A 37 -1.23 0.17 11.36
C PRO A 37 -1.59 -0.34 9.97
N PRO A 38 -2.81 -0.88 9.80
CA PRO A 38 -3.27 -1.41 8.51
C PRO A 38 -3.82 -0.33 7.60
N ASP A 39 -4.48 0.66 8.19
CA ASP A 39 -5.07 1.77 7.44
C ASP A 39 -4.00 2.78 7.05
N GLN A 40 -2.80 2.64 7.62
CA GLN A 40 -1.71 3.55 7.33
C GLN A 40 -0.98 3.15 6.06
N GLN A 41 -1.46 2.11 5.38
CA GLN A 41 -0.82 1.67 4.15
C GLN A 41 -1.81 1.70 2.99
N GLU A 42 -1.39 2.33 1.90
CA GLU A 42 -2.22 2.44 0.71
C GLU A 42 -1.36 2.58 -0.56
N LEU A 43 -1.94 2.20 -1.69
CA LEU A 43 -1.25 2.32 -2.98
C LEU A 43 -1.82 3.54 -3.70
N ILE A 44 -0.97 4.28 -4.42
CA ILE A 44 -1.44 5.45 -5.15
C ILE A 44 -0.70 5.65 -6.46
N PHE A 45 -1.44 5.90 -7.53
CA PHE A 45 -0.86 6.15 -8.84
C PHE A 45 -0.53 7.63 -8.97
N ALA A 46 -0.27 8.30 -7.85
CA ALA A 46 0.04 9.72 -7.86
C ALA A 46 -1.23 10.50 -8.17
N GLY A 47 -1.79 10.22 -9.35
CA GLY A 47 -3.01 10.87 -9.76
C GLY A 47 -4.20 9.91 -9.74
N LYS A 48 -3.92 8.61 -9.48
CA LYS A 48 -4.99 7.63 -9.40
C LYS A 48 -4.94 6.92 -8.05
N GLN A 49 -5.94 7.18 -7.20
CA GLN A 49 -6.01 6.59 -5.87
C GLN A 49 -6.69 5.23 -5.88
N LEU A 50 -6.06 4.24 -5.25
CA LEU A 50 -6.62 2.89 -5.20
C LEU A 50 -7.72 2.78 -4.15
N GLU A 51 -8.64 1.86 -4.38
CA GLU A 51 -9.74 1.60 -3.46
C GLU A 51 -9.42 0.43 -2.54
N ASP A 52 -9.39 0.67 -1.25
CA ASP A 52 -9.08 -0.37 -0.27
C ASP A 52 -10.06 -1.54 -0.38
N GLY A 53 -11.26 -1.27 -0.88
CA GLY A 53 -12.26 -2.33 -1.02
C GLY A 53 -12.09 -3.15 -2.29
N ARG A 54 -11.02 -2.89 -3.06
CA ARG A 54 -10.79 -3.64 -4.28
C ARG A 54 -9.87 -4.83 -4.05
N THR A 55 -9.87 -5.77 -4.98
CA THR A 55 -9.03 -6.95 -4.88
C THR A 55 -7.86 -6.86 -5.85
N LEU A 56 -6.86 -7.72 -5.70
CA LEU A 56 -5.71 -7.68 -6.60
C LEU A 56 -6.13 -7.98 -8.03
N SER A 57 -6.81 -9.10 -8.20
CA SER A 57 -7.28 -9.52 -9.53
C SER A 57 -8.13 -8.43 -10.15
N ASP A 58 -8.87 -7.72 -9.30
CA ASP A 58 -9.72 -6.63 -9.76
C ASP A 58 -8.88 -5.44 -10.23
N TYR A 59 -7.65 -5.35 -9.71
CA TYR A 59 -6.75 -4.27 -10.08
C TYR A 59 -5.38 -4.82 -10.48
N ASN A 60 -5.40 -6.00 -11.11
CA ASN A 60 -4.18 -6.65 -11.59
C ASN A 60 -4.19 -6.73 -13.10
N ILE A 61 -3.34 -5.91 -13.71
CA ILE A 61 -3.22 -5.85 -15.17
C ILE A 61 -1.97 -6.63 -15.63
N GLN A 62 -1.49 -6.34 -16.84
CA GLN A 62 -0.32 -7.05 -17.36
C GLN A 62 0.92 -6.72 -16.55
N LYS A 63 1.47 -7.76 -15.90
CA LYS A 63 2.66 -7.63 -15.06
C LYS A 63 3.70 -6.67 -15.66
N GLU A 64 4.68 -6.30 -14.84
CA GLU A 64 5.74 -5.38 -15.28
C GLU A 64 5.23 -3.95 -15.30
N SER A 65 5.23 -3.32 -14.13
CA SER A 65 4.76 -1.96 -13.97
C SER A 65 5.17 -1.43 -12.60
N THR A 66 5.74 -0.23 -12.59
CA THR A 66 6.17 0.38 -11.33
C THR A 66 4.98 0.78 -10.48
N LEU A 67 5.11 0.56 -9.17
CA LEU A 67 4.05 0.90 -8.23
C LEU A 67 4.56 1.89 -7.19
N HIS A 68 3.69 2.80 -6.75
CA HIS A 68 4.08 3.81 -5.76
C HIS A 68 3.23 3.72 -4.49
N LEU A 69 3.89 3.53 -3.34
CA LEU A 69 3.18 3.45 -2.07
C LEU A 69 3.57 4.59 -1.15
N VAL A 70 2.60 5.41 -0.75
CA VAL A 70 2.86 6.56 0.10
C VAL A 70 2.19 6.42 1.47
N LEU A 71 2.81 6.99 2.50
CA LEU A 71 2.26 6.93 3.86
C LEU A 71 1.85 8.32 4.35
N ARG A 72 0.81 8.87 3.75
CA ARG A 72 0.32 10.19 4.12
C ARG A 72 -0.56 10.11 5.36
N LEU A 73 -0.48 11.13 6.21
CA LEU A 73 -1.27 11.16 7.44
C LEU A 73 -2.61 11.86 7.21
N ARG A 74 -3.65 11.37 7.88
CA ARG A 74 -4.98 11.96 7.75
C ARG A 74 -5.75 11.86 9.07
N GLY A 75 -5.04 11.57 10.14
CA GLY A 75 -5.66 11.43 11.45
C GLY A 75 -5.97 12.76 12.10
N GLY A 76 -6.52 12.70 13.31
CA GLY A 76 -6.86 13.89 14.05
C GLY A 76 -5.66 14.81 14.24
N HIS A 77 -5.90 16.12 14.25
CA HIS A 77 -4.82 17.09 14.42
C HIS A 77 -4.61 17.41 15.90
N HIS A 78 -3.41 17.88 16.23
CA HIS A 78 -3.10 18.25 17.61
C HIS A 78 -3.16 19.75 17.80
N HIS A 79 -3.41 20.17 19.03
CA HIS A 79 -3.50 21.59 19.35
C HIS A 79 -2.11 22.23 19.45
N HIS A 80 -1.95 23.40 18.85
CA HIS A 80 -0.67 24.09 18.87
C HIS A 80 -0.65 25.18 19.95
N HIS A 81 0.25 25.03 20.91
CA HIS A 81 0.37 25.99 22.01
C HIS A 81 1.54 26.94 21.80
N HIS A 82 1.24 28.23 21.63
CA HIS A 82 2.28 29.23 21.42
C HIS A 82 2.97 29.56 22.75
N MET A 1 5.58 -14.19 -11.23
CA MET A 1 6.19 -12.94 -11.76
C MET A 1 7.02 -12.24 -10.67
N GLN A 2 7.31 -10.95 -10.88
CA GLN A 2 8.08 -10.17 -9.93
C GLN A 2 7.86 -8.68 -10.16
N ILE A 3 7.43 -7.98 -9.11
CA ILE A 3 7.18 -6.56 -9.20
C ILE A 3 8.02 -5.78 -8.20
N PHE A 4 8.06 -4.46 -8.37
CA PHE A 4 8.83 -3.61 -7.47
C PHE A 4 7.89 -2.72 -6.66
N VAL A 5 8.34 -2.34 -5.45
CA VAL A 5 7.53 -1.50 -4.59
C VAL A 5 8.38 -0.48 -3.83
N LYS A 6 8.19 0.79 -4.15
CA LYS A 6 8.95 1.85 -3.51
C LYS A 6 8.25 2.37 -2.26
N THR A 7 8.97 2.31 -1.14
CA THR A 7 8.42 2.76 0.14
C THR A 7 8.75 4.23 0.37
N LEU A 8 8.39 4.75 1.53
CA LEU A 8 8.64 6.16 1.85
C LEU A 8 10.10 6.37 2.19
N THR A 9 10.79 5.30 2.56
CA THR A 9 12.20 5.37 2.90
C THR A 9 13.09 5.22 1.66
N GLY A 10 12.50 4.79 0.54
CA GLY A 10 13.27 4.59 -0.68
C GLY A 10 13.59 3.13 -0.93
N ALA A 11 13.25 2.28 0.04
CA ALA A 11 13.52 0.85 -0.05
C ALA A 11 12.47 0.12 -0.88
N THR A 12 12.88 -0.45 -2.01
CA THR A 12 11.95 -1.18 -2.86
C THR A 12 11.80 -2.60 -2.33
N ILE A 13 10.57 -3.08 -2.30
CA ILE A 13 10.29 -4.41 -1.79
C ILE A 13 9.75 -5.34 -2.89
N THR A 14 10.27 -6.56 -2.91
CA THR A 14 9.85 -7.57 -3.87
C THR A 14 8.75 -8.44 -3.26
N LEU A 15 7.65 -8.58 -3.98
CA LEU A 15 6.52 -9.36 -3.48
C LEU A 15 5.87 -10.22 -4.55
N GLU A 16 5.10 -11.20 -4.09
CA GLU A 16 4.37 -12.13 -4.94
C GLU A 16 2.88 -11.78 -4.94
N VAL A 17 2.30 -11.63 -6.12
CA VAL A 17 0.89 -11.28 -6.21
C VAL A 17 0.00 -12.51 -6.20
N GLU A 18 -1.29 -12.26 -5.97
CA GLU A 18 -2.30 -13.32 -5.92
C GLU A 18 -3.66 -12.78 -6.31
N SER A 19 -4.51 -13.66 -6.83
CA SER A 19 -5.86 -13.28 -7.22
C SER A 19 -6.67 -12.93 -5.98
N SER A 20 -6.43 -13.68 -4.91
CA SER A 20 -7.13 -13.47 -3.65
C SER A 20 -6.50 -12.34 -2.86
N ASP A 21 -5.58 -11.61 -3.48
CA ASP A 21 -4.90 -10.50 -2.82
C ASP A 21 -5.75 -9.23 -2.86
N THR A 22 -6.23 -8.80 -1.71
CA THR A 22 -7.05 -7.60 -1.62
C THR A 22 -6.38 -6.54 -0.76
N ILE A 23 -6.97 -5.34 -0.73
CA ILE A 23 -6.43 -4.25 0.06
C ILE A 23 -6.39 -4.60 1.54
N ASP A 24 -7.23 -5.55 1.95
CA ASP A 24 -7.29 -5.98 3.34
C ASP A 24 -6.21 -7.01 3.63
N ASN A 25 -5.96 -7.90 2.66
CA ASN A 25 -4.96 -8.94 2.81
C ASN A 25 -3.59 -8.34 3.13
N VAL A 26 -3.21 -7.31 2.39
CA VAL A 26 -1.92 -6.65 2.61
C VAL A 26 -1.77 -6.18 4.05
N LYS A 27 -2.82 -5.54 4.55
CA LYS A 27 -2.82 -5.01 5.92
C LYS A 27 -2.59 -6.13 6.94
N SER A 28 -3.31 -7.24 6.78
CA SER A 28 -3.19 -8.36 7.70
C SER A 28 -1.76 -8.90 7.71
N LYS A 29 -1.14 -8.96 6.54
CA LYS A 29 0.23 -9.48 6.42
C LYS A 29 1.20 -8.80 7.36
N ILE A 30 0.79 -7.69 7.98
CA ILE A 30 1.66 -7.00 8.93
C ILE A 30 1.64 -7.74 10.26
N GLN A 31 1.48 -9.06 10.19
CA GLN A 31 1.44 -9.89 11.39
C GLN A 31 2.83 -10.33 11.81
N ALA A 32 3.85 -9.72 11.23
CA ALA A 32 5.23 -10.05 11.54
C ALA A 32 5.91 -8.95 12.34
N ALA A 33 6.25 -7.85 11.66
CA ALA A 33 6.90 -6.72 12.30
C ALA A 33 5.89 -5.60 12.55
N PRO A 34 5.82 -5.10 13.80
CA PRO A 34 4.89 -4.02 14.15
C PRO A 34 5.43 -2.65 13.78
N GLY A 35 4.90 -1.62 14.42
CA GLY A 35 5.35 -0.27 14.13
C GLY A 35 4.21 0.70 13.92
N ILE A 36 3.89 0.97 12.65
CA ILE A 36 2.83 1.90 12.30
C ILE A 36 1.48 1.18 12.16
N PRO A 37 0.35 1.91 12.24
CA PRO A 37 -0.98 1.32 12.13
C PRO A 37 -1.21 0.74 10.73
N PRO A 38 -1.71 -0.53 10.65
CA PRO A 38 -1.95 -1.19 9.37
C PRO A 38 -3.05 -0.52 8.55
N ASP A 39 -3.88 0.28 9.22
CA ASP A 39 -4.96 1.00 8.55
C ASP A 39 -4.42 2.25 7.86
N GLN A 40 -3.14 2.54 8.08
CA GLN A 40 -2.51 3.70 7.48
C GLN A 40 -1.74 3.29 6.23
N GLN A 41 -2.10 2.14 5.66
CA GLN A 41 -1.45 1.67 4.45
C GLN A 41 -2.44 1.64 3.29
N GLU A 42 -2.03 2.24 2.18
CA GLU A 42 -2.88 2.28 0.98
C GLU A 42 -2.03 2.41 -0.29
N LEU A 43 -2.59 1.99 -1.42
CA LEU A 43 -1.89 2.11 -2.70
C LEU A 43 -2.40 3.34 -3.42
N ILE A 44 -1.51 4.03 -4.14
CA ILE A 44 -1.91 5.23 -4.87
C ILE A 44 -1.13 5.39 -6.17
N PHE A 45 -1.83 5.65 -7.26
CA PHE A 45 -1.18 5.86 -8.55
C PHE A 45 -0.76 7.33 -8.69
N ALA A 46 -0.62 8.01 -7.56
CA ALA A 46 -0.24 9.42 -7.55
C ALA A 46 -1.37 10.26 -8.10
N GLY A 47 -1.70 10.01 -9.35
CA GLY A 47 -2.79 10.72 -9.98
C GLY A 47 -4.02 9.84 -10.12
N LYS A 48 -3.87 8.55 -9.79
CA LYS A 48 -5.00 7.63 -9.85
C LYS A 48 -5.13 6.89 -8.53
N GLN A 49 -6.18 7.22 -7.79
CA GLN A 49 -6.40 6.60 -6.49
C GLN A 49 -7.17 5.29 -6.61
N LEU A 50 -6.66 4.25 -5.98
CA LEU A 50 -7.29 2.93 -6.03
C LEU A 50 -8.38 2.79 -4.98
N GLU A 51 -9.27 1.83 -5.21
CA GLU A 51 -10.38 1.56 -4.29
C GLU A 51 -10.00 0.44 -3.33
N ASP A 52 -9.98 0.77 -2.04
CA ASP A 52 -9.62 -0.20 -1.01
C ASP A 52 -10.62 -1.37 -1.00
N GLY A 53 -11.85 -1.09 -1.43
CA GLY A 53 -12.87 -2.12 -1.46
C GLY A 53 -12.76 -2.98 -2.73
N ARG A 54 -11.71 -2.76 -3.50
CA ARG A 54 -11.51 -3.52 -4.74
C ARG A 54 -10.57 -4.71 -4.52
N THR A 55 -10.64 -5.69 -5.41
CA THR A 55 -9.80 -6.87 -5.30
C THR A 55 -8.67 -6.86 -6.32
N LEU A 56 -7.73 -7.79 -6.19
CA LEU A 56 -6.60 -7.85 -7.10
C LEU A 56 -7.07 -8.14 -8.51
N SER A 57 -7.88 -9.18 -8.67
CA SER A 57 -8.38 -9.57 -9.99
C SER A 57 -9.16 -8.44 -10.64
N ASP A 58 -9.81 -7.62 -9.82
CA ASP A 58 -10.59 -6.49 -10.31
C ASP A 58 -9.68 -5.34 -10.74
N TYR A 59 -8.48 -5.28 -10.17
CA TYR A 59 -7.53 -4.24 -10.53
C TYR A 59 -6.20 -4.87 -10.92
N ASN A 60 -6.29 -6.03 -11.56
CA ASN A 60 -5.11 -6.76 -11.99
C ASN A 60 -4.75 -6.40 -13.42
N ILE A 61 -3.81 -5.48 -13.54
CA ILE A 61 -3.34 -5.00 -14.84
C ILE A 61 -2.15 -5.84 -15.33
N GLN A 62 -1.77 -5.65 -16.59
CA GLN A 62 -0.65 -6.39 -17.19
C GLN A 62 0.61 -6.32 -16.31
N LYS A 63 1.06 -7.50 -15.89
CA LYS A 63 2.25 -7.63 -15.03
C LYS A 63 3.39 -6.71 -15.48
N GLU A 64 4.37 -6.53 -14.59
CA GLU A 64 5.52 -5.67 -14.87
C GLU A 64 5.05 -4.22 -14.93
N SER A 65 4.91 -3.63 -13.74
CA SER A 65 4.46 -2.26 -13.59
C SER A 65 4.75 -1.77 -12.18
N THR A 66 5.43 -0.64 -12.08
CA THR A 66 5.78 -0.07 -10.78
C THR A 66 4.53 0.24 -9.95
N LEU A 67 4.60 -0.07 -8.64
CA LEU A 67 3.50 0.19 -7.72
C LEU A 67 3.90 1.30 -6.76
N HIS A 68 2.95 2.16 -6.39
CA HIS A 68 3.23 3.27 -5.49
C HIS A 68 2.39 3.21 -4.22
N LEU A 69 3.05 3.09 -3.08
CA LEU A 69 2.37 3.04 -1.80
C LEU A 69 2.76 4.24 -0.94
N VAL A 70 1.78 5.03 -0.56
CA VAL A 70 2.03 6.21 0.25
C VAL A 70 1.42 6.10 1.64
N LEU A 71 2.03 6.79 2.61
CA LEU A 71 1.54 6.75 3.98
C LEU A 71 1.63 8.14 4.65
N ARG A 72 0.78 9.06 4.19
CA ARG A 72 0.76 10.41 4.73
C ARG A 72 0.31 10.39 6.19
N LEU A 73 0.66 11.42 6.94
CA LEU A 73 0.27 11.51 8.34
C LEU A 73 -1.11 12.12 8.48
N ARG A 74 -1.83 11.67 9.49
CA ARG A 74 -3.20 12.13 9.74
C ARG A 74 -3.54 12.09 11.22
N GLY A 75 -2.52 12.04 12.06
CA GLY A 75 -2.73 11.97 13.48
C GLY A 75 -3.16 13.29 14.08
N GLY A 76 -4.28 13.29 14.79
CA GLY A 76 -4.79 14.49 15.42
C GLY A 76 -5.04 15.62 14.44
N HIS A 77 -5.34 16.80 14.97
CA HIS A 77 -5.59 17.96 14.14
C HIS A 77 -4.53 19.04 14.38
N HIS A 78 -4.68 20.18 13.71
CA HIS A 78 -3.72 21.28 13.86
C HIS A 78 -4.45 22.61 14.02
N HIS A 79 -3.86 23.52 14.79
CA HIS A 79 -4.45 24.82 15.03
C HIS A 79 -4.14 25.77 13.88
N HIS A 80 -5.07 26.68 13.60
CA HIS A 80 -4.89 27.63 12.52
C HIS A 80 -4.21 28.91 13.01
N HIS A 81 -2.95 29.09 12.63
CA HIS A 81 -2.18 30.28 13.02
C HIS A 81 -2.41 31.41 12.02
N HIS A 82 -2.80 32.57 12.54
CA HIS A 82 -3.04 33.73 11.70
C HIS A 82 -1.78 34.56 11.52
N MET A 1 5.11 -13.16 -11.46
CA MET A 1 5.13 -13.32 -9.99
C MET A 1 6.23 -12.47 -9.36
N GLN A 2 6.32 -11.21 -9.79
CA GLN A 2 7.32 -10.30 -9.27
C GLN A 2 6.94 -8.85 -9.55
N ILE A 3 6.72 -8.09 -8.48
CA ILE A 3 6.36 -6.68 -8.59
C ILE A 3 7.39 -5.79 -7.90
N PHE A 4 7.40 -4.52 -8.28
CA PHE A 4 8.34 -3.57 -7.67
C PHE A 4 7.57 -2.39 -7.08
N VAL A 5 7.84 -2.07 -5.83
CA VAL A 5 7.17 -0.96 -5.16
C VAL A 5 8.12 -0.18 -4.26
N LYS A 6 8.15 1.14 -4.42
CA LYS A 6 9.02 2.00 -3.63
C LYS A 6 8.31 2.44 -2.35
N THR A 7 8.99 2.28 -1.22
CA THR A 7 8.43 2.65 0.07
C THR A 7 8.77 4.10 0.43
N LEU A 8 8.39 4.52 1.63
CA LEU A 8 8.66 5.88 2.08
C LEU A 8 10.12 6.04 2.49
N THR A 9 10.76 4.94 2.83
CA THR A 9 12.16 4.97 3.24
C THR A 9 13.08 4.86 2.03
N GLY A 10 12.52 4.56 0.86
CA GLY A 10 13.32 4.42 -0.35
C GLY A 10 13.62 2.97 -0.65
N ALA A 11 13.33 2.09 0.30
CA ALA A 11 13.58 0.66 0.14
C ALA A 11 12.45 -0.04 -0.60
N THR A 12 12.71 -0.47 -1.83
CA THR A 12 11.72 -1.18 -2.62
C THR A 12 11.54 -2.59 -2.10
N ILE A 13 10.30 -3.03 -2.00
CA ILE A 13 10.01 -4.37 -1.50
C ILE A 13 9.53 -5.30 -2.61
N THR A 14 10.12 -6.50 -2.66
CA THR A 14 9.77 -7.50 -3.65
C THR A 14 8.71 -8.44 -3.10
N LEU A 15 7.58 -8.57 -3.78
CA LEU A 15 6.50 -9.43 -3.32
C LEU A 15 5.84 -10.21 -4.45
N GLU A 16 5.09 -11.23 -4.06
CA GLU A 16 4.34 -12.07 -4.98
C GLU A 16 2.85 -11.80 -4.88
N VAL A 17 2.18 -11.63 -6.01
CA VAL A 17 0.75 -11.33 -6.02
C VAL A 17 -0.12 -12.57 -5.99
N GLU A 18 -1.40 -12.36 -5.69
CA GLU A 18 -2.38 -13.45 -5.61
C GLU A 18 -3.76 -12.94 -5.98
N SER A 19 -4.57 -13.81 -6.54
CA SER A 19 -5.93 -13.44 -6.92
C SER A 19 -6.72 -13.07 -5.68
N SER A 20 -6.49 -13.84 -4.62
CA SER A 20 -7.15 -13.62 -3.34
C SER A 20 -6.47 -12.51 -2.54
N ASP A 21 -5.58 -11.78 -3.20
CA ASP A 21 -4.86 -10.69 -2.55
C ASP A 21 -5.68 -9.41 -2.60
N THR A 22 -6.22 -9.01 -1.46
CA THR A 22 -7.02 -7.79 -1.38
C THR A 22 -6.37 -6.78 -0.45
N ILE A 23 -6.97 -5.59 -0.35
CA ILE A 23 -6.44 -4.55 0.52
C ILE A 23 -6.43 -5.01 1.97
N ASP A 24 -7.29 -5.98 2.29
CA ASP A 24 -7.37 -6.51 3.66
C ASP A 24 -6.23 -7.49 3.91
N ASN A 25 -5.81 -8.19 2.86
CA ASN A 25 -4.73 -9.17 2.95
C ASN A 25 -3.46 -8.51 3.50
N VAL A 26 -3.21 -7.27 3.08
CA VAL A 26 -2.03 -6.54 3.54
C VAL A 26 -2.01 -6.41 5.06
N LYS A 27 -3.16 -6.06 5.63
CA LYS A 27 -3.29 -5.88 7.07
C LYS A 27 -3.02 -7.19 7.81
N SER A 28 -3.63 -8.27 7.34
CA SER A 28 -3.46 -9.58 7.96
C SER A 28 -2.01 -10.05 7.87
N LYS A 29 -1.44 -9.98 6.68
CA LYS A 29 -0.07 -10.42 6.45
C LYS A 29 0.92 -9.75 7.39
N ILE A 30 0.50 -8.74 8.13
CA ILE A 30 1.38 -8.07 9.06
C ILE A 30 1.51 -8.91 10.33
N GLN A 31 1.49 -10.23 10.17
CA GLN A 31 1.61 -11.15 11.30
C GLN A 31 3.06 -11.22 11.79
N ALA A 32 3.89 -10.27 11.35
CA ALA A 32 5.29 -10.24 11.75
C ALA A 32 5.70 -8.84 12.21
N ALA A 33 5.17 -8.43 13.35
CA ALA A 33 5.47 -7.10 13.90
C ALA A 33 4.91 -6.00 13.00
N PRO A 34 4.19 -5.02 13.57
CA PRO A 34 3.60 -3.93 12.80
C PRO A 34 4.60 -2.81 12.51
N GLY A 35 4.91 -2.01 13.52
CA GLY A 35 5.85 -0.90 13.35
C GLY A 35 5.16 0.38 12.95
N ILE A 36 4.30 0.28 11.94
CA ILE A 36 3.56 1.42 11.43
C ILE A 36 2.08 1.08 11.29
N PRO A 37 1.18 2.09 11.25
CA PRO A 37 -0.26 1.85 11.11
C PRO A 37 -0.59 1.24 9.75
N PRO A 38 -1.21 0.03 9.73
CA PRO A 38 -1.57 -0.65 8.48
C PRO A 38 -2.69 0.05 7.72
N ASP A 39 -3.51 0.79 8.46
CA ASP A 39 -4.60 1.53 7.84
C ASP A 39 -4.09 2.82 7.18
N GLN A 40 -2.80 3.10 7.37
CA GLN A 40 -2.19 4.28 6.79
C GLN A 40 -1.48 3.92 5.48
N GLN A 41 -1.81 2.75 4.94
CA GLN A 41 -1.20 2.30 3.69
C GLN A 41 -2.25 2.18 2.59
N GLU A 42 -1.94 2.77 1.45
CA GLU A 42 -2.84 2.76 0.31
C GLU A 42 -2.07 2.91 -0.99
N LEU A 43 -2.65 2.44 -2.10
CA LEU A 43 -2.01 2.58 -3.40
C LEU A 43 -2.50 3.87 -4.03
N ILE A 44 -1.61 4.58 -4.70
CA ILE A 44 -1.99 5.83 -5.35
C ILE A 44 -1.21 6.07 -6.63
N PHE A 45 -1.93 6.40 -7.71
CA PHE A 45 -1.29 6.69 -8.99
C PHE A 45 -0.85 8.15 -9.04
N ALA A 46 -0.63 8.76 -7.88
CA ALA A 46 -0.22 10.16 -7.80
C ALA A 46 -1.38 11.07 -8.19
N GLY A 47 -2.18 10.60 -9.14
CA GLY A 47 -3.33 11.34 -9.59
C GLY A 47 -4.57 10.46 -9.64
N LYS A 48 -4.38 9.17 -9.39
CA LYS A 48 -5.49 8.23 -9.35
C LYS A 48 -5.46 7.46 -8.04
N GLN A 49 -6.45 7.70 -7.19
CA GLN A 49 -6.53 7.05 -5.89
C GLN A 49 -7.24 5.71 -5.98
N LEU A 50 -6.64 4.67 -5.40
CA LEU A 50 -7.22 3.33 -5.45
C LEU A 50 -8.31 3.17 -4.40
N GLU A 51 -9.10 2.12 -4.58
CA GLU A 51 -10.19 1.81 -3.66
C GLU A 51 -9.77 0.71 -2.69
N ASP A 52 -9.90 0.99 -1.39
CA ASP A 52 -9.54 0.03 -0.34
C ASP A 52 -10.38 -1.23 -0.45
N GLY A 53 -11.62 -1.09 -0.90
CA GLY A 53 -12.49 -2.24 -1.07
C GLY A 53 -12.24 -2.93 -2.40
N ARG A 54 -11.08 -2.71 -2.99
CA ARG A 54 -10.74 -3.32 -4.27
C ARG A 54 -9.85 -4.54 -4.08
N THR A 55 -9.97 -5.50 -5.00
CA THR A 55 -9.18 -6.72 -4.93
C THR A 55 -8.14 -6.78 -6.06
N LEU A 56 -7.30 -7.81 -6.05
CA LEU A 56 -6.27 -7.96 -7.07
C LEU A 56 -6.88 -8.11 -8.46
N SER A 57 -7.82 -9.03 -8.59
CA SER A 57 -8.48 -9.28 -9.88
C SER A 57 -9.09 -8.00 -10.45
N ASP A 58 -9.51 -7.10 -9.57
CA ASP A 58 -10.10 -5.83 -10.00
C ASP A 58 -9.05 -4.91 -10.62
N TYR A 59 -7.79 -5.12 -10.24
CA TYR A 59 -6.68 -4.32 -10.76
C TYR A 59 -5.50 -5.22 -11.12
N ASN A 60 -5.82 -6.40 -11.64
CA ASN A 60 -4.83 -7.37 -12.04
C ASN A 60 -4.27 -7.03 -13.41
N ILE A 61 -3.18 -6.28 -13.40
CA ILE A 61 -2.51 -5.85 -14.61
C ILE A 61 -1.47 -6.85 -15.08
N GLN A 62 -1.06 -6.73 -16.33
CA GLN A 62 -0.08 -7.62 -16.92
C GLN A 62 1.26 -7.54 -16.17
N LYS A 63 2.34 -7.91 -16.86
CA LYS A 63 3.69 -7.88 -16.31
C LYS A 63 4.36 -6.55 -16.59
N GLU A 64 5.28 -6.14 -15.70
CA GLU A 64 5.98 -4.87 -15.84
C GLU A 64 5.01 -3.73 -15.57
N SER A 65 4.87 -3.41 -14.29
CA SER A 65 3.98 -2.35 -13.86
C SER A 65 4.40 -1.82 -12.49
N THR A 66 4.86 -0.58 -12.47
CA THR A 66 5.31 0.04 -11.23
C THR A 66 4.15 0.41 -10.32
N LEU A 67 4.31 0.16 -9.02
CA LEU A 67 3.27 0.49 -8.04
C LEU A 67 3.81 1.48 -7.01
N HIS A 68 3.04 2.51 -6.69
CA HIS A 68 3.48 3.50 -5.71
C HIS A 68 2.52 3.57 -4.52
N LEU A 69 3.05 3.39 -3.31
CA LEU A 69 2.23 3.45 -2.10
C LEU A 69 2.66 4.62 -1.23
N VAL A 70 1.73 5.54 -0.96
CA VAL A 70 2.04 6.73 -0.16
C VAL A 70 1.29 6.74 1.16
N LEU A 71 1.98 7.15 2.22
CA LEU A 71 1.38 7.21 3.55
C LEU A 71 1.25 8.64 4.05
N ARG A 72 0.01 9.12 4.13
CA ARG A 72 -0.24 10.47 4.61
C ARG A 72 -0.44 10.49 6.12
N LEU A 73 -0.10 11.61 6.76
CA LEU A 73 -0.26 11.73 8.21
C LEU A 73 -1.66 12.18 8.57
N ARG A 74 -2.18 11.64 9.67
CA ARG A 74 -3.52 11.96 10.13
C ARG A 74 -3.62 11.87 11.65
N GLY A 75 -2.47 11.87 12.33
CA GLY A 75 -2.45 11.76 13.77
C GLY A 75 -2.81 13.06 14.46
N GLY A 76 -3.24 14.05 13.69
CA GLY A 76 -3.61 15.32 14.26
C GLY A 76 -2.40 16.21 14.55
N HIS A 77 -2.64 17.50 14.71
CA HIS A 77 -1.58 18.45 14.99
C HIS A 77 -1.14 18.36 16.46
N HIS A 78 0.05 18.89 16.74
CA HIS A 78 0.60 18.86 18.10
C HIS A 78 0.65 20.28 18.69
N HIS A 79 0.44 20.37 20.00
CA HIS A 79 0.48 21.66 20.68
C HIS A 79 1.90 22.02 21.09
N HIS A 80 2.35 23.21 20.70
CA HIS A 80 3.69 23.67 21.02
C HIS A 80 3.72 24.36 22.38
N HIS A 81 4.43 23.76 23.33
CA HIS A 81 4.54 24.31 24.67
C HIS A 81 5.87 25.02 24.86
N HIS A 82 5.86 26.34 24.77
CA HIS A 82 7.08 27.13 24.92
C HIS A 82 7.41 27.35 26.40
N MET A 1 5.54 -14.25 -11.14
CA MET A 1 5.82 -12.88 -11.62
C MET A 1 6.75 -12.14 -10.67
N GLN A 2 6.95 -10.85 -10.92
CA GLN A 2 7.82 -10.03 -10.08
C GLN A 2 7.53 -8.54 -10.28
N ILE A 3 7.15 -7.89 -9.20
CA ILE A 3 6.84 -6.45 -9.23
C ILE A 3 7.74 -5.69 -8.27
N PHE A 4 7.84 -4.38 -8.48
CA PHE A 4 8.67 -3.54 -7.62
C PHE A 4 7.79 -2.53 -6.91
N VAL A 5 8.12 -2.23 -5.65
CA VAL A 5 7.34 -1.27 -4.89
C VAL A 5 8.24 -0.39 -4.03
N LYS A 6 8.12 0.91 -4.19
CA LYS A 6 8.92 1.86 -3.44
C LYS A 6 8.22 2.25 -2.14
N THR A 7 8.96 2.13 -1.05
CA THR A 7 8.42 2.46 0.27
C THR A 7 8.68 3.92 0.61
N LEU A 8 8.32 4.31 1.82
CA LEU A 8 8.51 5.69 2.27
C LEU A 8 9.96 5.96 2.62
N THR A 9 10.71 4.90 2.95
CA THR A 9 12.11 5.04 3.28
C THR A 9 12.99 5.04 2.04
N GLY A 10 12.41 4.72 0.89
CA GLY A 10 13.18 4.68 -0.34
C GLY A 10 13.60 3.26 -0.70
N ALA A 11 13.42 2.35 0.26
CA ALA A 11 13.77 0.95 0.08
C ALA A 11 12.66 0.16 -0.63
N THR A 12 12.92 -0.23 -1.87
CA THR A 12 11.94 -1.00 -2.63
C THR A 12 11.96 -2.46 -2.20
N ILE A 13 10.79 -3.06 -2.08
CA ILE A 13 10.69 -4.46 -1.66
C ILE A 13 10.08 -5.34 -2.76
N THR A 14 10.54 -6.59 -2.79
CA THR A 14 10.06 -7.57 -3.76
C THR A 14 8.91 -8.38 -3.18
N LEU A 15 7.78 -8.40 -3.88
CA LEU A 15 6.61 -9.13 -3.41
C LEU A 15 5.91 -9.87 -4.55
N GLU A 16 5.08 -10.83 -4.17
CA GLU A 16 4.31 -11.62 -5.12
C GLU A 16 2.83 -11.31 -4.99
N VAL A 17 2.18 -11.05 -6.12
CA VAL A 17 0.76 -10.70 -6.11
C VAL A 17 -0.13 -11.91 -6.39
N GLU A 18 -1.22 -11.99 -5.63
CA GLU A 18 -2.18 -13.09 -5.77
C GLU A 18 -3.57 -12.56 -6.08
N SER A 19 -4.41 -13.40 -6.65
CA SER A 19 -5.78 -13.01 -6.96
C SER A 19 -6.53 -12.75 -5.66
N SER A 20 -6.18 -13.52 -4.63
CA SER A 20 -6.80 -13.39 -3.33
C SER A 20 -6.18 -12.24 -2.53
N ASP A 21 -5.33 -11.46 -3.17
CA ASP A 21 -4.67 -10.34 -2.51
C ASP A 21 -5.57 -9.11 -2.53
N THR A 22 -6.14 -8.78 -1.38
CA THR A 22 -7.02 -7.62 -1.26
C THR A 22 -6.41 -6.57 -0.34
N ILE A 23 -7.05 -5.41 -0.27
CA ILE A 23 -6.56 -4.33 0.59
C ILE A 23 -6.60 -4.73 2.05
N ASP A 24 -7.49 -5.67 2.39
CA ASP A 24 -7.62 -6.14 3.76
C ASP A 24 -6.55 -7.19 4.08
N ASN A 25 -6.31 -8.07 3.11
CA ASN A 25 -5.32 -9.13 3.26
C ASN A 25 -3.95 -8.57 3.61
N VAL A 26 -3.61 -7.45 2.99
CA VAL A 26 -2.32 -6.81 3.23
C VAL A 26 -2.18 -6.44 4.71
N LYS A 27 -3.27 -5.93 5.29
CA LYS A 27 -3.25 -5.52 6.69
C LYS A 27 -3.12 -6.72 7.61
N SER A 28 -3.86 -7.77 7.31
CA SER A 28 -3.84 -9.00 8.11
C SER A 28 -2.44 -9.61 8.15
N LYS A 29 -1.81 -9.71 6.97
CA LYS A 29 -0.48 -10.30 6.87
C LYS A 29 0.55 -9.53 7.67
N ILE A 30 0.15 -8.44 8.31
CA ILE A 30 1.06 -7.69 9.15
C ILE A 30 1.07 -8.24 10.57
N GLN A 31 0.74 -9.53 10.69
CA GLN A 31 0.69 -10.21 11.99
C GLN A 31 2.08 -10.74 12.38
N ALA A 32 3.13 -10.11 11.85
CA ALA A 32 4.50 -10.52 12.16
C ALA A 32 5.21 -9.44 12.95
N ALA A 33 5.50 -8.32 12.28
CA ALA A 33 6.18 -7.20 12.90
C ALA A 33 5.62 -5.88 12.38
N PRO A 34 4.63 -5.30 13.09
CA PRO A 34 4.01 -4.05 12.68
C PRO A 34 4.96 -2.85 12.83
N GLY A 35 4.89 -2.14 13.94
CA GLY A 35 5.76 -0.99 14.13
C GLY A 35 5.14 0.30 13.61
N ILE A 36 4.41 0.19 12.51
CA ILE A 36 3.75 1.32 11.88
C ILE A 36 2.26 1.05 11.69
N PRO A 37 1.44 2.10 11.54
CA PRO A 37 -0.01 1.95 11.35
C PRO A 37 -0.35 1.28 10.03
N PRO A 38 -0.78 0.00 10.08
CA PRO A 38 -1.14 -0.76 8.87
C PRO A 38 -2.30 -0.14 8.12
N ASP A 39 -3.17 0.56 8.85
CA ASP A 39 -4.32 1.21 8.25
C ASP A 39 -3.90 2.50 7.55
N GLN A 40 -2.62 2.84 7.65
CA GLN A 40 -2.10 4.04 7.01
C GLN A 40 -1.39 3.68 5.70
N GLN A 41 -1.54 2.43 5.26
CA GLN A 41 -0.91 2.00 4.02
C GLN A 41 -1.95 1.81 2.92
N GLU A 42 -1.68 2.41 1.76
CA GLU A 42 -2.58 2.32 0.61
C GLU A 42 -1.82 2.49 -0.70
N LEU A 43 -2.40 1.96 -1.79
CA LEU A 43 -1.79 2.11 -3.11
C LEU A 43 -2.41 3.33 -3.78
N ILE A 44 -1.60 4.08 -4.51
CA ILE A 44 -2.09 5.27 -5.18
C ILE A 44 -1.39 5.52 -6.52
N PHE A 45 -2.18 5.77 -7.56
CA PHE A 45 -1.65 6.07 -8.88
C PHE A 45 -1.37 7.57 -8.98
N ALA A 46 -1.21 8.22 -7.83
CA ALA A 46 -0.94 9.66 -7.79
C ALA A 46 -2.16 10.44 -8.30
N GLY A 47 -2.51 10.20 -9.56
CA GLY A 47 -3.67 10.82 -10.15
C GLY A 47 -4.87 9.90 -10.11
N LYS A 48 -4.64 8.63 -9.77
CA LYS A 48 -5.73 7.66 -9.68
C LYS A 48 -5.62 6.94 -8.33
N GLN A 49 -6.58 7.21 -7.44
CA GLN A 49 -6.58 6.59 -6.11
C GLN A 49 -7.30 5.25 -6.12
N LEU A 50 -6.70 4.25 -5.48
CA LEU A 50 -7.28 2.92 -5.42
C LEU A 50 -8.32 2.80 -4.32
N GLU A 51 -9.29 1.91 -4.53
CA GLU A 51 -10.35 1.68 -3.55
C GLU A 51 -9.98 0.54 -2.62
N ASP A 52 -10.00 0.80 -1.32
CA ASP A 52 -9.68 -0.21 -0.32
C ASP A 52 -10.56 -1.45 -0.47
N GLY A 53 -11.80 -1.23 -0.91
CA GLY A 53 -12.72 -2.35 -1.11
C GLY A 53 -12.50 -3.04 -2.46
N ARG A 54 -11.38 -2.74 -3.11
CA ARG A 54 -11.08 -3.35 -4.41
C ARG A 54 -10.17 -4.56 -4.26
N THR A 55 -10.27 -5.52 -5.17
CA THR A 55 -9.46 -6.72 -5.12
C THR A 55 -8.40 -6.73 -6.23
N LEU A 56 -7.51 -7.72 -6.22
CA LEU A 56 -6.47 -7.82 -7.23
C LEU A 56 -7.07 -7.94 -8.63
N SER A 57 -7.99 -8.88 -8.79
CA SER A 57 -8.64 -9.12 -10.09
C SER A 57 -9.24 -7.84 -10.66
N ASP A 58 -9.67 -6.96 -9.78
CA ASP A 58 -10.26 -5.70 -10.20
C ASP A 58 -9.22 -4.75 -10.80
N TYR A 59 -7.95 -4.95 -10.44
CA TYR A 59 -6.86 -4.12 -10.94
C TYR A 59 -5.61 -4.96 -11.23
N ASN A 60 -5.85 -6.19 -11.70
CA ASN A 60 -4.77 -7.12 -12.01
C ASN A 60 -4.15 -6.79 -13.36
N ILE A 61 -3.05 -6.05 -13.32
CA ILE A 61 -2.33 -5.64 -14.52
C ILE A 61 -1.37 -6.73 -14.99
N GLN A 62 -0.97 -6.64 -16.25
CA GLN A 62 -0.05 -7.60 -16.86
C GLN A 62 1.35 -7.48 -16.26
N LYS A 63 2.35 -7.94 -17.02
CA LYS A 63 3.74 -7.89 -16.59
C LYS A 63 4.33 -6.51 -16.84
N GLU A 64 5.23 -6.06 -15.95
CA GLU A 64 5.82 -4.74 -16.06
C GLU A 64 4.80 -3.69 -15.69
N SER A 65 4.69 -3.42 -14.40
CA SER A 65 3.75 -2.44 -13.89
C SER A 65 4.24 -1.90 -12.55
N THR A 66 4.65 -0.64 -12.55
CA THR A 66 5.16 0.01 -11.34
C THR A 66 4.04 0.26 -10.34
N LEU A 67 4.35 0.04 -9.06
CA LEU A 67 3.39 0.27 -8.00
C LEU A 67 3.94 1.31 -7.02
N HIS A 68 3.14 2.32 -6.68
CA HIS A 68 3.57 3.35 -5.76
C HIS A 68 2.66 3.42 -4.53
N LEU A 69 3.25 3.36 -3.34
CA LEU A 69 2.47 3.43 -2.11
C LEU A 69 3.01 4.53 -1.20
N VAL A 70 2.16 5.50 -0.90
CA VAL A 70 2.54 6.63 -0.04
C VAL A 70 1.75 6.63 1.27
N LEU A 71 2.39 7.08 2.34
CA LEU A 71 1.74 7.11 3.64
C LEU A 71 1.54 8.55 4.13
N ARG A 72 0.47 9.19 3.66
CA ARG A 72 0.15 10.55 4.04
C ARG A 72 -0.70 10.57 5.30
N LEU A 73 -0.67 11.67 6.03
CA LEU A 73 -1.46 11.81 7.27
C LEU A 73 -2.74 12.59 7.01
N ARG A 74 -3.85 12.11 7.57
CA ARG A 74 -5.14 12.78 7.38
C ARG A 74 -6.00 12.73 8.64
N GLY A 75 -5.36 12.39 9.76
CA GLY A 75 -6.08 12.30 11.02
C GLY A 75 -6.27 13.66 11.69
N GLY A 76 -6.59 14.68 10.89
CA GLY A 76 -6.80 16.01 11.44
C GLY A 76 -5.56 16.88 11.35
N HIS A 77 -5.13 17.44 12.48
CA HIS A 77 -3.95 18.29 12.51
C HIS A 77 -2.99 17.87 13.61
N HIS A 78 -1.69 18.01 13.34
CA HIS A 78 -0.66 17.64 14.32
C HIS A 78 -0.43 18.76 15.32
N HIS A 79 -0.72 18.47 16.58
CA HIS A 79 -0.53 19.44 17.65
C HIS A 79 0.94 19.60 18.02
N HIS A 80 1.47 20.79 17.82
CA HIS A 80 2.87 21.07 18.13
C HIS A 80 3.15 20.93 19.62
N HIS A 81 4.09 20.06 19.96
CA HIS A 81 4.45 19.82 21.36
C HIS A 81 5.54 20.80 21.81
N HIS A 82 5.13 21.88 22.46
CA HIS A 82 6.08 22.89 22.94
C HIS A 82 6.33 22.72 24.43
N MET A 1 6.70 -14.10 -12.39
CA MET A 1 5.97 -13.15 -11.52
C MET A 1 6.91 -12.40 -10.59
N GLN A 2 6.95 -11.08 -10.74
CA GLN A 2 7.81 -10.23 -9.92
C GLN A 2 7.50 -8.76 -10.16
N ILE A 3 7.22 -8.04 -9.09
CA ILE A 3 6.91 -6.61 -9.17
C ILE A 3 7.86 -5.77 -8.32
N PHE A 4 7.88 -4.47 -8.58
CA PHE A 4 8.71 -3.54 -7.82
C PHE A 4 7.84 -2.43 -7.25
N VAL A 5 7.99 -2.19 -5.94
CA VAL A 5 7.19 -1.16 -5.28
C VAL A 5 8.03 -0.30 -4.35
N LYS A 6 7.81 1.01 -4.41
CA LYS A 6 8.55 1.94 -3.57
C LYS A 6 7.85 2.16 -2.24
N THR A 7 8.60 1.97 -1.16
CA THR A 7 8.08 2.15 0.18
C THR A 7 8.35 3.56 0.69
N LEU A 8 8.01 3.81 1.96
CA LEU A 8 8.25 5.13 2.55
C LEU A 8 9.72 5.28 2.91
N THR A 9 10.58 4.68 2.08
CA THR A 9 12.01 4.72 2.28
C THR A 9 12.76 4.93 0.96
N GLY A 10 12.18 4.46 -0.14
CA GLY A 10 12.81 4.55 -1.44
C GLY A 10 13.37 3.21 -1.88
N ALA A 11 13.31 2.25 -0.95
CA ALA A 11 13.79 0.89 -1.19
C ALA A 11 12.72 0.03 -1.86
N THR A 12 12.92 -0.28 -3.15
CA THR A 12 11.97 -1.10 -3.87
C THR A 12 11.94 -2.51 -3.31
N ILE A 13 10.74 -3.04 -3.11
CA ILE A 13 10.58 -4.38 -2.56
C ILE A 13 9.93 -5.35 -3.55
N THR A 14 10.44 -6.57 -3.56
CA THR A 14 9.93 -7.62 -4.45
C THR A 14 8.86 -8.44 -3.73
N LEU A 15 7.66 -8.52 -4.33
CA LEU A 15 6.57 -9.28 -3.74
C LEU A 15 5.78 -10.05 -4.80
N GLU A 16 5.01 -11.02 -4.34
CA GLU A 16 4.19 -11.85 -5.21
C GLU A 16 2.71 -11.53 -5.01
N VAL A 17 2.02 -11.19 -6.09
CA VAL A 17 0.60 -10.85 -6.00
C VAL A 17 -0.31 -12.03 -6.30
N GLU A 18 -1.42 -12.11 -5.57
CA GLU A 18 -2.39 -13.18 -5.73
C GLU A 18 -3.76 -12.63 -6.07
N SER A 19 -4.59 -13.46 -6.70
CA SER A 19 -5.94 -13.05 -7.06
C SER A 19 -6.80 -12.96 -5.81
N SER A 20 -6.51 -13.84 -4.86
CA SER A 20 -7.24 -13.87 -3.61
C SER A 20 -6.73 -12.80 -2.64
N ASP A 21 -5.86 -11.92 -3.13
CA ASP A 21 -5.30 -10.87 -2.30
C ASP A 21 -6.26 -9.69 -2.17
N THR A 22 -6.68 -9.43 -0.95
CA THR A 22 -7.59 -8.33 -0.67
C THR A 22 -6.92 -7.27 0.20
N ILE A 23 -7.42 -6.04 0.14
CA ILE A 23 -6.85 -4.95 0.93
C ILE A 23 -6.85 -5.28 2.43
N ASP A 24 -7.74 -6.19 2.84
CA ASP A 24 -7.82 -6.58 4.25
C ASP A 24 -6.80 -7.67 4.58
N ASN A 25 -6.80 -8.72 3.78
CA ASN A 25 -5.88 -9.85 3.97
C ASN A 25 -4.44 -9.39 3.79
N VAL A 26 -4.16 -8.72 2.68
CA VAL A 26 -2.81 -8.25 2.39
C VAL A 26 -2.33 -7.28 3.47
N LYS A 27 -3.19 -6.31 3.80
CA LYS A 27 -2.86 -5.30 4.80
C LYS A 27 -2.56 -5.94 6.16
N SER A 28 -3.41 -6.87 6.56
CA SER A 28 -3.24 -7.55 7.85
C SER A 28 -1.89 -8.25 7.92
N LYS A 29 -1.27 -8.48 6.77
CA LYS A 29 0.03 -9.15 6.71
C LYS A 29 1.10 -8.34 7.44
N ILE A 30 0.73 -7.20 7.99
CA ILE A 30 1.66 -6.38 8.75
C ILE A 30 1.57 -6.76 10.23
N GLN A 31 1.12 -7.98 10.49
CA GLN A 31 0.96 -8.48 11.85
C GLN A 31 2.30 -8.85 12.47
N ALA A 32 3.33 -9.00 11.65
CA ALA A 32 4.65 -9.37 12.14
C ALA A 32 5.60 -8.18 12.19
N ALA A 33 5.06 -6.98 11.94
CA ALA A 33 5.87 -5.77 11.95
C ALA A 33 5.24 -4.72 12.86
N PRO A 34 5.71 -4.63 14.13
CA PRO A 34 5.18 -3.66 15.08
C PRO A 34 5.58 -2.23 14.72
N GLY A 35 4.74 -1.27 15.11
CA GLY A 35 5.04 0.12 14.81
C GLY A 35 3.76 0.91 14.52
N ILE A 36 3.52 1.19 13.25
CA ILE A 36 2.36 1.94 12.82
C ILE A 36 1.23 0.99 12.39
N PRO A 37 -0.03 1.45 12.40
CA PRO A 37 -1.17 0.62 12.00
C PRO A 37 -1.15 0.26 10.52
N PRO A 38 -1.12 -1.05 10.18
CA PRO A 38 -1.10 -1.51 8.79
C PRO A 38 -2.26 -0.93 7.98
N ASP A 39 -3.25 -0.39 8.68
CA ASP A 39 -4.42 0.21 8.04
C ASP A 39 -4.05 1.56 7.43
N GLN A 40 -2.80 1.97 7.62
CA GLN A 40 -2.32 3.23 7.07
C GLN A 40 -1.55 3.01 5.77
N GLN A 41 -1.59 1.77 5.25
CA GLN A 41 -0.90 1.45 4.00
C GLN A 41 -1.90 1.29 2.86
N GLU A 42 -1.62 1.98 1.77
CA GLU A 42 -2.49 1.95 0.59
C GLU A 42 -1.70 2.27 -0.69
N LEU A 43 -2.23 1.84 -1.83
CA LEU A 43 -1.60 2.13 -3.10
C LEU A 43 -2.21 3.39 -3.67
N ILE A 44 -1.39 4.24 -4.28
CA ILE A 44 -1.88 5.48 -4.86
C ILE A 44 -1.11 5.88 -6.10
N PHE A 45 -1.85 6.24 -7.16
CA PHE A 45 -1.24 6.68 -8.40
C PHE A 45 -0.92 8.18 -8.32
N ALA A 46 -0.82 8.72 -7.11
CA ALA A 46 -0.54 10.14 -6.92
C ALA A 46 -1.75 10.95 -7.36
N GLY A 47 -2.09 10.83 -8.64
CA GLY A 47 -3.25 11.52 -9.18
C GLY A 47 -4.44 10.59 -9.31
N LYS A 48 -4.19 9.28 -9.17
CA LYS A 48 -5.26 8.29 -9.24
C LYS A 48 -5.26 7.45 -7.97
N GLN A 49 -6.28 7.61 -7.15
CA GLN A 49 -6.39 6.87 -5.91
C GLN A 49 -7.11 5.55 -6.10
N LEU A 50 -6.56 4.48 -5.52
CA LEU A 50 -7.14 3.15 -5.64
C LEU A 50 -8.24 2.92 -4.60
N GLU A 51 -9.13 1.98 -4.92
CA GLU A 51 -10.23 1.65 -4.02
C GLU A 51 -9.88 0.44 -3.17
N ASP A 52 -10.08 0.56 -1.87
CA ASP A 52 -9.78 -0.51 -0.93
C ASP A 52 -10.73 -1.70 -1.11
N GLY A 53 -11.96 -1.40 -1.52
CA GLY A 53 -12.94 -2.46 -1.74
C GLY A 53 -12.68 -3.20 -3.04
N ARG A 54 -11.55 -2.91 -3.69
CA ARG A 54 -11.21 -3.55 -4.94
C ARG A 54 -10.14 -4.64 -4.73
N THR A 55 -10.36 -5.80 -5.35
CA THR A 55 -9.43 -6.91 -5.21
C THR A 55 -8.33 -6.87 -6.26
N LEU A 56 -7.40 -7.83 -6.19
CA LEU A 56 -6.29 -7.88 -7.14
C LEU A 56 -6.78 -7.90 -8.59
N SER A 57 -7.64 -8.87 -8.90
CA SER A 57 -8.19 -9.02 -10.25
C SER A 57 -8.86 -7.72 -10.71
N ASP A 58 -9.38 -6.96 -9.77
CA ASP A 58 -10.06 -5.70 -10.08
C ASP A 58 -9.08 -4.67 -10.65
N TYR A 59 -7.81 -4.80 -10.29
CA TYR A 59 -6.78 -3.88 -10.77
C TYR A 59 -5.47 -4.62 -11.02
N ASN A 60 -5.61 -5.85 -11.51
CA ASN A 60 -4.46 -6.70 -11.81
C ASN A 60 -3.86 -6.35 -13.16
N ILE A 61 -2.78 -5.59 -13.10
CA ILE A 61 -2.06 -5.17 -14.29
C ILE A 61 -1.18 -6.31 -14.80
N GLN A 62 -0.68 -6.17 -16.02
CA GLN A 62 0.16 -7.20 -16.62
C GLN A 62 1.62 -7.00 -16.25
N LYS A 63 2.41 -8.06 -16.47
CA LYS A 63 3.84 -8.07 -16.16
C LYS A 63 4.52 -6.75 -16.52
N GLU A 64 5.38 -6.28 -15.61
CA GLU A 64 6.10 -5.01 -15.80
C GLU A 64 5.16 -3.84 -15.53
N SER A 65 5.04 -3.50 -14.24
CA SER A 65 4.18 -2.41 -13.80
C SER A 65 4.60 -1.94 -12.41
N THR A 66 5.01 -0.68 -12.31
CA THR A 66 5.45 -0.12 -11.04
C THR A 66 4.28 0.19 -10.11
N LEU A 67 4.49 -0.03 -8.83
CA LEU A 67 3.46 0.22 -7.83
C LEU A 67 3.94 1.28 -6.84
N HIS A 68 3.05 2.21 -6.49
CA HIS A 68 3.42 3.28 -5.55
C HIS A 68 2.53 3.26 -4.31
N LEU A 69 3.16 3.19 -3.14
CA LEU A 69 2.41 3.19 -1.88
C LEU A 69 2.95 4.26 -0.93
N VAL A 70 2.07 5.18 -0.56
CA VAL A 70 2.44 6.27 0.33
C VAL A 70 1.72 6.18 1.66
N LEU A 71 2.41 6.50 2.74
CA LEU A 71 1.83 6.42 4.07
C LEU A 71 1.87 7.77 4.78
N ARG A 72 0.98 8.67 4.40
CA ARG A 72 0.90 9.99 5.01
C ARG A 72 0.39 9.85 6.44
N LEU A 73 0.66 10.84 7.29
CA LEU A 73 0.19 10.80 8.67
C LEU A 73 -1.16 11.49 8.79
N ARG A 74 -2.01 10.99 9.67
CA ARG A 74 -3.35 11.57 9.84
C ARG A 74 -4.10 10.95 11.02
N GLY A 75 -3.37 10.26 11.89
CA GLY A 75 -3.99 9.61 13.02
C GLY A 75 -3.99 10.48 14.27
N GLY A 76 -3.24 11.58 14.25
CA GLY A 76 -3.20 12.46 15.41
C GLY A 76 -2.40 13.72 15.16
N HIS A 77 -3.06 14.86 15.35
CA HIS A 77 -2.44 16.17 15.15
C HIS A 77 -1.57 16.53 16.35
N HIS A 78 -0.70 17.51 16.18
CA HIS A 78 0.18 17.95 17.25
C HIS A 78 -0.02 19.44 17.53
N HIS A 79 -0.18 19.77 18.81
CA HIS A 79 -0.38 21.15 19.23
C HIS A 79 0.88 21.98 19.01
N HIS A 80 0.73 23.12 18.32
CA HIS A 80 1.85 24.00 18.03
C HIS A 80 2.10 24.95 19.19
N HIS A 81 3.37 25.27 19.44
CA HIS A 81 3.72 26.17 20.53
C HIS A 81 4.03 27.58 19.99
N HIS A 82 3.34 28.57 20.54
CA HIS A 82 3.53 29.95 20.12
C HIS A 82 4.82 30.52 20.72
N MET A 1 5.08 -12.74 -12.22
CA MET A 1 4.90 -12.93 -10.76
C MET A 1 5.98 -12.22 -9.96
N GLN A 2 6.42 -11.06 -10.45
CA GLN A 2 7.46 -10.29 -9.78
C GLN A 2 7.27 -8.80 -10.04
N ILE A 3 6.97 -8.07 -8.97
CA ILE A 3 6.78 -6.62 -9.06
C ILE A 3 7.74 -5.88 -8.15
N PHE A 4 7.90 -4.58 -8.42
CA PHE A 4 8.76 -3.73 -7.63
C PHE A 4 7.95 -2.59 -7.02
N VAL A 5 8.21 -2.28 -5.76
CA VAL A 5 7.48 -1.21 -5.09
C VAL A 5 8.38 -0.35 -4.21
N LYS A 6 8.23 0.96 -4.32
CA LYS A 6 9.01 1.90 -3.53
C LYS A 6 8.31 2.19 -2.20
N THR A 7 9.04 2.00 -1.10
CA THR A 7 8.47 2.24 0.22
C THR A 7 8.72 3.68 0.67
N LEU A 8 8.34 3.97 1.90
CA LEU A 8 8.52 5.32 2.44
C LEU A 8 9.97 5.54 2.86
N THR A 9 10.67 4.45 3.16
CA THR A 9 12.07 4.53 3.54
C THR A 9 12.99 4.56 2.32
N GLY A 10 12.42 4.31 1.14
CA GLY A 10 13.22 4.29 -0.07
C GLY A 10 13.64 2.88 -0.47
N ALA A 11 13.25 1.91 0.38
CA ALA A 11 13.59 0.51 0.14
C ALA A 11 12.53 -0.20 -0.68
N THR A 12 12.85 -0.55 -1.91
CA THR A 12 11.92 -1.25 -2.78
C THR A 12 11.72 -2.67 -2.27
N ILE A 13 10.46 -3.10 -2.23
CA ILE A 13 10.13 -4.44 -1.76
C ILE A 13 9.56 -5.31 -2.87
N THR A 14 10.03 -6.55 -2.92
CA THR A 14 9.57 -7.53 -3.91
C THR A 14 8.44 -8.38 -3.35
N LEU A 15 7.31 -8.44 -4.04
CA LEU A 15 6.16 -9.21 -3.57
C LEU A 15 5.46 -9.96 -4.70
N GLU A 16 4.66 -10.94 -4.32
CA GLU A 16 3.90 -11.75 -5.26
C GLU A 16 2.41 -11.47 -5.11
N VAL A 17 1.72 -11.25 -6.23
CA VAL A 17 0.31 -10.94 -6.18
C VAL A 17 -0.54 -12.21 -6.24
N GLU A 18 -1.84 -12.05 -5.98
CA GLU A 18 -2.78 -13.16 -6.00
C GLU A 18 -4.17 -12.66 -6.37
N SER A 19 -4.97 -13.52 -6.98
CA SER A 19 -6.32 -13.16 -7.36
C SER A 19 -7.17 -12.95 -6.10
N SER A 20 -6.90 -13.80 -5.11
CA SER A 20 -7.61 -13.74 -3.83
C SER A 20 -7.02 -12.67 -2.92
N ASP A 21 -6.07 -11.88 -3.44
CA ASP A 21 -5.43 -10.84 -2.65
C ASP A 21 -6.26 -9.56 -2.66
N THR A 22 -6.79 -9.20 -1.49
CA THR A 22 -7.62 -8.01 -1.36
C THR A 22 -6.91 -6.95 -0.51
N ILE A 23 -7.40 -5.71 -0.58
CA ILE A 23 -6.80 -4.63 0.20
C ILE A 23 -6.79 -4.96 1.69
N ASP A 24 -7.69 -5.85 2.09
CA ASP A 24 -7.79 -6.27 3.49
C ASP A 24 -6.78 -7.38 3.81
N ASN A 25 -6.76 -8.42 2.99
CA ASN A 25 -5.85 -9.54 3.20
C ASN A 25 -4.39 -9.08 3.23
N VAL A 26 -4.01 -8.27 2.24
CA VAL A 26 -2.65 -7.75 2.15
C VAL A 26 -2.26 -7.00 3.41
N LYS A 27 -3.18 -6.16 3.88
CA LYS A 27 -2.96 -5.35 5.08
C LYS A 27 -2.73 -6.22 6.31
N SER A 28 -3.57 -7.22 6.48
CA SER A 28 -3.48 -8.14 7.62
C SER A 28 -2.10 -8.80 7.70
N LYS A 29 -1.47 -9.00 6.55
CA LYS A 29 -0.16 -9.64 6.49
C LYS A 29 0.92 -8.77 7.11
N ILE A 30 0.57 -7.58 7.60
CA ILE A 30 1.54 -6.70 8.23
C ILE A 30 1.75 -7.10 9.68
N GLN A 31 1.50 -8.38 9.98
CA GLN A 31 1.66 -8.89 11.34
C GLN A 31 3.07 -9.41 11.58
N ALA A 32 4.04 -8.78 10.95
CA ALA A 32 5.44 -9.18 11.10
C ALA A 32 6.21 -8.19 11.98
N ALA A 33 6.67 -7.09 11.37
CA ALA A 33 7.44 -6.07 12.09
C ALA A 33 6.55 -4.88 12.46
N PRO A 34 6.64 -4.41 13.72
CA PRO A 34 5.83 -3.28 14.20
C PRO A 34 6.27 -1.97 13.58
N GLY A 35 5.39 -0.98 13.67
CA GLY A 35 5.68 0.33 13.11
C GLY A 35 4.43 1.18 12.98
N ILE A 36 4.03 1.44 11.74
CA ILE A 36 2.85 2.24 11.48
C ILE A 36 1.60 1.37 11.41
N PRO A 37 0.40 1.95 11.59
CA PRO A 37 -0.86 1.17 11.53
C PRO A 37 -1.11 0.61 10.13
N PRO A 38 -1.06 -0.74 9.97
CA PRO A 38 -1.28 -1.39 8.68
C PRO A 38 -2.54 -0.88 7.96
N ASP A 39 -3.45 -0.29 8.73
CA ASP A 39 -4.69 0.26 8.17
C ASP A 39 -4.44 1.59 7.47
N GLN A 40 -3.19 2.04 7.54
CA GLN A 40 -2.79 3.29 6.90
C GLN A 40 -2.04 3.01 5.61
N GLN A 41 -2.12 1.77 5.13
CA GLN A 41 -1.44 1.39 3.89
C GLN A 41 -2.42 1.31 2.72
N GLU A 42 -2.07 1.96 1.62
CA GLU A 42 -2.93 1.97 0.44
C GLU A 42 -2.12 2.19 -0.84
N LEU A 43 -2.65 1.75 -1.98
CA LEU A 43 -1.99 1.96 -3.26
C LEU A 43 -2.57 3.23 -3.90
N ILE A 44 -1.73 4.02 -4.55
CA ILE A 44 -2.20 5.24 -5.17
C ILE A 44 -1.42 5.57 -6.43
N PHE A 45 -2.13 5.94 -7.50
CA PHE A 45 -1.48 6.34 -8.74
C PHE A 45 -1.09 7.81 -8.67
N ALA A 46 -0.90 8.32 -7.45
CA ALA A 46 -0.54 9.72 -7.24
C ALA A 46 -1.73 10.60 -7.56
N GLY A 47 -2.21 10.48 -8.79
CA GLY A 47 -3.38 11.23 -9.21
C GLY A 47 -4.60 10.33 -9.27
N LYS A 48 -4.40 9.02 -9.09
CA LYS A 48 -5.51 8.07 -9.10
C LYS A 48 -5.55 7.29 -7.79
N GLN A 49 -6.57 7.55 -6.97
CA GLN A 49 -6.72 6.87 -5.68
C GLN A 49 -7.50 5.57 -5.84
N LEU A 50 -7.01 4.50 -5.20
CA LEU A 50 -7.67 3.20 -5.27
C LEU A 50 -8.70 3.03 -4.16
N GLU A 51 -9.50 1.96 -4.28
CA GLU A 51 -10.51 1.65 -3.29
C GLU A 51 -10.04 0.48 -2.41
N ASP A 52 -10.15 0.63 -1.10
CA ASP A 52 -9.74 -0.39 -0.15
C ASP A 52 -10.65 -1.61 -0.21
N GLY A 53 -11.90 -1.40 -0.59
CA GLY A 53 -12.85 -2.50 -0.70
C GLY A 53 -12.73 -3.23 -2.03
N ARG A 54 -11.69 -2.90 -2.80
CA ARG A 54 -11.48 -3.54 -4.10
C ARG A 54 -10.52 -4.72 -3.99
N THR A 55 -10.58 -5.63 -4.96
CA THR A 55 -9.72 -6.81 -4.95
C THR A 55 -8.53 -6.63 -5.89
N LEU A 56 -7.57 -7.54 -5.81
CA LEU A 56 -6.37 -7.47 -6.65
C LEU A 56 -6.74 -7.51 -8.13
N SER A 57 -7.60 -8.46 -8.48
CA SER A 57 -8.03 -8.62 -9.86
C SER A 57 -8.61 -7.33 -10.43
N ASP A 58 -9.19 -6.51 -9.54
CA ASP A 58 -9.80 -5.26 -9.95
C ASP A 58 -8.74 -4.27 -10.49
N TYR A 59 -7.50 -4.46 -10.06
CA TYR A 59 -6.41 -3.59 -10.49
C TYR A 59 -5.11 -4.38 -10.60
N ASN A 60 -5.25 -5.63 -11.04
CA ASN A 60 -4.11 -6.52 -11.19
C ASN A 60 -3.53 -6.39 -12.59
N ILE A 61 -2.38 -5.75 -12.65
CA ILE A 61 -1.69 -5.53 -13.92
C ILE A 61 -0.85 -6.73 -14.32
N GLN A 62 -0.24 -6.64 -15.49
CA GLN A 62 0.59 -7.72 -16.02
C GLN A 62 2.02 -7.61 -15.49
N LYS A 63 2.97 -8.14 -16.27
CA LYS A 63 4.38 -8.09 -15.90
C LYS A 63 4.98 -6.74 -16.25
N GLU A 64 5.99 -6.33 -15.51
CA GLU A 64 6.65 -5.04 -15.74
C GLU A 64 5.68 -3.90 -15.45
N SER A 65 5.49 -3.63 -14.16
CA SER A 65 4.60 -2.57 -13.72
C SER A 65 4.96 -2.10 -12.32
N THR A 66 5.41 -0.85 -12.20
CA THR A 66 5.79 -0.30 -10.91
C THR A 66 4.56 0.18 -10.16
N LEU A 67 4.51 -0.10 -8.87
CA LEU A 67 3.39 0.31 -8.04
C LEU A 67 3.82 1.44 -7.12
N HIS A 68 2.89 2.33 -6.78
CA HIS A 68 3.19 3.45 -5.90
C HIS A 68 2.32 3.39 -4.65
N LEU A 69 2.95 3.25 -3.49
CA LEU A 69 2.20 3.20 -2.23
C LEU A 69 2.70 4.28 -1.28
N VAL A 70 1.80 5.20 -0.90
CA VAL A 70 2.15 6.29 0.00
C VAL A 70 1.40 6.20 1.32
N LEU A 71 2.07 6.56 2.40
CA LEU A 71 1.47 6.52 3.73
C LEU A 71 1.37 7.92 4.33
N ARG A 72 0.55 8.76 3.72
CA ARG A 72 0.37 10.12 4.21
C ARG A 72 -0.28 10.09 5.59
N LEU A 73 -0.10 11.17 6.35
CA LEU A 73 -0.68 11.24 7.70
C LEU A 73 -2.12 11.74 7.64
N ARG A 74 -3.00 11.06 8.36
CA ARG A 74 -4.41 11.45 8.39
C ARG A 74 -5.00 11.34 9.79
N GLY A 75 -4.12 11.24 10.78
CA GLY A 75 -4.57 11.11 12.15
C GLY A 75 -5.11 12.40 12.72
N GLY A 76 -6.30 12.32 13.30
CA GLY A 76 -6.94 13.47 13.92
C GLY A 76 -6.88 14.72 13.07
N HIS A 77 -6.93 15.89 13.72
CA HIS A 77 -6.88 17.15 13.01
C HIS A 77 -5.45 17.48 12.60
N HIS A 78 -5.26 18.66 12.01
CA HIS A 78 -3.95 19.10 11.56
C HIS A 78 -3.41 20.20 12.47
N HIS A 79 -2.32 19.91 13.17
CA HIS A 79 -1.70 20.88 14.06
C HIS A 79 -0.71 21.75 13.31
N HIS A 80 -0.63 23.02 13.67
CA HIS A 80 0.29 23.95 13.02
C HIS A 80 1.46 24.29 13.94
N HIS A 81 2.66 23.96 13.49
CA HIS A 81 3.87 24.23 14.27
C HIS A 81 4.62 25.44 13.71
N HIS A 82 4.88 26.42 14.56
CA HIS A 82 5.58 27.63 14.14
C HIS A 82 7.10 27.42 14.16
N MET A 1 6.60 -14.54 -11.04
CA MET A 1 6.47 -13.10 -11.34
C MET A 1 7.35 -12.26 -10.41
N GLN A 2 7.34 -10.95 -10.62
CA GLN A 2 8.13 -10.05 -9.80
C GLN A 2 7.82 -8.59 -10.14
N ILE A 3 7.45 -7.83 -9.11
CA ILE A 3 7.13 -6.41 -9.28
C ILE A 3 8.03 -5.52 -8.43
N PHE A 4 7.99 -4.22 -8.71
CA PHE A 4 8.77 -3.24 -7.96
C PHE A 4 7.83 -2.31 -7.21
N VAL A 5 8.22 -1.92 -6.00
CA VAL A 5 7.40 -1.03 -5.19
C VAL A 5 8.24 0.03 -4.47
N LYS A 6 7.92 1.29 -4.70
CA LYS A 6 8.65 2.38 -4.06
C LYS A 6 8.00 2.77 -2.74
N THR A 7 8.81 2.75 -1.69
CA THR A 7 8.34 3.11 -0.35
C THR A 7 8.53 4.60 -0.09
N LEU A 8 8.22 5.05 1.12
CA LEU A 8 8.37 6.47 1.46
C LEU A 8 9.84 6.79 1.72
N THR A 9 10.62 5.79 2.08
CA THR A 9 12.03 6.00 2.35
C THR A 9 12.86 5.94 1.07
N GLY A 10 12.24 5.51 -0.04
CA GLY A 10 12.95 5.41 -1.28
C GLY A 10 13.38 3.98 -1.57
N ALA A 11 13.23 3.12 -0.58
CA ALA A 11 13.60 1.71 -0.70
C ALA A 11 12.54 0.91 -1.44
N THR A 12 12.87 0.45 -2.66
CA THR A 12 11.95 -0.34 -3.44
C THR A 12 11.93 -1.79 -2.95
N ILE A 13 10.74 -2.37 -2.89
CA ILE A 13 10.60 -3.76 -2.42
C ILE A 13 10.02 -4.66 -3.50
N THR A 14 10.53 -5.89 -3.55
CA THR A 14 10.09 -6.89 -4.52
C THR A 14 8.98 -7.75 -3.92
N LEU A 15 7.84 -7.84 -4.60
CA LEU A 15 6.71 -8.62 -4.10
C LEU A 15 6.01 -9.42 -5.20
N GLU A 16 5.22 -10.40 -4.77
CA GLU A 16 4.45 -11.24 -5.67
C GLU A 16 2.95 -11.04 -5.44
N VAL A 17 2.18 -10.96 -6.51
CA VAL A 17 0.74 -10.74 -6.38
C VAL A 17 -0.04 -12.05 -6.27
N GLU A 18 -1.32 -11.93 -5.90
CA GLU A 18 -2.22 -13.07 -5.78
C GLU A 18 -3.65 -12.67 -6.08
N SER A 19 -4.43 -13.61 -6.59
CA SER A 19 -5.83 -13.35 -6.90
C SER A 19 -6.59 -13.05 -5.62
N SER A 20 -6.23 -13.77 -4.56
CA SER A 20 -6.87 -13.61 -3.25
C SER A 20 -6.28 -12.43 -2.47
N ASP A 21 -5.45 -11.63 -3.14
CA ASP A 21 -4.82 -10.48 -2.50
C ASP A 21 -5.77 -9.28 -2.47
N THR A 22 -6.20 -8.90 -1.27
CA THR A 22 -7.09 -7.76 -1.11
C THR A 22 -6.50 -6.76 -0.14
N ILE A 23 -6.92 -5.51 -0.24
CA ILE A 23 -6.41 -4.47 0.65
C ILE A 23 -6.64 -4.86 2.11
N ASP A 24 -7.61 -5.74 2.35
CA ASP A 24 -7.92 -6.21 3.70
C ASP A 24 -6.98 -7.34 4.09
N ASN A 25 -6.83 -8.32 3.20
CA ASN A 25 -5.96 -9.46 3.44
C ASN A 25 -4.54 -9.00 3.74
N VAL A 26 -4.07 -8.01 2.98
CA VAL A 26 -2.73 -7.48 3.18
C VAL A 26 -2.58 -6.95 4.60
N LYS A 27 -3.62 -6.30 5.10
CA LYS A 27 -3.62 -5.75 6.45
C LYS A 27 -3.51 -6.83 7.51
N SER A 28 -4.32 -7.88 7.37
CA SER A 28 -4.33 -8.98 8.33
C SER A 28 -2.94 -9.61 8.46
N LYS A 29 -2.30 -9.88 7.33
CA LYS A 29 -0.99 -10.51 7.33
C LYS A 29 0.09 -9.61 7.93
N ILE A 30 -0.26 -8.39 8.27
CA ILE A 30 0.70 -7.49 8.90
C ILE A 30 0.51 -7.55 10.42
N GLN A 31 -0.11 -8.63 10.89
CA GLN A 31 -0.37 -8.81 12.31
C GLN A 31 0.78 -9.55 13.00
N ALA A 32 1.70 -10.09 12.20
CA ALA A 32 2.84 -10.82 12.76
C ALA A 32 3.75 -9.90 13.58
N ALA A 33 4.34 -8.92 12.90
CA ALA A 33 5.23 -7.96 13.56
C ALA A 33 4.50 -6.67 13.89
N PRO A 34 4.18 -6.44 15.19
CA PRO A 34 3.48 -5.23 15.63
C PRO A 34 4.36 -3.98 15.54
N GLY A 35 3.75 -2.82 15.74
CA GLY A 35 4.50 -1.57 15.67
C GLY A 35 3.81 -0.51 14.84
N ILE A 36 4.30 -0.33 13.62
CA ILE A 36 3.76 0.66 12.68
C ILE A 36 2.35 0.25 12.23
N PRO A 37 1.41 1.20 12.11
CA PRO A 37 0.04 0.89 11.69
C PRO A 37 -0.02 0.45 10.23
N PRO A 38 -0.33 -0.83 9.99
CA PRO A 38 -0.40 -1.38 8.63
C PRO A 38 -1.34 -0.59 7.71
N ASP A 39 -2.20 0.22 8.31
CA ASP A 39 -3.14 1.05 7.57
C ASP A 39 -2.44 2.27 7.00
N GLN A 40 -1.16 2.45 7.38
CA GLN A 40 -0.38 3.57 6.89
C GLN A 40 0.19 3.28 5.51
N GLN A 41 -0.23 2.16 4.91
CA GLN A 41 0.26 1.82 3.57
C GLN A 41 -0.89 1.69 2.58
N GLU A 42 -0.74 2.38 1.44
CA GLU A 42 -1.75 2.36 0.39
C GLU A 42 -1.13 2.61 -0.97
N LEU A 43 -1.79 2.15 -2.04
CA LEU A 43 -1.31 2.38 -3.39
C LEU A 43 -2.03 3.60 -3.98
N ILE A 44 -1.30 4.44 -4.69
CA ILE A 44 -1.88 5.64 -5.29
C ILE A 44 -1.26 5.97 -6.64
N PHE A 45 -2.09 6.22 -7.64
CA PHE A 45 -1.60 6.56 -8.98
C PHE A 45 -1.33 8.06 -9.08
N ALA A 46 -1.10 8.71 -7.94
CA ALA A 46 -0.82 10.15 -7.91
C ALA A 46 -2.05 10.96 -8.31
N GLY A 47 -2.77 10.45 -9.31
CA GLY A 47 -3.98 11.10 -9.78
C GLY A 47 -5.15 10.13 -9.84
N LYS A 48 -4.86 8.83 -9.66
CA LYS A 48 -5.89 7.82 -9.65
C LYS A 48 -5.82 7.06 -8.32
N GLN A 49 -6.83 7.26 -7.48
CA GLN A 49 -6.87 6.61 -6.18
C GLN A 49 -7.59 5.28 -6.21
N LEU A 50 -7.02 4.27 -5.58
CA LEU A 50 -7.61 2.93 -5.57
C LEU A 50 -8.64 2.80 -4.47
N GLU A 51 -9.45 1.76 -4.59
CA GLU A 51 -10.49 1.47 -3.61
C GLU A 51 -10.06 0.34 -2.67
N ASP A 52 -9.97 0.64 -1.38
CA ASP A 52 -9.57 -0.35 -0.38
C ASP A 52 -10.53 -1.54 -0.37
N GLY A 53 -11.78 -1.31 -0.77
CA GLY A 53 -12.75 -2.39 -0.80
C GLY A 53 -12.66 -3.23 -2.06
N ARG A 54 -11.69 -2.93 -2.93
CA ARG A 54 -11.51 -3.68 -4.17
C ARG A 54 -10.54 -4.84 -4.00
N THR A 55 -10.56 -5.77 -4.96
CA THR A 55 -9.70 -6.95 -4.91
C THR A 55 -8.64 -6.91 -6.01
N LEU A 56 -7.65 -7.81 -5.93
CA LEU A 56 -6.58 -7.84 -6.92
C LEU A 56 -7.14 -7.93 -8.34
N SER A 57 -8.07 -8.85 -8.54
CA SER A 57 -8.68 -9.05 -9.86
C SER A 57 -9.26 -7.76 -10.41
N ASP A 58 -9.70 -6.89 -9.52
CA ASP A 58 -10.28 -5.61 -9.93
C ASP A 58 -9.24 -4.73 -10.61
N TYR A 59 -7.97 -4.92 -10.25
CA TYR A 59 -6.88 -4.14 -10.84
C TYR A 59 -5.65 -5.01 -11.06
N ASN A 60 -5.88 -6.27 -11.41
CA ASN A 60 -4.81 -7.23 -11.65
C ASN A 60 -4.22 -7.05 -13.04
N ILE A 61 -3.13 -6.31 -13.09
CA ILE A 61 -2.44 -6.04 -14.34
C ILE A 61 -1.45 -7.15 -14.71
N GLN A 62 -0.92 -7.08 -15.92
CA GLN A 62 0.03 -8.06 -16.42
C GLN A 62 1.38 -7.93 -15.70
N LYS A 63 2.46 -8.33 -16.38
CA LYS A 63 3.80 -8.25 -15.81
C LYS A 63 4.49 -6.97 -16.23
N GLU A 64 5.42 -6.50 -15.39
CA GLU A 64 6.16 -5.27 -15.67
C GLU A 64 5.23 -4.07 -15.50
N SER A 65 5.10 -3.64 -14.25
CA SER A 65 4.26 -2.51 -13.91
C SER A 65 4.70 -1.89 -12.59
N THR A 66 5.10 -0.63 -12.65
CA THR A 66 5.57 0.08 -11.47
C THR A 66 4.44 0.33 -10.47
N LEU A 67 4.75 0.18 -9.19
CA LEU A 67 3.79 0.39 -8.13
C LEU A 67 4.24 1.55 -7.24
N HIS A 68 3.30 2.38 -6.82
CA HIS A 68 3.64 3.52 -5.97
C HIS A 68 2.93 3.44 -4.61
N LEU A 69 3.71 3.41 -3.54
CA LEU A 69 3.13 3.33 -2.19
C LEU A 69 3.58 4.52 -1.35
N VAL A 70 2.61 5.29 -0.88
CA VAL A 70 2.90 6.46 -0.06
C VAL A 70 2.35 6.30 1.36
N LEU A 71 2.99 6.95 2.32
CA LEU A 71 2.54 6.88 3.71
C LEU A 71 2.28 8.27 4.28
N ARG A 72 1.35 8.97 3.66
CA ARG A 72 0.99 10.33 4.10
C ARG A 72 0.18 10.25 5.40
N LEU A 73 0.23 11.32 6.19
CA LEU A 73 -0.51 11.36 7.45
C LEU A 73 -1.91 11.94 7.26
N ARG A 74 -2.88 11.38 7.96
CA ARG A 74 -4.26 11.84 7.86
C ARG A 74 -4.95 11.83 9.22
N GLY A 75 -4.16 11.71 10.27
CA GLY A 75 -4.71 11.67 11.62
C GLY A 75 -4.97 13.06 12.19
N GLY A 76 -5.44 13.98 11.35
CA GLY A 76 -5.72 15.33 11.81
C GLY A 76 -4.46 16.13 12.08
N HIS A 77 -4.56 17.45 11.99
CA HIS A 77 -3.41 18.32 12.22
C HIS A 77 -3.26 18.61 13.72
N HIS A 78 -2.14 19.21 14.08
CA HIS A 78 -1.87 19.54 15.47
C HIS A 78 -1.59 21.04 15.63
N HIS A 79 -2.08 21.61 16.72
CA HIS A 79 -1.87 23.04 17.00
C HIS A 79 -0.69 23.24 17.93
N HIS A 80 0.23 24.11 17.53
CA HIS A 80 1.42 24.39 18.34
C HIS A 80 1.23 25.65 19.18
N HIS A 81 1.29 25.49 20.49
CA HIS A 81 1.14 26.62 21.42
C HIS A 81 2.44 27.40 21.53
N HIS A 82 2.37 28.71 21.31
CA HIS A 82 3.55 29.56 21.40
C HIS A 82 3.91 29.84 22.85
N MET A 1 7.65 -14.39 -11.30
CA MET A 1 7.59 -12.91 -11.49
C MET A 1 7.63 -12.19 -10.14
N GLN A 2 7.99 -10.91 -10.18
CA GLN A 2 8.07 -10.10 -8.97
C GLN A 2 8.00 -8.61 -9.29
N ILE A 3 6.87 -8.00 -8.98
CA ILE A 3 6.68 -6.58 -9.23
C ILE A 3 7.49 -5.73 -8.26
N PHE A 4 7.52 -4.42 -8.49
CA PHE A 4 8.27 -3.52 -7.63
C PHE A 4 7.31 -2.61 -6.87
N VAL A 5 7.69 -2.26 -5.65
CA VAL A 5 6.86 -1.40 -4.80
C VAL A 5 7.71 -0.39 -4.04
N LYS A 6 7.47 0.89 -4.28
CA LYS A 6 8.22 1.94 -3.62
C LYS A 6 7.54 2.37 -2.32
N THR A 7 8.29 2.30 -1.23
CA THR A 7 7.78 2.68 0.08
C THR A 7 8.05 4.16 0.35
N LEU A 8 7.71 4.62 1.56
CA LEU A 8 7.90 6.01 1.91
C LEU A 8 9.37 6.32 2.21
N THR A 9 10.11 5.28 2.57
CA THR A 9 11.53 5.44 2.88
C THR A 9 12.39 5.33 1.61
N GLY A 10 11.78 4.95 0.50
CA GLY A 10 12.52 4.80 -0.74
C GLY A 10 12.91 3.36 -1.01
N ALA A 11 12.71 2.52 -0.01
CA ALA A 11 13.05 1.09 -0.12
C ALA A 11 11.96 0.31 -0.85
N THR A 12 12.27 -0.16 -2.05
CA THR A 12 11.32 -0.93 -2.83
C THR A 12 11.26 -2.36 -2.31
N ILE A 13 10.05 -2.91 -2.21
CA ILE A 13 9.88 -4.29 -1.72
C ILE A 13 9.33 -5.21 -2.80
N THR A 14 9.81 -6.45 -2.78
CA THR A 14 9.38 -7.47 -3.73
C THR A 14 8.25 -8.30 -3.14
N LEU A 15 7.13 -8.38 -3.85
CA LEU A 15 5.98 -9.14 -3.37
C LEU A 15 5.30 -9.92 -4.48
N GLU A 16 4.50 -10.90 -4.07
CA GLU A 16 3.75 -11.76 -4.98
C GLU A 16 2.26 -11.49 -4.87
N VAL A 17 1.58 -11.39 -6.00
CA VAL A 17 0.15 -11.11 -6.01
C VAL A 17 -0.70 -12.38 -5.97
N GLU A 18 -1.99 -12.20 -5.71
CA GLU A 18 -2.93 -13.32 -5.63
C GLU A 18 -4.33 -12.88 -6.04
N SER A 19 -5.10 -13.81 -6.62
CA SER A 19 -6.46 -13.51 -7.04
C SER A 19 -7.28 -13.14 -5.82
N SER A 20 -7.06 -13.89 -4.75
CA SER A 20 -7.77 -13.66 -3.49
C SER A 20 -7.13 -12.51 -2.69
N ASP A 21 -6.20 -11.79 -3.32
CA ASP A 21 -5.52 -10.69 -2.66
C ASP A 21 -6.34 -9.41 -2.75
N THR A 22 -6.83 -8.94 -1.61
CA THR A 22 -7.61 -7.71 -1.55
C THR A 22 -6.95 -6.66 -0.67
N ILE A 23 -7.53 -5.48 -0.63
CA ILE A 23 -6.98 -4.39 0.17
C ILE A 23 -6.90 -4.77 1.64
N ASP A 24 -7.71 -5.74 2.04
CA ASP A 24 -7.71 -6.20 3.43
C ASP A 24 -6.51 -7.12 3.69
N ASN A 25 -6.21 -7.97 2.71
CA ASN A 25 -5.09 -8.89 2.82
C ASN A 25 -3.78 -8.11 2.96
N VAL A 26 -3.66 -7.01 2.24
CA VAL A 26 -2.46 -6.18 2.29
C VAL A 26 -2.25 -5.62 3.69
N LYS A 27 -3.29 -5.02 4.25
CA LYS A 27 -3.23 -4.43 5.57
C LYS A 27 -2.99 -5.50 6.64
N SER A 28 -3.74 -6.59 6.56
CA SER A 28 -3.63 -7.68 7.51
C SER A 28 -2.22 -8.26 7.55
N LYS A 29 -1.68 -8.59 6.38
CA LYS A 29 -0.34 -9.17 6.29
C LYS A 29 0.74 -8.22 6.81
N ILE A 30 0.36 -7.05 7.30
CA ILE A 30 1.33 -6.12 7.84
C ILE A 30 1.53 -6.39 9.33
N GLN A 31 1.24 -7.62 9.75
CA GLN A 31 1.40 -8.01 11.15
C GLN A 31 2.77 -8.64 11.39
N ALA A 32 3.78 -8.17 10.66
CA ALA A 32 5.13 -8.69 10.80
C ALA A 32 6.02 -7.70 11.54
N ALA A 33 6.52 -6.70 10.82
CA ALA A 33 7.39 -5.68 11.41
C ALA A 33 6.56 -4.55 12.04
N PRO A 34 6.90 -4.12 13.26
CA PRO A 34 6.19 -3.05 13.96
C PRO A 34 6.60 -1.66 13.47
N GLY A 35 5.98 -0.63 14.04
CA GLY A 35 6.29 0.73 13.65
C GLY A 35 5.26 1.31 12.71
N ILE A 36 4.70 0.45 11.87
CA ILE A 36 3.70 0.88 10.90
C ILE A 36 2.38 0.14 11.11
N PRO A 37 1.26 0.88 11.24
CA PRO A 37 -0.06 0.29 11.43
C PRO A 37 -0.55 -0.42 10.17
N PRO A 38 -1.15 -1.61 10.31
CA PRO A 38 -1.64 -2.39 9.16
C PRO A 38 -2.56 -1.56 8.27
N ASP A 39 -3.40 -0.73 8.90
CA ASP A 39 -4.31 0.14 8.17
C ASP A 39 -3.58 1.36 7.62
N GLN A 40 -2.32 1.53 8.04
CA GLN A 40 -1.52 2.65 7.59
C GLN A 40 -0.84 2.34 6.27
N GLN A 41 -1.27 1.27 5.61
CA GLN A 41 -0.69 0.91 4.33
C GLN A 41 -1.76 0.91 3.23
N GLU A 42 -1.45 1.60 2.14
CA GLU A 42 -2.35 1.69 1.01
C GLU A 42 -1.59 1.94 -0.29
N LEU A 43 -2.18 1.56 -1.42
CA LEU A 43 -1.55 1.80 -2.71
C LEU A 43 -2.04 3.11 -3.30
N ILE A 44 -1.14 3.88 -3.90
CA ILE A 44 -1.51 5.16 -4.47
C ILE A 44 -0.73 5.46 -5.75
N PHE A 45 -1.45 5.81 -6.81
CA PHE A 45 -0.82 6.16 -8.08
C PHE A 45 -0.43 7.65 -8.09
N ALA A 46 -0.30 8.24 -6.90
CA ALA A 46 0.04 9.65 -6.77
C ALA A 46 -1.14 10.50 -7.23
N GLY A 47 -1.56 10.30 -8.48
CA GLY A 47 -2.70 11.01 -9.01
C GLY A 47 -3.90 10.08 -9.15
N LYS A 48 -3.68 8.79 -8.96
CA LYS A 48 -4.76 7.82 -9.03
C LYS A 48 -4.82 7.03 -7.72
N GLN A 49 -5.87 7.26 -6.95
CA GLN A 49 -6.04 6.59 -5.66
C GLN A 49 -6.82 5.29 -5.79
N LEU A 50 -6.32 4.24 -5.15
CA LEU A 50 -6.97 2.93 -5.20
C LEU A 50 -8.15 2.86 -4.25
N GLU A 51 -9.10 2.00 -4.58
CA GLU A 51 -10.30 1.81 -3.77
C GLU A 51 -10.21 0.53 -2.95
N ASP A 52 -10.45 0.66 -1.65
CA ASP A 52 -10.39 -0.49 -0.74
C ASP A 52 -11.37 -1.58 -1.17
N GLY A 53 -12.42 -1.19 -1.88
CA GLY A 53 -13.39 -2.15 -2.38
C GLY A 53 -12.95 -2.81 -3.67
N ARG A 54 -11.68 -2.64 -4.02
CA ARG A 54 -11.14 -3.22 -5.25
C ARG A 54 -10.34 -4.49 -4.98
N THR A 55 -10.58 -5.51 -5.80
CA THR A 55 -9.89 -6.78 -5.64
C THR A 55 -8.72 -6.90 -6.63
N LEU A 56 -7.96 -7.98 -6.52
CA LEU A 56 -6.83 -8.19 -7.42
C LEU A 56 -7.29 -8.34 -8.88
N SER A 57 -8.21 -9.26 -9.11
CA SER A 57 -8.74 -9.52 -10.44
C SER A 57 -9.30 -8.25 -11.07
N ASP A 58 -9.79 -7.35 -10.23
CA ASP A 58 -10.36 -6.09 -10.70
C ASP A 58 -9.27 -5.14 -11.20
N TYR A 59 -8.06 -5.30 -10.67
CA TYR A 59 -6.93 -4.45 -11.06
C TYR A 59 -5.66 -5.27 -11.24
N ASN A 60 -5.82 -6.47 -11.78
CA ASN A 60 -4.71 -7.38 -11.99
C ASN A 60 -3.86 -6.93 -13.18
N ILE A 61 -2.79 -6.23 -12.86
CA ILE A 61 -1.87 -5.73 -13.86
C ILE A 61 -0.89 -6.81 -14.31
N GLN A 62 -0.54 -6.78 -15.59
CA GLN A 62 0.37 -7.76 -16.17
C GLN A 62 1.76 -7.66 -15.52
N LYS A 63 2.76 -8.17 -16.22
CA LYS A 63 4.14 -8.14 -15.73
C LYS A 63 4.80 -6.80 -16.04
N GLU A 64 5.63 -6.33 -15.10
CA GLU A 64 6.31 -5.05 -15.25
C GLU A 64 5.32 -3.91 -15.03
N SER A 65 5.17 -3.54 -13.76
CA SER A 65 4.26 -2.47 -13.37
C SER A 65 4.71 -1.83 -12.06
N THR A 66 5.07 -0.55 -12.13
CA THR A 66 5.54 0.18 -10.96
C THR A 66 4.40 0.40 -9.97
N LEU A 67 4.69 0.16 -8.69
CA LEU A 67 3.70 0.34 -7.63
C LEU A 67 4.23 1.32 -6.59
N HIS A 68 3.41 2.29 -6.21
CA HIS A 68 3.82 3.29 -5.22
C HIS A 68 2.93 3.23 -3.98
N LEU A 69 3.54 3.02 -2.81
CA LEU A 69 2.79 2.95 -1.56
C LEU A 69 3.25 4.06 -0.61
N VAL A 70 2.32 4.92 -0.25
CA VAL A 70 2.60 6.03 0.66
C VAL A 70 1.84 5.87 1.97
N LEU A 71 2.42 6.40 3.05
CA LEU A 71 1.82 6.30 4.37
C LEU A 71 1.39 7.68 4.89
N ARG A 72 0.08 7.87 5.02
CA ARG A 72 -0.46 9.14 5.52
C ARG A 72 -0.84 9.00 6.99
N LEU A 73 -0.45 9.98 7.81
CA LEU A 73 -0.76 9.95 9.24
C LEU A 73 -2.22 10.33 9.49
N ARG A 74 -2.81 9.74 10.52
CA ARG A 74 -4.20 10.02 10.87
C ARG A 74 -4.39 10.09 12.38
N GLY A 75 -3.29 10.24 13.11
CA GLY A 75 -3.37 10.32 14.56
C GLY A 75 -3.87 11.66 15.04
N GLY A 76 -5.15 11.70 15.44
CA GLY A 76 -5.75 12.93 15.94
C GLY A 76 -5.34 14.16 15.15
N HIS A 77 -5.19 15.30 15.82
CA HIS A 77 -4.81 16.53 15.16
C HIS A 77 -3.36 16.89 15.47
N HIS A 78 -2.74 17.64 14.56
CA HIS A 78 -1.35 18.06 14.74
C HIS A 78 -1.24 19.15 15.80
N HIS A 79 -0.25 19.01 16.68
CA HIS A 79 -0.03 19.99 17.75
C HIS A 79 1.03 21.00 17.35
N HIS A 80 0.80 22.26 17.72
CA HIS A 80 1.74 23.34 17.42
C HIS A 80 2.69 23.58 18.58
N HIS A 81 3.98 23.39 18.33
CA HIS A 81 5.00 23.60 19.37
C HIS A 81 5.82 24.86 19.12
N HIS A 82 5.40 25.96 19.74
CA HIS A 82 6.10 27.23 19.58
C HIS A 82 7.14 27.42 20.68
N MET A 1 7.64 -14.00 -12.09
CA MET A 1 7.95 -12.54 -12.12
C MET A 1 7.82 -11.93 -10.73
N GLN A 2 8.22 -10.67 -10.61
CA GLN A 2 8.13 -9.96 -9.34
C GLN A 2 8.15 -8.45 -9.55
N ILE A 3 7.03 -7.81 -9.21
CA ILE A 3 6.90 -6.36 -9.38
C ILE A 3 7.73 -5.62 -8.33
N PHE A 4 7.84 -4.32 -8.51
CA PHE A 4 8.60 -3.47 -7.60
C PHE A 4 7.67 -2.55 -6.84
N VAL A 5 8.10 -2.10 -5.66
CA VAL A 5 7.30 -1.21 -4.84
C VAL A 5 8.16 -0.16 -4.15
N LYS A 6 7.88 1.11 -4.43
CA LYS A 6 8.64 2.21 -3.85
C LYS A 6 8.00 2.66 -2.53
N THR A 7 8.81 2.66 -1.48
CA THR A 7 8.35 3.06 -0.14
C THR A 7 8.57 4.55 0.08
N LEU A 8 8.30 5.02 1.29
CA LEU A 8 8.47 6.43 1.61
C LEU A 8 9.95 6.77 1.82
N THR A 9 10.75 5.74 2.06
CA THR A 9 12.18 5.93 2.27
C THR A 9 12.94 5.87 0.94
N GLY A 10 12.29 5.33 -0.11
CA GLY A 10 12.95 5.20 -1.40
C GLY A 10 13.38 3.77 -1.69
N ALA A 11 12.98 2.85 -0.81
CA ALA A 11 13.33 1.45 -0.94
C ALA A 11 12.33 0.67 -1.78
N THR A 12 12.79 0.14 -2.92
CA THR A 12 11.93 -0.66 -3.80
C THR A 12 11.88 -2.10 -3.29
N ILE A 13 10.68 -2.67 -3.22
CA ILE A 13 10.52 -4.04 -2.72
C ILE A 13 9.84 -4.93 -3.75
N THR A 14 10.18 -6.22 -3.68
CA THR A 14 9.62 -7.22 -4.58
C THR A 14 8.47 -7.95 -3.91
N LEU A 15 7.32 -8.03 -4.58
CA LEU A 15 6.17 -8.71 -4.00
C LEU A 15 5.40 -9.53 -5.03
N GLU A 16 4.59 -10.47 -4.53
CA GLU A 16 3.78 -11.35 -5.38
C GLU A 16 2.30 -11.05 -5.20
N VAL A 17 1.57 -10.89 -6.31
CA VAL A 17 0.15 -10.59 -6.25
C VAL A 17 -0.70 -11.83 -6.46
N GLU A 18 -1.80 -11.92 -5.70
CA GLU A 18 -2.71 -13.06 -5.79
C GLU A 18 -4.12 -12.60 -6.14
N SER A 19 -4.92 -13.51 -6.68
CA SER A 19 -6.29 -13.19 -7.03
C SER A 19 -7.10 -12.98 -5.75
N SER A 20 -6.74 -13.75 -4.73
CA SER A 20 -7.42 -13.67 -3.44
C SER A 20 -6.81 -12.59 -2.55
N ASP A 21 -5.86 -11.84 -3.10
CA ASP A 21 -5.20 -10.78 -2.35
C ASP A 21 -6.05 -9.51 -2.34
N THR A 22 -6.54 -9.14 -1.16
CA THR A 22 -7.37 -7.94 -1.03
C THR A 22 -6.75 -6.95 -0.05
N ILE A 23 -7.38 -5.78 0.07
CA ILE A 23 -6.90 -4.73 0.95
C ILE A 23 -6.95 -5.17 2.41
N ASP A 24 -7.80 -6.14 2.71
CA ASP A 24 -7.95 -6.65 4.07
C ASP A 24 -6.87 -7.66 4.39
N ASN A 25 -6.58 -8.56 3.45
CA ASN A 25 -5.57 -9.58 3.64
C ASN A 25 -4.22 -8.96 3.97
N VAL A 26 -3.92 -7.84 3.32
CA VAL A 26 -2.65 -7.15 3.54
C VAL A 26 -2.55 -6.67 4.98
N LYS A 27 -3.64 -6.06 5.46
CA LYS A 27 -3.68 -5.53 6.82
C LYS A 27 -3.46 -6.62 7.86
N SER A 28 -4.17 -7.74 7.71
CA SER A 28 -4.05 -8.86 8.65
C SER A 28 -2.62 -9.36 8.74
N LYS A 29 -1.94 -9.41 7.59
CA LYS A 29 -0.57 -9.90 7.53
C LYS A 29 0.40 -9.14 8.42
N ILE A 30 -0.09 -8.15 9.16
CA ILE A 30 0.77 -7.39 10.05
C ILE A 30 0.96 -8.14 11.36
N GLN A 31 0.98 -9.47 11.28
CA GLN A 31 1.17 -10.30 12.48
C GLN A 31 2.61 -10.82 12.59
N ALA A 32 3.50 -10.27 11.78
CA ALA A 32 4.91 -10.68 11.78
C ALA A 32 5.82 -9.57 12.29
N ALA A 33 5.30 -8.35 12.36
CA ALA A 33 6.07 -7.22 12.83
C ALA A 33 5.21 -5.97 12.89
N PRO A 34 4.91 -5.48 14.12
CA PRO A 34 4.09 -4.29 14.31
C PRO A 34 4.92 -2.99 14.33
N GLY A 35 4.35 -1.95 14.93
CA GLY A 35 5.05 -0.68 15.02
C GLY A 35 4.55 0.34 14.03
N ILE A 36 4.10 -0.15 12.88
CA ILE A 36 3.59 0.71 11.82
C ILE A 36 2.09 0.54 11.64
N PRO A 37 1.38 1.61 11.18
CA PRO A 37 -0.06 1.55 10.95
C PRO A 37 -0.43 0.73 9.72
N PRO A 38 -0.88 -0.53 9.91
CA PRO A 38 -1.25 -1.40 8.80
C PRO A 38 -2.37 -0.79 7.95
N ASP A 39 -3.28 -0.09 8.60
CA ASP A 39 -4.39 0.58 7.93
C ASP A 39 -3.93 1.87 7.27
N GLN A 40 -2.66 2.22 7.50
CA GLN A 40 -2.09 3.43 6.92
C GLN A 40 -1.38 3.12 5.60
N GLN A 41 -1.60 1.92 5.09
CA GLN A 41 -0.97 1.52 3.83
C GLN A 41 -2.00 1.45 2.70
N GLU A 42 -1.68 2.10 1.59
CA GLU A 42 -2.56 2.13 0.42
C GLU A 42 -1.77 2.34 -0.86
N LEU A 43 -2.33 1.93 -1.99
CA LEU A 43 -1.67 2.12 -3.29
C LEU A 43 -2.17 3.43 -3.89
N ILE A 44 -1.27 4.21 -4.47
CA ILE A 44 -1.64 5.49 -5.06
C ILE A 44 -0.82 5.83 -6.30
N PHE A 45 -1.50 6.19 -7.38
CA PHE A 45 -0.83 6.56 -8.61
C PHE A 45 -0.48 8.05 -8.59
N ALA A 46 -0.42 8.63 -7.38
CA ALA A 46 -0.12 10.05 -7.23
C ALA A 46 -1.29 10.88 -7.73
N GLY A 47 -1.62 10.67 -9.01
CA GLY A 47 -2.73 11.37 -9.62
C GLY A 47 -3.92 10.44 -9.80
N LYS A 48 -3.73 9.15 -9.55
CA LYS A 48 -4.83 8.18 -9.66
C LYS A 48 -4.95 7.40 -8.35
N GLN A 49 -6.03 7.65 -7.62
CA GLN A 49 -6.26 6.97 -6.34
C GLN A 49 -6.99 5.65 -6.53
N LEU A 50 -6.47 4.60 -5.92
CA LEU A 50 -7.07 3.27 -6.04
C LEU A 50 -8.25 3.09 -5.10
N GLU A 51 -9.05 2.06 -5.37
CA GLU A 51 -10.22 1.75 -4.55
C GLU A 51 -9.88 0.63 -3.56
N ASP A 52 -10.01 0.92 -2.27
CA ASP A 52 -9.71 -0.05 -1.21
C ASP A 52 -10.69 -1.21 -1.23
N GLY A 53 -11.93 -0.93 -1.63
CA GLY A 53 -12.94 -1.98 -1.70
C GLY A 53 -12.75 -2.87 -2.92
N ARG A 54 -11.67 -2.66 -3.65
CA ARG A 54 -11.39 -3.45 -4.84
C ARG A 54 -10.36 -4.55 -4.55
N THR A 55 -10.55 -5.72 -5.17
CA THR A 55 -9.64 -6.84 -4.96
C THR A 55 -8.43 -6.75 -5.88
N LEU A 56 -7.48 -7.67 -5.70
CA LEU A 56 -6.28 -7.67 -6.55
C LEU A 56 -6.66 -7.94 -7.99
N SER A 57 -7.38 -9.04 -8.21
CA SER A 57 -7.81 -9.43 -9.57
C SER A 57 -8.58 -8.29 -10.23
N ASP A 58 -9.24 -7.48 -9.40
CA ASP A 58 -10.00 -6.34 -9.88
C ASP A 58 -9.07 -5.28 -10.48
N TYR A 59 -7.81 -5.32 -10.06
CA TYR A 59 -6.80 -4.38 -10.55
C TYR A 59 -5.47 -5.08 -10.77
N ASN A 60 -5.55 -6.34 -11.21
CA ASN A 60 -4.38 -7.16 -11.46
C ASN A 60 -3.97 -7.05 -12.92
N ILE A 61 -2.93 -6.28 -13.15
CA ILE A 61 -2.39 -6.05 -14.48
C ILE A 61 -1.34 -7.11 -14.85
N GLN A 62 -0.82 -6.99 -16.06
CA GLN A 62 0.18 -7.94 -16.56
C GLN A 62 1.53 -7.74 -15.84
N LYS A 63 2.63 -8.08 -16.53
CA LYS A 63 3.97 -7.94 -15.97
C LYS A 63 4.56 -6.60 -16.35
N GLU A 64 5.51 -6.12 -15.54
CA GLU A 64 6.14 -4.84 -15.77
C GLU A 64 5.14 -3.72 -15.55
N SER A 65 5.00 -3.36 -14.28
CA SER A 65 4.07 -2.31 -13.87
C SER A 65 4.50 -1.73 -12.53
N THR A 66 4.94 -0.47 -12.57
CA THR A 66 5.41 0.20 -11.36
C THR A 66 4.29 0.41 -10.36
N LEU A 67 4.60 0.21 -9.09
CA LEU A 67 3.63 0.40 -8.02
C LEU A 67 4.14 1.40 -6.99
N HIS A 68 3.31 2.37 -6.64
CA HIS A 68 3.70 3.39 -5.66
C HIS A 68 2.77 3.38 -4.45
N LEU A 69 3.35 3.25 -3.26
CA LEU A 69 2.57 3.25 -2.04
C LEU A 69 3.05 4.34 -1.09
N VAL A 70 2.14 5.26 -0.75
CA VAL A 70 2.47 6.36 0.13
C VAL A 70 1.73 6.29 1.46
N LEU A 71 2.42 6.62 2.54
CA LEU A 71 1.82 6.57 3.86
C LEU A 71 1.70 7.97 4.47
N ARG A 72 0.47 8.45 4.56
CA ARG A 72 0.20 9.77 5.13
C ARG A 72 0.07 9.70 6.65
N LEU A 73 0.43 10.78 7.32
CA LEU A 73 0.34 10.82 8.78
C LEU A 73 -1.10 11.07 9.23
N ARG A 74 -1.47 10.45 10.36
CA ARG A 74 -2.82 10.57 10.91
C ARG A 74 -2.80 10.56 12.43
N GLY A 75 -1.62 10.77 13.01
CA GLY A 75 -1.49 10.75 14.46
C GLY A 75 -2.05 11.98 15.13
N GLY A 76 -2.67 12.85 14.34
CA GLY A 76 -3.24 14.07 14.90
C GLY A 76 -2.33 15.27 14.76
N HIS A 77 -2.89 16.46 14.93
CA HIS A 77 -2.12 17.70 14.81
C HIS A 77 -1.01 17.76 15.85
N HIS A 78 0.10 18.38 15.48
CA HIS A 78 1.25 18.52 16.37
C HIS A 78 1.30 19.92 16.95
N HIS A 79 1.41 20.01 18.28
CA HIS A 79 1.47 21.29 18.96
C HIS A 79 2.92 21.74 19.18
N HIS A 80 3.27 22.87 18.58
CA HIS A 80 4.62 23.42 18.72
C HIS A 80 4.73 24.22 20.01
N HIS A 81 5.87 24.12 20.67
CA HIS A 81 6.11 24.82 21.92
C HIS A 81 7.05 26.01 21.73
N HIS A 82 6.51 27.21 21.89
CA HIS A 82 7.30 28.43 21.75
C HIS A 82 8.15 28.66 22.99
N MET A 1 6.60 -13.54 -12.64
CA MET A 1 5.96 -13.15 -11.35
C MET A 1 6.94 -12.37 -10.47
N GLN A 2 7.03 -11.06 -10.71
CA GLN A 2 7.91 -10.18 -9.95
C GLN A 2 7.62 -8.72 -10.27
N ILE A 3 7.30 -7.95 -9.23
CA ILE A 3 7.01 -6.52 -9.39
C ILE A 3 7.96 -5.65 -8.58
N PHE A 4 7.97 -4.36 -8.87
CA PHE A 4 8.82 -3.39 -8.18
C PHE A 4 7.94 -2.33 -7.51
N VAL A 5 8.25 -2.00 -6.26
CA VAL A 5 7.47 -1.00 -5.52
C VAL A 5 8.37 -0.02 -4.76
N LYS A 6 8.18 1.27 -5.00
CA LYS A 6 8.97 2.30 -4.35
C LYS A 6 8.29 2.75 -3.05
N THR A 7 9.04 2.72 -1.96
CA THR A 7 8.54 3.12 -0.66
C THR A 7 8.80 4.60 -0.39
N LEU A 8 8.44 5.06 0.80
CA LEU A 8 8.62 6.46 1.17
C LEU A 8 10.09 6.75 1.51
N THR A 9 10.82 5.71 1.90
CA THR A 9 12.23 5.87 2.27
C THR A 9 13.13 5.79 1.03
N GLY A 10 12.57 5.30 -0.07
CA GLY A 10 13.35 5.17 -1.29
C GLY A 10 13.70 3.72 -1.59
N ALA A 11 13.38 2.83 -0.66
CA ALA A 11 13.68 1.40 -0.80
C ALA A 11 12.62 0.65 -1.59
N THR A 12 13.00 0.16 -2.77
CA THR A 12 12.09 -0.61 -3.60
C THR A 12 11.99 -2.05 -3.10
N ILE A 13 10.77 -2.59 -3.05
CA ILE A 13 10.57 -3.95 -2.57
C ILE A 13 10.01 -4.87 -3.65
N THR A 14 10.44 -6.12 -3.61
CA THR A 14 9.98 -7.12 -4.56
C THR A 14 8.86 -7.96 -3.94
N LEU A 15 7.73 -8.05 -4.63
CA LEU A 15 6.60 -8.80 -4.09
C LEU A 15 5.89 -9.62 -5.17
N GLU A 16 5.09 -10.58 -4.70
CA GLU A 16 4.33 -11.46 -5.57
C GLU A 16 2.83 -11.23 -5.40
N VAL A 17 2.10 -11.19 -6.50
CA VAL A 17 0.66 -10.94 -6.42
C VAL A 17 -0.14 -12.23 -6.29
N GLU A 18 -1.40 -12.08 -5.89
CA GLU A 18 -2.32 -13.19 -5.69
C GLU A 18 -3.74 -12.77 -6.02
N SER A 19 -4.55 -13.71 -6.49
CA SER A 19 -5.93 -13.43 -6.83
C SER A 19 -6.72 -13.16 -5.56
N SER A 20 -6.41 -13.93 -4.52
CA SER A 20 -7.10 -13.81 -3.24
C SER A 20 -6.51 -12.68 -2.39
N ASP A 21 -5.60 -11.90 -2.97
CA ASP A 21 -4.96 -10.80 -2.25
C ASP A 21 -5.85 -9.57 -2.24
N THR A 22 -6.31 -9.18 -1.05
CA THR A 22 -7.17 -8.02 -0.91
C THR A 22 -6.49 -6.94 -0.07
N ILE A 23 -7.04 -5.74 -0.12
CA ILE A 23 -6.50 -4.62 0.65
C ILE A 23 -6.66 -4.87 2.15
N ASP A 24 -7.65 -5.67 2.50
CA ASP A 24 -7.91 -6.01 3.89
C ASP A 24 -7.01 -7.16 4.35
N ASN A 25 -6.83 -8.13 3.44
CA ASN A 25 -6.00 -9.29 3.74
C ASN A 25 -4.60 -8.87 4.16
N VAL A 26 -4.06 -7.85 3.50
CA VAL A 26 -2.74 -7.34 3.82
C VAL A 26 -2.66 -6.94 5.30
N LYS A 27 -3.76 -6.39 5.80
CA LYS A 27 -3.83 -5.94 7.18
C LYS A 27 -3.76 -7.14 8.15
N SER A 28 -4.50 -8.19 7.83
CA SER A 28 -4.53 -9.39 8.67
C SER A 28 -3.14 -10.02 8.80
N LYS A 29 -2.44 -10.15 7.68
CA LYS A 29 -1.12 -10.76 7.66
C LYS A 29 -0.08 -9.98 8.45
N ILE A 30 -0.48 -8.88 9.08
CA ILE A 30 0.44 -8.08 9.88
C ILE A 30 0.51 -8.65 11.30
N GLN A 31 0.27 -9.96 11.43
CA GLN A 31 0.30 -10.63 12.73
C GLN A 31 1.67 -11.25 12.99
N ALA A 32 2.69 -10.76 12.28
CA ALA A 32 4.04 -11.27 12.44
C ALA A 32 4.91 -10.25 13.16
N ALA A 33 5.39 -9.25 12.43
CA ALA A 33 6.22 -8.20 13.02
C ALA A 33 5.46 -6.87 13.07
N PRO A 34 5.42 -6.23 14.25
CA PRO A 34 4.72 -4.95 14.42
C PRO A 34 5.41 -3.79 13.72
N GLY A 35 4.66 -2.72 13.45
CA GLY A 35 5.23 -1.55 12.79
C GLY A 35 4.22 -0.43 12.62
N ILE A 36 4.07 0.01 11.38
CA ILE A 36 3.12 1.07 11.03
C ILE A 36 1.72 0.47 10.96
N PRO A 37 0.65 1.25 11.22
CA PRO A 37 -0.71 0.69 11.18
C PRO A 37 -1.09 0.25 9.76
N PRO A 38 -1.98 -0.75 9.66
CA PRO A 38 -2.41 -1.30 8.36
C PRO A 38 -3.13 -0.29 7.46
N ASP A 39 -3.87 0.62 8.07
CA ASP A 39 -4.61 1.63 7.33
C ASP A 39 -3.70 2.77 6.86
N GLN A 40 -2.47 2.78 7.36
CA GLN A 40 -1.53 3.82 6.96
C GLN A 40 -0.88 3.50 5.62
N GLN A 41 -1.30 2.39 5.01
CA GLN A 41 -0.75 2.01 3.72
C GLN A 41 -1.83 1.94 2.65
N GLU A 42 -1.57 2.59 1.53
CA GLU A 42 -2.52 2.61 0.42
C GLU A 42 -1.79 2.80 -0.91
N LEU A 43 -2.41 2.36 -2.00
CA LEU A 43 -1.82 2.51 -3.32
C LEU A 43 -2.39 3.79 -3.94
N ILE A 44 -1.53 4.58 -4.57
CA ILE A 44 -1.98 5.83 -5.18
C ILE A 44 -1.21 6.15 -6.47
N PHE A 45 -1.95 6.46 -7.54
CA PHE A 45 -1.34 6.83 -8.81
C PHE A 45 -1.02 8.32 -8.82
N ALA A 46 -0.81 8.91 -7.64
CA ALA A 46 -0.52 10.34 -7.54
C ALA A 46 -1.75 11.14 -7.96
N GLY A 47 -2.19 10.93 -9.20
CA GLY A 47 -3.36 11.61 -9.71
C GLY A 47 -4.57 10.69 -9.80
N LYS A 48 -4.34 9.37 -9.63
CA LYS A 48 -5.44 8.42 -9.67
C LYS A 48 -5.46 7.61 -8.37
N GLN A 49 -6.50 7.84 -7.56
CA GLN A 49 -6.62 7.16 -6.27
C GLN A 49 -7.35 5.82 -6.41
N LEU A 50 -6.78 4.77 -5.82
CA LEU A 50 -7.37 3.44 -5.90
C LEU A 50 -8.39 3.21 -4.79
N GLU A 51 -9.21 2.18 -4.97
CA GLU A 51 -10.23 1.83 -3.99
C GLU A 51 -9.68 0.84 -2.95
N ASP A 52 -9.92 1.13 -1.68
CA ASP A 52 -9.45 0.27 -0.60
C ASP A 52 -10.25 -1.02 -0.52
N GLY A 53 -11.54 -0.95 -0.85
CA GLY A 53 -12.38 -2.13 -0.81
C GLY A 53 -12.27 -2.98 -2.08
N ARG A 54 -11.24 -2.73 -2.88
CA ARG A 54 -11.06 -3.50 -4.10
C ARG A 54 -10.14 -4.70 -3.88
N THR A 55 -10.19 -5.65 -4.81
CA THR A 55 -9.36 -6.84 -4.70
C THR A 55 -8.20 -6.77 -5.69
N LEU A 56 -7.22 -7.67 -5.56
CA LEU A 56 -6.08 -7.64 -6.46
C LEU A 56 -6.50 -7.86 -7.91
N SER A 57 -7.29 -8.91 -8.13
CA SER A 57 -7.77 -9.23 -9.47
C SER A 57 -8.47 -8.03 -10.10
N ASP A 58 -9.07 -7.20 -9.27
CA ASP A 58 -9.77 -6.01 -9.75
C ASP A 58 -8.79 -4.94 -10.21
N TYR A 59 -7.56 -4.98 -9.67
CA TYR A 59 -6.54 -4.01 -10.04
C TYR A 59 -5.18 -4.69 -10.26
N ASN A 60 -5.22 -5.91 -10.79
CA ASN A 60 -4.02 -6.69 -11.05
C ASN A 60 -3.61 -6.57 -12.51
N ILE A 61 -2.56 -5.79 -12.74
CA ILE A 61 -2.03 -5.56 -14.07
C ILE A 61 -1.08 -6.70 -14.47
N GLN A 62 -0.66 -6.68 -15.73
CA GLN A 62 0.23 -7.70 -16.27
C GLN A 62 1.56 -7.72 -15.51
N LYS A 63 2.57 -8.33 -16.12
CA LYS A 63 3.91 -8.41 -15.52
C LYS A 63 4.70 -7.15 -15.82
N GLU A 64 5.59 -6.76 -14.90
CA GLU A 64 6.40 -5.57 -15.05
C GLU A 64 5.51 -4.34 -14.98
N SER A 65 5.21 -3.93 -13.75
CA SER A 65 4.37 -2.77 -13.49
C SER A 65 4.75 -2.14 -12.16
N THR A 66 5.17 -0.88 -12.20
CA THR A 66 5.56 -0.17 -10.99
C THR A 66 4.35 0.20 -10.14
N LEU A 67 4.47 -0.03 -8.84
CA LEU A 67 3.40 0.29 -7.91
C LEU A 67 3.79 1.49 -7.07
N HIS A 68 2.82 2.34 -6.74
CA HIS A 68 3.09 3.53 -5.95
C HIS A 68 2.30 3.52 -4.64
N LEU A 69 3.01 3.50 -3.52
CA LEU A 69 2.37 3.51 -2.22
C LEU A 69 2.86 4.69 -1.39
N VAL A 70 1.93 5.54 -0.98
CA VAL A 70 2.26 6.72 -0.20
C VAL A 70 1.70 6.65 1.20
N LEU A 71 2.45 7.20 2.16
CA LEU A 71 2.03 7.17 3.56
C LEU A 71 1.71 8.57 4.08
N ARG A 72 0.45 8.96 3.97
CA ARG A 72 0.00 10.27 4.45
C ARG A 72 -0.52 10.16 5.88
N LEU A 73 -0.24 11.18 6.70
CA LEU A 73 -0.69 11.18 8.08
C LEU A 73 -2.15 11.57 8.18
N ARG A 74 -2.87 10.94 9.12
CA ARG A 74 -4.29 11.22 9.32
C ARG A 74 -4.63 11.28 10.80
N GLY A 75 -3.61 11.39 11.65
CA GLY A 75 -3.84 11.44 13.07
C GLY A 75 -4.38 12.78 13.53
N GLY A 76 -5.66 12.79 13.89
CA GLY A 76 -6.31 14.02 14.35
C GLY A 76 -5.85 15.27 13.61
N HIS A 77 -5.73 16.38 14.33
CA HIS A 77 -5.29 17.63 13.73
C HIS A 77 -4.20 18.29 14.55
N HIS A 78 -3.49 19.23 13.95
CA HIS A 78 -2.42 19.95 14.62
C HIS A 78 -2.84 21.36 15.02
N HIS A 79 -2.87 21.61 16.32
CA HIS A 79 -3.25 22.92 16.84
C HIS A 79 -2.02 23.79 17.07
N HIS A 80 -2.17 25.09 16.84
CA HIS A 80 -1.06 26.03 17.01
C HIS A 80 -0.94 26.47 18.47
N HIS A 81 0.09 25.97 19.15
CA HIS A 81 0.32 26.29 20.56
C HIS A 81 1.38 27.40 20.71
N HIS A 82 0.96 28.54 21.23
CA HIS A 82 1.86 29.68 21.44
C HIS A 82 2.75 29.46 22.66
N MET A 1 7.52 -14.79 -11.33
CA MET A 1 7.20 -13.34 -11.49
C MET A 1 7.83 -12.50 -10.38
N GLN A 2 7.75 -11.18 -10.53
CA GLN A 2 8.31 -10.27 -9.54
C GLN A 2 7.96 -8.83 -9.88
N ILE A 3 7.51 -8.10 -8.88
CA ILE A 3 7.14 -6.69 -9.05
C ILE A 3 7.96 -5.78 -8.14
N PHE A 4 7.84 -4.47 -8.35
CA PHE A 4 8.55 -3.51 -7.54
C PHE A 4 7.56 -2.71 -6.72
N VAL A 5 7.93 -2.41 -5.48
CA VAL A 5 7.06 -1.65 -4.59
C VAL A 5 7.86 -0.65 -3.77
N LYS A 6 7.59 0.63 -3.98
CA LYS A 6 8.29 1.67 -3.25
C LYS A 6 7.53 2.06 -1.98
N THR A 7 8.21 1.97 -0.84
CA THR A 7 7.61 2.32 0.44
C THR A 7 7.84 3.80 0.76
N LEU A 8 7.43 4.21 1.95
CA LEU A 8 7.59 5.61 2.36
C LEU A 8 9.03 5.89 2.75
N THR A 9 9.78 4.83 3.08
CA THR A 9 11.17 4.98 3.47
C THR A 9 12.10 4.93 2.24
N GLY A 10 11.54 4.54 1.10
CA GLY A 10 12.34 4.45 -0.12
C GLY A 10 12.76 3.02 -0.41
N ALA A 11 12.50 2.14 0.54
CA ALA A 11 12.85 0.72 0.40
C ALA A 11 11.85 -0.04 -0.46
N THR A 12 12.34 -0.58 -1.58
CA THR A 12 11.49 -1.34 -2.48
C THR A 12 11.31 -2.76 -1.95
N ILE A 13 10.07 -3.25 -1.95
CA ILE A 13 9.78 -4.60 -1.47
C ILE A 13 9.31 -5.50 -2.61
N THR A 14 9.82 -6.72 -2.61
CA THR A 14 9.46 -7.70 -3.64
C THR A 14 8.33 -8.60 -3.15
N LEU A 15 7.26 -8.69 -3.93
CA LEU A 15 6.12 -9.50 -3.54
C LEU A 15 5.52 -10.27 -4.72
N GLU A 16 4.73 -11.27 -4.39
CA GLU A 16 4.05 -12.11 -5.38
C GLU A 16 2.57 -11.75 -5.42
N VAL A 17 2.03 -11.55 -6.61
CA VAL A 17 0.64 -11.15 -6.75
C VAL A 17 -0.31 -12.35 -6.83
N GLU A 18 -1.43 -12.23 -6.11
CA GLU A 18 -2.45 -13.27 -6.07
C GLU A 18 -3.81 -12.71 -6.50
N SER A 19 -4.64 -13.56 -7.08
CA SER A 19 -5.97 -13.15 -7.51
C SER A 19 -6.86 -12.86 -6.30
N SER A 20 -6.66 -13.65 -5.25
CA SER A 20 -7.45 -13.51 -4.03
C SER A 20 -6.85 -12.50 -3.06
N ASP A 21 -5.80 -11.80 -3.47
CA ASP A 21 -5.15 -10.81 -2.61
C ASP A 21 -5.90 -9.49 -2.67
N THR A 22 -6.38 -9.02 -1.52
CA THR A 22 -7.12 -7.76 -1.47
C THR A 22 -6.45 -6.76 -0.54
N ILE A 23 -6.81 -5.49 -0.68
CA ILE A 23 -6.25 -4.43 0.14
C ILE A 23 -6.40 -4.73 1.63
N ASP A 24 -7.35 -5.60 1.96
CA ASP A 24 -7.59 -5.99 3.35
C ASP A 24 -6.63 -7.08 3.78
N ASN A 25 -6.50 -8.10 2.93
CA ASN A 25 -5.63 -9.24 3.20
C ASN A 25 -4.20 -8.78 3.45
N VAL A 26 -3.70 -7.90 2.57
CA VAL A 26 -2.34 -7.39 2.69
C VAL A 26 -2.13 -6.74 4.05
N LYS A 27 -3.17 -6.08 4.54
CA LYS A 27 -3.10 -5.38 5.80
C LYS A 27 -2.78 -6.34 6.96
N SER A 28 -3.50 -7.44 7.02
CA SER A 28 -3.30 -8.42 8.07
C SER A 28 -1.85 -8.91 8.11
N LYS A 29 -1.19 -8.91 6.96
CA LYS A 29 0.19 -9.39 6.86
C LYS A 29 1.14 -8.62 7.79
N ILE A 30 0.67 -7.55 8.41
CA ILE A 30 1.52 -6.80 9.34
C ILE A 30 1.56 -7.50 10.70
N GLN A 31 1.42 -8.82 10.69
CA GLN A 31 1.46 -9.60 11.93
C GLN A 31 2.84 -10.18 12.18
N ALA A 32 3.85 -9.67 11.46
CA ALA A 32 5.22 -10.14 11.62
C ALA A 32 6.23 -8.99 11.70
N ALA A 33 5.79 -7.79 11.38
CA ALA A 33 6.66 -6.62 11.41
C ALA A 33 5.98 -5.43 12.08
N PRO A 34 6.18 -5.27 13.40
CA PRO A 34 5.61 -4.15 14.16
C PRO A 34 6.36 -2.85 13.93
N GLY A 35 5.68 -1.73 14.10
CA GLY A 35 6.32 -0.44 13.91
C GLY A 35 5.44 0.54 13.16
N ILE A 36 4.66 0.02 12.22
CA ILE A 36 3.76 0.85 11.44
C ILE A 36 2.35 0.30 11.45
N PRO A 37 1.35 1.19 11.53
CA PRO A 37 -0.05 0.80 11.54
C PRO A 37 -0.46 0.19 10.20
N PRO A 38 -1.58 -0.54 10.18
CA PRO A 38 -2.06 -1.22 8.97
C PRO A 38 -2.89 -0.33 8.03
N ASP A 39 -3.69 0.55 8.60
CA ASP A 39 -4.54 1.46 7.83
C ASP A 39 -3.75 2.64 7.28
N GLN A 40 -2.51 2.75 7.71
CA GLN A 40 -1.64 3.84 7.27
C GLN A 40 -0.90 3.47 6.00
N GLN A 41 -1.25 2.33 5.41
CA GLN A 41 -0.60 1.91 4.18
C GLN A 41 -1.63 1.77 3.06
N GLU A 42 -1.36 2.39 1.93
CA GLU A 42 -2.27 2.34 0.79
C GLU A 42 -1.51 2.52 -0.52
N LEU A 43 -2.08 2.00 -1.60
CA LEU A 43 -1.47 2.14 -2.92
C LEU A 43 -2.13 3.34 -3.60
N ILE A 44 -1.33 4.15 -4.29
CA ILE A 44 -1.87 5.32 -4.97
C ILE A 44 -1.14 5.62 -6.28
N PHE A 45 -1.89 5.91 -7.33
CA PHE A 45 -1.28 6.26 -8.62
C PHE A 45 -0.96 7.76 -8.66
N ALA A 46 -0.75 8.37 -7.50
CA ALA A 46 -0.46 9.81 -7.42
C ALA A 46 -1.67 10.61 -7.89
N GLY A 47 -2.03 10.42 -9.15
CA GLY A 47 -3.19 11.11 -9.70
C GLY A 47 -4.38 10.17 -9.79
N LYS A 48 -4.14 8.86 -9.60
CA LYS A 48 -5.22 7.88 -9.62
C LYS A 48 -5.27 7.14 -8.29
N GLN A 49 -6.33 7.40 -7.52
CA GLN A 49 -6.48 6.77 -6.21
C GLN A 49 -7.20 5.44 -6.29
N LEU A 50 -6.64 4.42 -5.65
CA LEU A 50 -7.21 3.09 -5.66
C LEU A 50 -8.24 2.92 -4.55
N GLU A 51 -9.24 2.10 -4.81
CA GLU A 51 -10.30 1.85 -3.84
C GLU A 51 -9.94 0.69 -2.92
N ASP A 52 -9.85 0.98 -1.62
CA ASP A 52 -9.50 -0.03 -0.62
C ASP A 52 -10.45 -1.22 -0.68
N GLY A 53 -11.68 -0.98 -1.13
CA GLY A 53 -12.66 -2.05 -1.23
C GLY A 53 -12.48 -2.86 -2.50
N ARG A 54 -11.45 -2.55 -3.28
CA ARG A 54 -11.18 -3.27 -4.52
C ARG A 54 -10.30 -4.48 -4.28
N THR A 55 -10.33 -5.43 -5.21
CA THR A 55 -9.51 -6.63 -5.09
C THR A 55 -8.41 -6.64 -6.14
N LEU A 56 -7.48 -7.58 -6.03
CA LEU A 56 -6.38 -7.63 -6.99
C LEU A 56 -6.86 -7.97 -8.39
N SER A 57 -7.58 -9.07 -8.50
CA SER A 57 -8.08 -9.52 -9.79
C SER A 57 -8.90 -8.43 -10.46
N ASP A 58 -9.53 -7.60 -9.63
CA ASP A 58 -10.33 -6.48 -10.13
C ASP A 58 -9.45 -5.39 -10.71
N TYR A 59 -8.18 -5.34 -10.28
CA TYR A 59 -7.24 -4.34 -10.77
C TYR A 59 -5.88 -4.97 -11.07
N ASN A 60 -5.91 -6.22 -11.54
CA ASN A 60 -4.69 -6.96 -11.88
C ASN A 60 -4.36 -6.80 -13.36
N ILE A 61 -3.40 -5.93 -13.62
CA ILE A 61 -2.92 -5.65 -14.97
C ILE A 61 -1.73 -6.57 -15.32
N GLN A 62 -1.18 -6.42 -16.52
CA GLN A 62 -0.06 -7.24 -16.96
C GLN A 62 1.20 -6.93 -16.14
N LYS A 63 1.80 -7.98 -15.60
CA LYS A 63 3.01 -7.86 -14.78
C LYS A 63 4.00 -6.85 -15.38
N GLU A 64 5.01 -6.48 -14.58
CA GLU A 64 6.02 -5.51 -15.00
C GLU A 64 5.43 -4.12 -15.05
N SER A 65 5.30 -3.51 -13.87
CA SER A 65 4.75 -2.19 -13.72
C SER A 65 5.12 -1.64 -12.34
N THR A 66 5.63 -0.42 -12.31
CA THR A 66 6.02 0.21 -11.05
C THR A 66 4.80 0.53 -10.20
N LEU A 67 4.92 0.29 -8.90
CA LEU A 67 3.84 0.57 -7.97
C LEU A 67 4.16 1.79 -7.11
N HIS A 68 3.14 2.57 -6.77
CA HIS A 68 3.35 3.77 -5.96
C HIS A 68 2.57 3.71 -4.64
N LEU A 69 3.28 3.69 -3.52
CA LEU A 69 2.63 3.66 -2.22
C LEU A 69 2.98 4.91 -1.42
N VAL A 70 1.97 5.69 -1.06
CA VAL A 70 2.17 6.91 -0.29
C VAL A 70 1.54 6.83 1.10
N LEU A 71 2.11 7.56 2.05
CA LEU A 71 1.60 7.57 3.41
C LEU A 71 1.29 8.99 3.87
N ARG A 72 0.07 9.44 3.64
CA ARG A 72 -0.34 10.78 4.04
C ARG A 72 -0.81 10.77 5.49
N LEU A 73 -0.62 11.89 6.19
CA LEU A 73 -1.04 11.99 7.58
C LEU A 73 -2.50 12.41 7.67
N ARG A 74 -3.22 11.82 8.62
CA ARG A 74 -4.63 12.13 8.81
C ARG A 74 -5.01 12.11 10.29
N GLY A 75 -4.00 12.14 11.15
CA GLY A 75 -4.26 12.12 12.59
C GLY A 75 -4.55 13.50 13.15
N GLY A 76 -4.18 13.69 14.42
CA GLY A 76 -4.41 14.97 15.07
C GLY A 76 -3.26 15.94 14.87
N HIS A 77 -3.59 17.21 14.58
CA HIS A 77 -2.58 18.23 14.36
C HIS A 77 -2.05 18.78 15.68
N HIS A 78 -0.99 19.58 15.60
CA HIS A 78 -0.38 20.18 16.79
C HIS A 78 0.11 21.59 16.48
N HIS A 79 -0.39 22.57 17.23
CA HIS A 79 0.01 23.96 17.04
C HIS A 79 1.38 24.24 17.65
N HIS A 80 2.16 25.07 16.97
CA HIS A 80 3.50 25.42 17.46
C HIS A 80 3.41 26.26 18.74
N HIS A 81 4.21 25.89 19.73
CA HIS A 81 4.23 26.60 21.01
C HIS A 81 5.22 27.76 20.99
N HIS A 82 4.73 28.98 21.17
CA HIS A 82 5.58 30.16 21.18
C HIS A 82 6.23 30.34 22.55
N MET A 1 5.60 -14.71 -10.31
CA MET A 1 5.73 -13.34 -10.86
C MET A 1 6.75 -12.53 -10.07
N GLN A 2 6.87 -11.24 -10.42
CA GLN A 2 7.81 -10.36 -9.75
C GLN A 2 7.49 -8.91 -10.06
N ILE A 3 7.19 -8.13 -9.03
CA ILE A 3 6.88 -6.72 -9.20
C ILE A 3 7.82 -5.83 -8.40
N PHE A 4 7.83 -4.54 -8.71
CA PHE A 4 8.66 -3.57 -8.01
C PHE A 4 7.78 -2.53 -7.35
N VAL A 5 8.07 -2.21 -6.08
CA VAL A 5 7.26 -1.24 -5.35
C VAL A 5 8.11 -0.36 -4.45
N LYS A 6 8.03 0.94 -4.67
CA LYS A 6 8.80 1.89 -3.88
C LYS A 6 7.99 2.36 -2.66
N THR A 7 8.59 2.24 -1.49
CA THR A 7 7.94 2.63 -0.24
C THR A 7 8.22 4.08 0.09
N LEU A 8 7.77 4.53 1.25
CA LEU A 8 7.98 5.92 1.65
C LEU A 8 9.43 6.15 2.11
N THR A 9 10.11 5.06 2.43
CA THR A 9 11.50 5.14 2.86
C THR A 9 12.45 5.15 1.67
N GLY A 10 11.92 4.90 0.47
CA GLY A 10 12.75 4.86 -0.72
C GLY A 10 13.20 3.45 -1.05
N ALA A 11 12.96 2.54 -0.11
CA ALA A 11 13.36 1.13 -0.26
C ALA A 11 12.33 0.31 -1.04
N THR A 12 12.72 -0.16 -2.21
CA THR A 12 11.83 -0.97 -3.04
C THR A 12 11.86 -2.42 -2.55
N ILE A 13 10.68 -3.03 -2.44
CA ILE A 13 10.59 -4.41 -1.97
C ILE A 13 10.02 -5.34 -3.03
N THR A 14 10.49 -6.58 -3.01
CA THR A 14 10.04 -7.60 -3.95
C THR A 14 8.93 -8.43 -3.34
N LEU A 15 7.79 -8.55 -4.01
CA LEU A 15 6.67 -9.30 -3.48
C LEU A 15 5.94 -10.11 -4.56
N GLU A 16 5.15 -11.07 -4.09
CA GLU A 16 4.37 -11.92 -4.98
C GLU A 16 2.89 -11.59 -4.86
N VAL A 17 2.23 -11.35 -5.98
CA VAL A 17 0.81 -10.99 -5.95
C VAL A 17 -0.09 -12.22 -5.97
N GLU A 18 -1.38 -11.99 -5.71
CA GLU A 18 -2.37 -13.05 -5.68
C GLU A 18 -3.74 -12.52 -6.06
N SER A 19 -4.57 -13.38 -6.63
CA SER A 19 -5.92 -13.00 -7.02
C SER A 19 -6.74 -12.72 -5.77
N SER A 20 -6.50 -13.52 -4.74
CA SER A 20 -7.21 -13.38 -3.47
C SER A 20 -6.62 -12.26 -2.61
N ASP A 21 -5.68 -11.49 -3.18
CA ASP A 21 -5.03 -10.40 -2.45
C ASP A 21 -5.90 -9.14 -2.47
N THR A 22 -6.46 -8.80 -1.31
CA THR A 22 -7.30 -7.63 -1.19
C THR A 22 -6.70 -6.62 -0.22
N ILE A 23 -7.30 -5.44 -0.17
CA ILE A 23 -6.84 -4.38 0.72
C ILE A 23 -6.86 -4.84 2.18
N ASP A 24 -7.71 -5.82 2.47
CA ASP A 24 -7.82 -6.35 3.82
C ASP A 24 -6.71 -7.37 4.10
N ASN A 25 -6.42 -8.20 3.10
CA ASN A 25 -5.39 -9.24 3.23
C ASN A 25 -4.04 -8.63 3.61
N VAL A 26 -3.73 -7.49 3.01
CA VAL A 26 -2.46 -6.81 3.29
C VAL A 26 -2.32 -6.47 4.76
N LYS A 27 -3.41 -5.98 5.34
CA LYS A 27 -3.43 -5.59 6.76
C LYS A 27 -3.19 -6.77 7.68
N SER A 28 -3.87 -7.89 7.41
CA SER A 28 -3.73 -9.09 8.24
C SER A 28 -2.30 -9.61 8.28
N LYS A 29 -1.69 -9.75 7.11
CA LYS A 29 -0.34 -10.26 7.01
C LYS A 29 0.69 -9.35 7.67
N ILE A 30 0.22 -8.25 8.29
CA ILE A 30 1.13 -7.34 8.96
C ILE A 30 1.29 -7.76 10.43
N GLN A 31 1.05 -9.04 10.70
CA GLN A 31 1.16 -9.57 12.05
C GLN A 31 2.59 -10.01 12.35
N ALA A 32 3.56 -9.34 11.73
CA ALA A 32 4.96 -9.68 11.92
C ALA A 32 5.68 -8.67 12.80
N ALA A 33 6.13 -7.57 12.20
CA ALA A 33 6.84 -6.53 12.94
C ALA A 33 6.05 -5.22 13.02
N PRO A 34 5.76 -4.74 14.24
CA PRO A 34 5.00 -3.50 14.43
C PRO A 34 5.82 -2.26 14.05
N GLY A 35 5.16 -1.11 13.95
CA GLY A 35 5.85 0.12 13.59
C GLY A 35 4.99 1.05 12.75
N ILE A 36 4.29 0.49 11.78
CA ILE A 36 3.44 1.27 10.90
C ILE A 36 1.98 0.82 11.01
N PRO A 37 1.02 1.75 10.90
CA PRO A 37 -0.42 1.43 10.97
C PRO A 37 -0.87 0.59 9.78
N PRO A 38 -1.17 -0.71 9.99
CA PRO A 38 -1.61 -1.60 8.91
C PRO A 38 -2.78 -1.03 8.10
N ASP A 39 -3.69 -0.36 8.80
CA ASP A 39 -4.85 0.25 8.16
C ASP A 39 -4.49 1.56 7.47
N GLN A 40 -3.23 1.98 7.59
CA GLN A 40 -2.77 3.21 6.97
C GLN A 40 -2.04 2.94 5.67
N GLN A 41 -1.73 1.66 5.42
CA GLN A 41 -1.02 1.29 4.18
C GLN A 41 -2.00 1.27 3.01
N GLU A 42 -1.62 1.96 1.93
CA GLU A 42 -2.46 2.02 0.73
C GLU A 42 -1.64 2.29 -0.53
N LEU A 43 -2.19 1.92 -1.68
CA LEU A 43 -1.54 2.16 -2.97
C LEU A 43 -2.07 3.47 -3.52
N ILE A 44 -1.20 4.29 -4.11
CA ILE A 44 -1.62 5.56 -4.66
C ILE A 44 -0.83 5.95 -5.91
N PHE A 45 -1.55 6.32 -6.96
CA PHE A 45 -0.91 6.74 -8.21
C PHE A 45 -0.59 8.23 -8.16
N ALA A 46 -0.51 8.80 -6.96
CA ALA A 46 -0.24 10.22 -6.80
C ALA A 46 -1.43 11.04 -7.26
N GLY A 47 -1.82 10.83 -8.50
CA GLY A 47 -2.97 11.52 -9.04
C GLY A 47 -4.15 10.57 -9.22
N LYS A 48 -3.91 9.28 -9.01
CA LYS A 48 -4.96 8.27 -9.12
C LYS A 48 -5.01 7.45 -7.83
N GLN A 49 -6.07 7.64 -7.05
CA GLN A 49 -6.23 6.94 -5.78
C GLN A 49 -6.98 5.63 -5.95
N LEU A 50 -6.47 4.58 -5.32
CA LEU A 50 -7.10 3.26 -5.42
C LEU A 50 -8.30 3.12 -4.50
N GLU A 51 -9.14 2.14 -4.81
CA GLU A 51 -10.34 1.87 -4.02
C GLU A 51 -10.08 0.71 -3.05
N ASP A 52 -10.21 0.99 -1.76
CA ASP A 52 -9.98 -0.01 -0.71
C ASP A 52 -10.87 -1.24 -0.91
N GLY A 53 -12.06 -1.02 -1.45
CA GLY A 53 -12.98 -2.11 -1.70
C GLY A 53 -12.69 -2.82 -3.01
N ARG A 54 -11.54 -2.55 -3.60
CA ARG A 54 -11.16 -3.20 -4.85
C ARG A 54 -10.25 -4.39 -4.60
N THR A 55 -10.28 -5.36 -5.51
CA THR A 55 -9.46 -6.55 -5.38
C THR A 55 -8.26 -6.53 -6.32
N LEU A 56 -7.38 -7.52 -6.18
CA LEU A 56 -6.18 -7.59 -7.02
C LEU A 56 -6.56 -7.68 -8.49
N SER A 57 -7.40 -8.67 -8.82
CA SER A 57 -7.84 -8.87 -10.20
C SER A 57 -8.48 -7.61 -10.77
N ASP A 58 -9.10 -6.83 -9.89
CA ASP A 58 -9.75 -5.59 -10.30
C ASP A 58 -8.74 -4.60 -10.89
N TYR A 59 -7.47 -4.74 -10.48
CA TYR A 59 -6.41 -3.87 -10.99
C TYR A 59 -5.12 -4.64 -11.21
N ASN A 60 -5.26 -5.92 -11.56
CA ASN A 60 -4.11 -6.77 -11.83
C ASN A 60 -4.12 -7.22 -13.29
N ILE A 61 -3.24 -6.61 -14.08
CA ILE A 61 -3.15 -6.92 -15.49
C ILE A 61 -1.92 -7.78 -15.82
N GLN A 62 -1.30 -7.52 -16.97
CA GLN A 62 -0.13 -8.27 -17.43
C GLN A 62 1.07 -8.09 -16.47
N LYS A 63 2.28 -8.26 -17.01
CA LYS A 63 3.50 -8.11 -16.23
C LYS A 63 4.18 -6.79 -16.51
N GLU A 64 5.11 -6.40 -15.64
CA GLU A 64 5.82 -5.13 -15.78
C GLU A 64 4.86 -3.98 -15.52
N SER A 65 4.72 -3.64 -14.25
CA SER A 65 3.84 -2.57 -13.82
C SER A 65 4.28 -2.04 -12.46
N THR A 66 4.76 -0.81 -12.44
CA THR A 66 5.24 -0.18 -11.20
C THR A 66 4.09 0.06 -10.23
N LEU A 67 4.38 -0.12 -8.94
CA LEU A 67 3.39 0.09 -7.88
C LEU A 67 3.90 1.14 -6.89
N HIS A 68 3.04 2.09 -6.51
CA HIS A 68 3.44 3.13 -5.58
C HIS A 68 2.57 3.12 -4.34
N LEU A 69 3.20 3.02 -3.17
CA LEU A 69 2.48 3.03 -1.91
C LEU A 69 2.90 4.23 -1.09
N VAL A 70 1.95 5.11 -0.79
CA VAL A 70 2.23 6.30 -0.02
C VAL A 70 1.53 6.30 1.33
N LEU A 71 2.12 6.97 2.30
CA LEU A 71 1.55 7.05 3.64
C LEU A 71 1.10 8.46 3.96
N ARG A 72 0.39 8.62 5.08
CA ARG A 72 -0.10 9.92 5.49
C ARG A 72 -0.81 9.84 6.83
N LEU A 73 -0.70 10.88 7.63
CA LEU A 73 -1.35 10.92 8.93
C LEU A 73 -2.73 11.56 8.83
N ARG A 74 -3.67 11.01 9.58
CA ARG A 74 -5.04 11.50 9.57
C ARG A 74 -5.69 11.34 10.94
N GLY A 75 -4.86 11.10 11.96
CA GLY A 75 -5.37 10.93 13.30
C GLY A 75 -5.55 12.25 14.03
N GLY A 76 -5.66 13.35 13.28
CA GLY A 76 -5.84 14.66 13.89
C GLY A 76 -4.80 15.66 13.43
N HIS A 77 -4.29 16.45 14.37
CA HIS A 77 -3.30 17.47 14.05
C HIS A 77 -1.95 17.13 14.71
N HIS A 78 -0.93 17.94 14.41
CA HIS A 78 0.40 17.73 14.95
C HIS A 78 0.97 19.05 15.46
N HIS A 79 1.88 18.97 16.42
CA HIS A 79 2.50 20.16 17.00
C HIS A 79 3.33 20.90 15.95
N HIS A 80 2.96 22.16 15.71
CA HIS A 80 3.67 22.98 14.74
C HIS A 80 4.98 23.49 15.32
N HIS A 81 6.10 23.10 14.71
CA HIS A 81 7.40 23.54 15.16
C HIS A 81 7.89 24.73 14.36
N HIS A 82 8.11 25.85 15.03
CA HIS A 82 8.58 27.07 14.39
C HIS A 82 10.10 27.16 14.42
N MET A 1 7.24 -14.69 -11.49
CA MET A 1 7.07 -13.23 -11.67
C MET A 1 7.91 -12.45 -10.68
N GLN A 2 7.82 -11.12 -10.75
CA GLN A 2 8.57 -10.25 -9.87
C GLN A 2 8.25 -8.79 -10.13
N ILE A 3 7.92 -8.07 -9.07
CA ILE A 3 7.58 -6.64 -9.17
C ILE A 3 8.49 -5.78 -8.29
N PHE A 4 8.42 -4.47 -8.50
CA PHE A 4 9.21 -3.52 -7.74
C PHE A 4 8.27 -2.57 -7.01
N VAL A 5 8.61 -2.24 -5.76
CA VAL A 5 7.78 -1.35 -4.97
C VAL A 5 8.60 -0.42 -4.09
N LYS A 6 8.30 0.88 -4.17
CA LYS A 6 9.01 1.89 -3.39
C LYS A 6 8.33 2.12 -2.05
N THR A 7 9.11 2.00 -0.97
CA THR A 7 8.58 2.19 0.37
C THR A 7 8.72 3.66 0.80
N LEU A 8 8.37 3.96 2.05
CA LEU A 8 8.42 5.32 2.53
C LEU A 8 9.86 5.73 2.82
N THR A 9 10.71 4.76 3.12
CA THR A 9 12.12 5.05 3.41
C THR A 9 12.96 5.10 2.13
N GLY A 10 12.35 4.73 1.00
CA GLY A 10 13.08 4.74 -0.26
C GLY A 10 13.56 3.36 -0.66
N ALA A 11 13.31 2.38 0.20
CA ALA A 11 13.73 1.01 -0.04
C ALA A 11 12.72 0.22 -0.87
N THR A 12 13.12 -0.18 -2.07
CA THR A 12 12.26 -0.95 -2.94
C THR A 12 12.19 -2.39 -2.45
N ILE A 13 10.99 -2.95 -2.38
CA ILE A 13 10.81 -4.32 -1.92
C ILE A 13 10.28 -5.22 -3.03
N THR A 14 10.80 -6.45 -3.07
CA THR A 14 10.39 -7.44 -4.07
C THR A 14 9.25 -8.31 -3.52
N LEU A 15 8.12 -8.33 -4.20
CA LEU A 15 6.99 -9.11 -3.74
C LEU A 15 6.27 -9.82 -4.89
N GLU A 16 5.47 -10.81 -4.51
CA GLU A 16 4.69 -11.58 -5.47
C GLU A 16 3.21 -11.25 -5.30
N VAL A 17 2.53 -10.94 -6.40
CA VAL A 17 1.12 -10.58 -6.33
C VAL A 17 0.21 -11.80 -6.40
N GLU A 18 -1.06 -11.60 -6.04
CA GLU A 18 -2.05 -12.66 -6.05
C GLU A 18 -3.43 -12.11 -6.38
N SER A 19 -4.27 -12.93 -6.99
CA SER A 19 -5.62 -12.50 -7.33
C SER A 19 -6.44 -12.29 -6.07
N SER A 20 -6.18 -13.12 -5.06
CA SER A 20 -6.88 -13.04 -3.78
C SER A 20 -6.33 -11.92 -2.90
N ASP A 21 -5.48 -11.07 -3.47
CA ASP A 21 -4.90 -9.97 -2.72
C ASP A 21 -5.85 -8.78 -2.70
N THR A 22 -6.39 -8.49 -1.52
CA THR A 22 -7.31 -7.38 -1.35
C THR A 22 -6.69 -6.28 -0.49
N ILE A 23 -7.42 -5.17 -0.35
CA ILE A 23 -6.94 -4.04 0.44
C ILE A 23 -6.94 -4.36 1.93
N ASP A 24 -7.79 -5.29 2.34
CA ASP A 24 -7.88 -5.70 3.75
C ASP A 24 -6.81 -6.75 4.07
N ASN A 25 -6.54 -7.60 3.08
CA ASN A 25 -5.56 -8.67 3.25
C ASN A 25 -4.20 -8.10 3.65
N VAL A 26 -3.85 -6.95 3.09
CA VAL A 26 -2.58 -6.31 3.41
C VAL A 26 -2.46 -6.05 4.90
N LYS A 27 -3.58 -5.72 5.52
CA LYS A 27 -3.63 -5.43 6.96
C LYS A 27 -3.19 -6.62 7.79
N SER A 28 -3.73 -7.80 7.48
CA SER A 28 -3.39 -9.01 8.22
C SER A 28 -1.90 -9.35 8.11
N LYS A 29 -1.36 -9.27 6.90
CA LYS A 29 0.04 -9.61 6.67
C LYS A 29 1.00 -8.63 7.32
N ILE A 30 0.49 -7.58 7.96
CA ILE A 30 1.35 -6.62 8.64
C ILE A 30 1.55 -7.04 10.08
N GLN A 31 1.35 -8.33 10.36
CA GLN A 31 1.51 -8.85 11.71
C GLN A 31 2.94 -9.32 11.96
N ALA A 32 3.91 -8.65 11.33
CA ALA A 32 5.30 -8.99 11.49
C ALA A 32 6.06 -7.97 12.33
N ALA A 33 6.43 -6.84 11.71
CA ALA A 33 7.15 -5.78 12.42
C ALA A 33 6.18 -4.76 13.02
N PRO A 34 6.26 -4.54 14.35
CA PRO A 34 5.38 -3.57 15.02
C PRO A 34 5.74 -2.12 14.70
N GLY A 35 5.00 -1.19 15.28
CA GLY A 35 5.26 0.22 15.04
C GLY A 35 4.32 0.83 14.03
N ILE A 36 4.55 0.53 12.76
CA ILE A 36 3.74 1.04 11.67
C ILE A 36 2.30 0.51 11.74
N PRO A 37 1.33 1.31 11.22
CA PRO A 37 -0.07 0.91 11.20
C PRO A 37 -0.44 0.14 9.94
N PRO A 38 -1.33 -0.87 10.05
CA PRO A 38 -1.75 -1.68 8.91
C PRO A 38 -2.88 -1.05 8.10
N ASP A 39 -3.76 -0.33 8.80
CA ASP A 39 -4.89 0.34 8.17
C ASP A 39 -4.44 1.64 7.51
N GLN A 40 -3.16 1.97 7.67
CA GLN A 40 -2.61 3.18 7.09
C GLN A 40 -1.82 2.88 5.83
N GLN A 41 -1.95 1.66 5.31
CA GLN A 41 -1.24 1.28 4.09
C GLN A 41 -2.21 1.03 2.94
N GLU A 42 -1.93 1.65 1.80
CA GLU A 42 -2.78 1.50 0.62
C GLU A 42 -1.99 1.72 -0.67
N LEU A 43 -2.50 1.20 -1.78
CA LEU A 43 -1.84 1.39 -3.07
C LEU A 43 -2.47 2.62 -3.74
N ILE A 44 -1.64 3.43 -4.38
CA ILE A 44 -2.14 4.62 -5.05
C ILE A 44 -1.31 4.97 -6.29
N PHE A 45 -1.99 5.34 -7.37
CA PHE A 45 -1.30 5.73 -8.59
C PHE A 45 -0.93 7.21 -8.52
N ALA A 46 -0.79 7.75 -7.31
CA ALA A 46 -0.45 9.16 -7.12
C ALA A 46 -1.61 10.02 -7.58
N GLY A 47 -1.91 9.96 -8.87
CA GLY A 47 -3.02 10.71 -9.40
C GLY A 47 -4.27 9.84 -9.52
N LYS A 48 -4.11 8.53 -9.31
CA LYS A 48 -5.25 7.62 -9.37
C LYS A 48 -5.32 6.82 -8.07
N GLN A 49 -6.35 7.10 -7.27
CA GLN A 49 -6.53 6.43 -5.99
C GLN A 49 -7.35 5.15 -6.13
N LEU A 50 -6.90 4.09 -5.47
CA LEU A 50 -7.59 2.80 -5.54
C LEU A 50 -8.67 2.68 -4.47
N GLU A 51 -9.64 1.81 -4.74
CA GLU A 51 -10.75 1.58 -3.80
C GLU A 51 -10.41 0.44 -2.86
N ASP A 52 -10.60 0.68 -1.57
CA ASP A 52 -10.32 -0.32 -0.54
C ASP A 52 -11.22 -1.55 -0.71
N GLY A 53 -12.44 -1.32 -1.17
CA GLY A 53 -13.36 -2.42 -1.37
C GLY A 53 -13.14 -3.11 -2.71
N ARG A 54 -12.07 -2.73 -3.41
CA ARG A 54 -11.78 -3.32 -4.70
C ARG A 54 -10.72 -4.41 -4.58
N THR A 55 -10.88 -5.48 -5.36
CA THR A 55 -9.93 -6.59 -5.31
C THR A 55 -8.87 -6.48 -6.40
N LEU A 56 -7.92 -7.40 -6.41
CA LEU A 56 -6.85 -7.37 -7.40
C LEU A 56 -7.41 -7.46 -8.82
N SER A 57 -8.26 -8.45 -9.05
CA SER A 57 -8.85 -8.68 -10.38
C SER A 57 -9.54 -7.42 -10.90
N ASP A 58 -10.05 -6.61 -9.99
CA ASP A 58 -10.76 -5.38 -10.37
C ASP A 58 -9.81 -4.36 -10.97
N TYR A 59 -8.52 -4.46 -10.64
CA TYR A 59 -7.53 -3.52 -11.17
C TYR A 59 -6.18 -4.21 -11.34
N ASN A 60 -6.22 -5.47 -11.75
CA ASN A 60 -5.01 -6.25 -11.97
C ASN A 60 -4.63 -6.24 -13.44
N ILE A 61 -3.56 -5.52 -13.72
CA ILE A 61 -3.03 -5.39 -15.08
C ILE A 61 -2.14 -6.58 -15.42
N GLN A 62 -1.30 -6.43 -16.44
CA GLN A 62 -0.40 -7.49 -16.87
C GLN A 62 1.01 -7.25 -16.35
N LYS A 63 1.77 -8.35 -16.25
CA LYS A 63 3.15 -8.33 -15.76
C LYS A 63 3.92 -7.10 -16.25
N GLU A 64 4.92 -6.70 -15.46
CA GLU A 64 5.75 -5.54 -15.79
C GLU A 64 4.97 -4.25 -15.56
N SER A 65 4.91 -3.82 -14.31
CA SER A 65 4.20 -2.61 -13.93
C SER A 65 4.63 -2.12 -12.55
N THR A 66 5.09 -0.88 -12.49
CA THR A 66 5.54 -0.28 -11.23
C THR A 66 4.37 -0.05 -10.27
N LEU A 67 4.63 -0.28 -8.98
CA LEU A 67 3.61 -0.08 -7.96
C LEU A 67 4.04 1.03 -7.01
N HIS A 68 3.09 1.87 -6.61
CA HIS A 68 3.38 2.97 -5.70
C HIS A 68 2.57 2.85 -4.41
N LEU A 69 3.27 2.79 -3.28
CA LEU A 69 2.61 2.69 -1.98
C LEU A 69 2.99 3.90 -1.13
N VAL A 70 1.98 4.67 -0.73
CA VAL A 70 2.20 5.86 0.09
C VAL A 70 1.60 5.72 1.48
N LEU A 71 2.14 6.46 2.45
CA LEU A 71 1.66 6.39 3.82
C LEU A 71 1.23 7.77 4.33
N ARG A 72 0.12 8.27 3.81
CA ARG A 72 -0.40 9.56 4.24
C ARG A 72 -1.27 9.41 5.47
N LEU A 73 -1.29 10.42 6.33
CA LEU A 73 -2.10 10.35 7.55
C LEU A 73 -3.44 11.06 7.35
N ARG A 74 -4.49 10.49 7.94
CA ARG A 74 -5.83 11.06 7.83
C ARG A 74 -6.65 10.80 9.09
N GLY A 75 -5.97 10.42 10.16
CA GLY A 75 -6.64 10.14 11.41
C GLY A 75 -6.88 11.38 12.25
N GLY A 76 -6.99 12.54 11.61
CA GLY A 76 -7.23 13.76 12.33
C GLY A 76 -6.31 14.89 11.89
N HIS A 77 -5.87 15.72 12.84
CA HIS A 77 -5.00 16.84 12.53
C HIS A 77 -3.68 16.73 13.28
N HIS A 78 -2.77 17.68 13.01
CA HIS A 78 -1.47 17.71 13.66
C HIS A 78 -1.13 19.14 14.10
N HIS A 79 -0.90 19.30 15.40
CA HIS A 79 -0.58 20.61 15.95
C HIS A 79 0.90 20.93 15.78
N HIS A 80 1.19 22.05 15.12
CA HIS A 80 2.56 22.49 14.88
C HIS A 80 2.99 23.48 15.95
N HIS A 81 4.21 23.33 16.44
CA HIS A 81 4.73 24.22 17.48
C HIS A 81 5.50 25.39 16.86
N HIS A 82 4.80 26.51 16.68
CA HIS A 82 5.41 27.70 16.08
C HIS A 82 6.32 28.40 17.10
N MET A 1 8.57 -13.67 -11.86
CA MET A 1 7.58 -12.59 -11.69
C MET A 1 7.73 -11.90 -10.34
N GLN A 2 8.42 -10.77 -10.34
CA GLN A 2 8.63 -10.00 -9.10
C GLN A 2 8.61 -8.50 -9.37
N ILE A 3 7.47 -7.88 -9.09
CA ILE A 3 7.31 -6.44 -9.31
C ILE A 3 8.10 -5.64 -8.28
N PHE A 4 8.17 -4.32 -8.49
CA PHE A 4 8.91 -3.44 -7.59
C PHE A 4 7.97 -2.50 -6.87
N VAL A 5 8.26 -2.23 -5.60
CA VAL A 5 7.43 -1.33 -4.80
C VAL A 5 8.29 -0.44 -3.91
N LYS A 6 8.09 0.87 -4.03
CA LYS A 6 8.84 1.84 -3.24
C LYS A 6 8.14 2.14 -1.93
N THR A 7 8.89 2.03 -0.84
CA THR A 7 8.36 2.30 0.49
C THR A 7 8.56 3.75 0.87
N LEU A 8 8.21 4.10 2.11
CA LEU A 8 8.34 5.47 2.58
C LEU A 8 9.80 5.80 2.91
N THR A 9 10.60 4.77 3.13
CA THR A 9 12.00 4.95 3.46
C THR A 9 12.86 5.05 2.19
N GLY A 10 12.25 4.78 1.03
CA GLY A 10 12.98 4.83 -0.22
C GLY A 10 13.45 3.45 -0.64
N ALA A 11 13.30 2.48 0.26
CA ALA A 11 13.70 1.11 0.00
C ALA A 11 12.66 0.33 -0.80
N THR A 12 13.03 -0.04 -2.03
CA THR A 12 12.13 -0.81 -2.88
C THR A 12 12.29 -2.29 -2.58
N ILE A 13 11.19 -3.02 -2.52
CA ILE A 13 11.24 -4.44 -2.23
C ILE A 13 10.57 -5.27 -3.33
N THR A 14 10.91 -6.56 -3.34
CA THR A 14 10.35 -7.49 -4.32
C THR A 14 9.19 -8.28 -3.71
N LEU A 15 8.03 -8.23 -4.36
CA LEU A 15 6.86 -8.93 -3.85
C LEU A 15 6.08 -9.61 -4.98
N GLU A 16 5.25 -10.57 -4.60
CA GLU A 16 4.44 -11.33 -5.54
C GLU A 16 2.96 -11.09 -5.28
N VAL A 17 2.19 -10.85 -6.35
CA VAL A 17 0.77 -10.59 -6.20
C VAL A 17 -0.06 -11.87 -6.24
N GLU A 18 -1.34 -11.74 -5.90
CA GLU A 18 -2.25 -12.88 -5.89
C GLU A 18 -3.66 -12.44 -6.25
N SER A 19 -4.42 -13.32 -6.87
CA SER A 19 -5.80 -13.02 -7.24
C SER A 19 -6.62 -12.85 -5.97
N SER A 20 -6.33 -13.69 -4.98
CA SER A 20 -7.03 -13.65 -3.71
C SER A 20 -6.45 -12.57 -2.78
N ASP A 21 -5.56 -11.74 -3.31
CA ASP A 21 -4.95 -10.68 -2.53
C ASP A 21 -5.81 -9.41 -2.58
N THR A 22 -6.38 -9.05 -1.44
CA THR A 22 -7.22 -7.86 -1.34
C THR A 22 -6.49 -6.76 -0.58
N ILE A 23 -6.91 -5.52 -0.77
CA ILE A 23 -6.28 -4.39 -0.09
C ILE A 23 -6.34 -4.57 1.43
N ASP A 24 -7.29 -5.39 1.89
CA ASP A 24 -7.44 -5.65 3.32
C ASP A 24 -6.47 -6.75 3.76
N ASN A 25 -6.49 -7.85 3.03
CA ASN A 25 -5.61 -8.97 3.32
C ASN A 25 -4.14 -8.55 3.33
N VAL A 26 -3.74 -7.80 2.31
CA VAL A 26 -2.36 -7.33 2.20
C VAL A 26 -1.95 -6.52 3.44
N LYS A 27 -2.81 -5.58 3.82
CA LYS A 27 -2.53 -4.72 4.97
C LYS A 27 -2.45 -5.52 6.26
N SER A 28 -3.42 -6.41 6.46
CA SER A 28 -3.46 -7.24 7.67
C SER A 28 -2.17 -8.04 7.85
N LYS A 29 -1.48 -8.30 6.74
CA LYS A 29 -0.24 -9.08 6.77
C LYS A 29 0.84 -8.39 7.59
N ILE A 30 0.60 -7.17 8.03
CA ILE A 30 1.56 -6.44 8.86
C ILE A 30 1.29 -6.74 10.33
N GLN A 31 0.66 -7.88 10.60
CA GLN A 31 0.33 -8.28 11.96
C GLN A 31 1.49 -9.02 12.64
N ALA A 32 2.53 -9.34 11.87
CA ALA A 32 3.68 -10.05 12.42
C ALA A 32 4.66 -9.11 13.12
N ALA A 33 5.17 -8.13 12.37
CA ALA A 33 6.12 -7.17 12.93
C ALA A 33 5.42 -5.85 13.30
N PRO A 34 5.44 -5.47 14.60
CA PRO A 34 4.83 -4.25 15.06
C PRO A 34 5.67 -3.01 14.75
N GLY A 35 5.02 -1.85 14.72
CA GLY A 35 5.71 -0.62 14.42
C GLY A 35 4.95 0.22 13.43
N ILE A 36 4.53 -0.41 12.33
CA ILE A 36 3.79 0.29 11.29
C ILE A 36 2.34 -0.18 11.25
N PRO A 37 1.39 0.74 11.39
CA PRO A 37 -0.04 0.41 11.37
C PRO A 37 -0.47 -0.08 9.97
N PRO A 38 -1.40 -1.06 9.91
CA PRO A 38 -1.87 -1.62 8.64
C PRO A 38 -2.83 -0.72 7.87
N ASP A 39 -3.66 0.04 8.59
CA ASP A 39 -4.61 0.93 7.95
C ASP A 39 -3.93 2.20 7.47
N GLN A 40 -2.65 2.35 7.82
CA GLN A 40 -1.89 3.51 7.41
C GLN A 40 -1.14 3.25 6.10
N GLN A 41 -1.41 2.09 5.51
CA GLN A 41 -0.76 1.74 4.24
C GLN A 41 -1.80 1.59 3.13
N GLU A 42 -1.55 2.26 2.01
CA GLU A 42 -2.47 2.21 0.87
C GLU A 42 -1.71 2.43 -0.45
N LEU A 43 -2.26 1.92 -1.55
CA LEU A 43 -1.65 2.12 -2.86
C LEU A 43 -2.28 3.35 -3.50
N ILE A 44 -1.45 4.17 -4.14
CA ILE A 44 -1.96 5.38 -4.79
C ILE A 44 -1.19 5.73 -6.05
N PHE A 45 -1.91 6.08 -7.11
CA PHE A 45 -1.27 6.47 -8.37
C PHE A 45 -0.92 7.95 -8.34
N ALA A 46 -0.77 8.52 -7.15
CA ALA A 46 -0.44 9.94 -7.01
C ALA A 46 -1.62 10.80 -7.44
N GLY A 47 -2.28 10.39 -8.51
CA GLY A 47 -3.44 11.09 -9.01
C GLY A 47 -4.65 10.17 -9.14
N LYS A 48 -4.43 8.86 -8.96
CA LYS A 48 -5.53 7.91 -9.01
C LYS A 48 -5.54 7.09 -7.72
N GLN A 49 -6.55 7.30 -6.89
CA GLN A 49 -6.65 6.60 -5.61
C GLN A 49 -7.32 5.24 -5.76
N LEU A 50 -6.67 4.21 -5.22
CA LEU A 50 -7.19 2.86 -5.30
C LEU A 50 -8.27 2.63 -4.24
N GLU A 51 -9.10 1.61 -4.49
CA GLU A 51 -10.18 1.26 -3.58
C GLU A 51 -9.76 0.10 -2.68
N ASP A 52 -9.72 0.35 -1.38
CA ASP A 52 -9.32 -0.67 -0.41
C ASP A 52 -10.26 -1.88 -0.44
N GLY A 53 -11.53 -1.64 -0.75
CA GLY A 53 -12.49 -2.74 -0.79
C GLY A 53 -12.41 -3.52 -2.09
N ARG A 54 -11.49 -3.15 -2.98
CA ARG A 54 -11.36 -3.84 -4.26
C ARG A 54 -10.33 -4.97 -4.20
N THR A 55 -10.41 -5.88 -5.17
CA THR A 55 -9.50 -7.02 -5.21
C THR A 55 -8.47 -6.92 -6.33
N LEU A 56 -7.55 -7.88 -6.38
CA LEU A 56 -6.50 -7.89 -7.40
C LEU A 56 -7.10 -7.96 -8.80
N SER A 57 -7.94 -8.97 -9.03
CA SER A 57 -8.58 -9.17 -10.33
C SER A 57 -9.33 -7.92 -10.79
N ASP A 58 -9.82 -7.15 -9.83
CA ASP A 58 -10.55 -5.93 -10.14
C ASP A 58 -9.65 -4.90 -10.82
N TYR A 59 -8.35 -4.98 -10.58
CA TYR A 59 -7.40 -4.04 -11.19
C TYR A 59 -6.06 -4.71 -11.47
N ASN A 60 -6.10 -5.99 -11.83
CA ASN A 60 -4.90 -6.75 -12.15
C ASN A 60 -4.88 -7.08 -13.65
N ILE A 61 -4.02 -6.37 -14.36
CA ILE A 61 -3.87 -6.55 -15.81
C ILE A 61 -2.62 -7.39 -16.10
N GLN A 62 -1.85 -7.01 -17.10
CA GLN A 62 -0.64 -7.75 -17.47
C GLN A 62 0.53 -7.36 -16.58
N LYS A 63 1.11 -8.37 -15.93
CA LYS A 63 2.25 -8.18 -15.03
C LYS A 63 3.29 -7.23 -15.61
N GLU A 64 4.35 -6.98 -14.83
CA GLU A 64 5.42 -6.09 -15.25
C GLU A 64 4.94 -4.65 -15.24
N SER A 65 4.93 -4.07 -14.04
CA SER A 65 4.47 -2.70 -13.84
C SER A 65 4.83 -2.23 -12.44
N THR A 66 5.23 -0.98 -12.33
CA THR A 66 5.60 -0.39 -11.05
C THR A 66 4.38 0.09 -10.27
N LEU A 67 4.40 -0.16 -8.96
CA LEU A 67 3.30 0.27 -8.10
C LEU A 67 3.75 1.44 -7.22
N HIS A 68 2.81 2.33 -6.86
CA HIS A 68 3.16 3.48 -6.03
C HIS A 68 2.38 3.46 -4.72
N LEU A 69 3.10 3.48 -3.61
CA LEU A 69 2.48 3.46 -2.30
C LEU A 69 2.86 4.71 -1.51
N VAL A 70 1.85 5.49 -1.12
CA VAL A 70 2.09 6.73 -0.37
C VAL A 70 1.51 6.66 1.04
N LEU A 71 2.16 7.35 1.99
CA LEU A 71 1.70 7.35 3.37
C LEU A 71 1.49 8.77 3.90
N ARG A 72 0.45 9.44 3.40
CA ARG A 72 0.14 10.80 3.83
C ARG A 72 -0.63 10.78 5.15
N LEU A 73 -0.58 11.87 5.90
CA LEU A 73 -1.28 11.95 7.18
C LEU A 73 -2.58 12.76 7.05
N ARG A 74 -3.65 12.28 7.69
CA ARG A 74 -4.93 12.96 7.62
C ARG A 74 -5.80 12.69 8.86
N GLY A 75 -5.16 12.19 9.91
CA GLY A 75 -5.89 11.88 11.13
C GLY A 75 -6.02 13.07 12.08
N GLY A 76 -5.91 14.28 11.54
CA GLY A 76 -6.03 15.46 12.38
C GLY A 76 -5.45 16.70 11.74
N HIS A 77 -5.12 17.70 12.56
CA HIS A 77 -4.56 18.95 12.04
C HIS A 77 -3.26 19.33 12.76
N HIS A 78 -2.22 19.56 11.98
CA HIS A 78 -0.92 19.95 12.52
C HIS A 78 -0.83 21.45 12.72
N HIS A 79 -0.29 21.86 13.87
CA HIS A 79 -0.15 23.27 14.19
C HIS A 79 1.20 23.81 13.72
N HIS A 80 1.16 24.88 12.93
CA HIS A 80 2.37 25.50 12.41
C HIS A 80 2.62 26.88 13.01
N HIS A 81 3.84 27.09 13.51
CA HIS A 81 4.23 28.37 14.10
C HIS A 81 5.00 29.22 13.10
N HIS A 82 4.30 30.14 12.43
CA HIS A 82 4.93 31.01 11.43
C HIS A 82 5.76 32.11 12.09
N MET A 1 4.17 -12.73 -10.94
CA MET A 1 4.86 -13.38 -9.79
C MET A 1 6.14 -12.65 -9.42
N GLN A 2 6.20 -11.36 -9.76
CA GLN A 2 7.37 -10.53 -9.46
C GLN A 2 7.12 -9.09 -9.81
N ILE A 3 6.79 -8.30 -8.79
CA ILE A 3 6.52 -6.87 -8.96
C ILE A 3 7.46 -6.02 -8.11
N PHE A 4 7.48 -4.71 -8.38
CA PHE A 4 8.30 -3.79 -7.63
C PHE A 4 7.41 -2.82 -6.87
N VAL A 5 7.79 -2.46 -5.65
CA VAL A 5 6.98 -1.56 -4.85
C VAL A 5 7.85 -0.57 -4.08
N LYS A 6 7.64 0.71 -4.33
CA LYS A 6 8.41 1.75 -3.66
C LYS A 6 7.72 2.19 -2.37
N THR A 7 8.46 2.12 -1.27
CA THR A 7 7.92 2.51 0.02
C THR A 7 8.19 3.97 0.31
N LEU A 8 7.81 4.43 1.51
CA LEU A 8 8.01 5.81 1.89
C LEU A 8 9.46 6.06 2.29
N THR A 9 10.17 4.99 2.65
CA THR A 9 11.56 5.11 3.04
C THR A 9 12.49 5.03 1.82
N GLY A 10 11.93 4.67 0.67
CA GLY A 10 12.74 4.55 -0.54
C GLY A 10 13.10 3.11 -0.86
N ALA A 11 12.66 2.19 0.01
CA ALA A 11 12.95 0.77 -0.14
C ALA A 11 11.92 0.05 -1.02
N THR A 12 12.36 -0.45 -2.16
CA THR A 12 11.49 -1.19 -3.06
C THR A 12 11.37 -2.64 -2.60
N ILE A 13 10.16 -3.17 -2.59
CA ILE A 13 9.94 -4.55 -2.15
C ILE A 13 9.41 -5.44 -3.29
N THR A 14 9.90 -6.67 -3.32
CA THR A 14 9.50 -7.65 -4.33
C THR A 14 8.38 -8.54 -3.78
N LEU A 15 7.25 -8.58 -4.47
CA LEU A 15 6.11 -9.37 -4.01
C LEU A 15 5.44 -10.14 -5.14
N GLU A 16 4.62 -11.11 -4.75
CA GLU A 16 3.88 -11.93 -5.68
C GLU A 16 2.39 -11.63 -5.58
N VAL A 17 1.73 -11.46 -6.72
CA VAL A 17 0.31 -11.15 -6.71
C VAL A 17 -0.57 -12.40 -6.71
N GLU A 18 -1.86 -12.19 -6.42
CA GLU A 18 -2.83 -13.27 -6.38
C GLU A 18 -4.24 -12.76 -6.69
N SER A 19 -5.10 -13.65 -7.16
CA SER A 19 -6.47 -13.28 -7.47
C SER A 19 -7.22 -13.01 -6.17
N SER A 20 -6.87 -13.77 -5.14
CA SER A 20 -7.50 -13.64 -3.82
C SER A 20 -6.80 -12.58 -2.96
N ASP A 21 -5.80 -11.91 -3.53
CA ASP A 21 -5.07 -10.89 -2.79
C ASP A 21 -5.80 -9.55 -2.86
N THR A 22 -6.29 -9.09 -1.71
CA THR A 22 -7.00 -7.83 -1.65
C THR A 22 -6.30 -6.87 -0.69
N ILE A 23 -6.76 -5.63 -0.68
CA ILE A 23 -6.20 -4.60 0.19
C ILE A 23 -6.26 -5.03 1.65
N ASP A 24 -7.16 -5.98 1.96
CA ASP A 24 -7.29 -6.49 3.32
C ASP A 24 -6.13 -7.42 3.63
N ASN A 25 -5.79 -8.28 2.67
CA ASN A 25 -4.69 -9.23 2.83
C ASN A 25 -3.38 -8.49 3.03
N VAL A 26 -3.20 -7.40 2.28
CA VAL A 26 -1.98 -6.60 2.39
C VAL A 26 -1.84 -6.04 3.80
N LYS A 27 -2.91 -5.42 4.29
CA LYS A 27 -2.89 -4.82 5.61
C LYS A 27 -2.60 -5.84 6.70
N SER A 28 -3.31 -6.96 6.64
CA SER A 28 -3.15 -8.02 7.63
C SER A 28 -1.71 -8.55 7.62
N LYS A 29 -1.12 -8.62 6.44
CA LYS A 29 0.24 -9.13 6.28
C LYS A 29 1.27 -8.18 6.89
N ILE A 30 0.83 -7.04 7.41
CA ILE A 30 1.75 -6.10 8.03
C ILE A 30 1.98 -6.49 9.50
N GLN A 31 1.79 -7.77 9.81
CA GLN A 31 1.98 -8.27 11.16
C GLN A 31 3.44 -8.61 11.43
N ALA A 32 3.68 -9.40 12.48
CA ALA A 32 5.02 -9.82 12.85
C ALA A 32 5.81 -8.66 13.50
N ALA A 33 6.10 -7.64 12.71
CA ALA A 33 6.83 -6.48 13.21
C ALA A 33 5.95 -5.23 13.22
N PRO A 34 5.45 -4.83 14.41
CA PRO A 34 4.60 -3.64 14.54
C PRO A 34 5.38 -2.35 14.37
N GLY A 35 4.74 -1.23 14.69
CA GLY A 35 5.40 0.06 14.57
C GLY A 35 4.66 0.99 13.62
N ILE A 36 4.09 0.42 12.57
CA ILE A 36 3.36 1.20 11.57
C ILE A 36 1.88 0.82 11.55
N PRO A 37 0.98 1.82 11.52
CA PRO A 37 -0.47 1.57 11.49
C PRO A 37 -0.90 0.89 10.18
N PRO A 38 -1.57 -0.27 10.28
CA PRO A 38 -2.03 -1.01 9.10
C PRO A 38 -3.03 -0.21 8.26
N ASP A 39 -3.86 0.58 8.92
CA ASP A 39 -4.85 1.40 8.23
C ASP A 39 -4.20 2.63 7.61
N GLN A 40 -2.93 2.83 7.89
CA GLN A 40 -2.19 3.95 7.34
C GLN A 40 -1.44 3.53 6.09
N GLN A 41 -1.80 2.38 5.53
CA GLN A 41 -1.14 1.89 4.32
C GLN A 41 -2.16 1.71 3.19
N GLU A 42 -1.83 2.27 2.03
CA GLU A 42 -2.68 2.19 0.85
C GLU A 42 -1.86 2.28 -0.43
N LEU A 43 -2.39 1.76 -1.52
CA LEU A 43 -1.72 1.83 -2.82
C LEU A 43 -2.23 3.07 -3.54
N ILE A 44 -1.33 3.80 -4.17
CA ILE A 44 -1.72 5.00 -4.90
C ILE A 44 -0.87 5.26 -6.13
N PHE A 45 -1.53 5.60 -7.24
CA PHE A 45 -0.82 5.91 -8.48
C PHE A 45 -0.44 7.40 -8.47
N ALA A 46 -0.33 7.98 -7.27
CA ALA A 46 0.00 9.40 -7.14
C ALA A 46 -1.18 10.24 -7.58
N GLY A 47 -1.61 10.04 -8.82
CA GLY A 47 -2.75 10.74 -9.35
C GLY A 47 -3.96 9.82 -9.48
N LYS A 48 -3.76 8.53 -9.19
CA LYS A 48 -4.86 7.57 -9.25
C LYS A 48 -4.94 6.78 -7.95
N GLN A 49 -5.99 7.02 -7.16
CA GLN A 49 -6.17 6.35 -5.88
C GLN A 49 -6.94 5.05 -6.05
N LEU A 50 -6.47 3.99 -5.40
CA LEU A 50 -7.13 2.69 -5.49
C LEU A 50 -8.23 2.53 -4.46
N GLU A 51 -9.05 1.51 -4.65
CA GLU A 51 -10.15 1.21 -3.75
C GLU A 51 -9.81 0.03 -2.85
N ASP A 52 -9.81 0.26 -1.54
CA ASP A 52 -9.49 -0.78 -0.57
C ASP A 52 -10.48 -1.94 -0.66
N GLY A 53 -11.70 -1.64 -1.09
CA GLY A 53 -12.72 -2.67 -1.23
C GLY A 53 -12.60 -3.42 -2.55
N ARG A 54 -11.58 -3.11 -3.35
CA ARG A 54 -11.39 -3.78 -4.63
C ARG A 54 -10.47 -4.99 -4.49
N THR A 55 -10.50 -5.87 -5.48
CA THR A 55 -9.67 -7.07 -5.46
C THR A 55 -8.53 -6.99 -6.48
N LEU A 56 -7.59 -7.93 -6.38
CA LEU A 56 -6.47 -7.93 -7.31
C LEU A 56 -6.95 -8.16 -8.73
N SER A 57 -7.75 -9.21 -8.93
CA SER A 57 -8.27 -9.54 -10.25
C SER A 57 -9.05 -8.37 -10.84
N ASP A 58 -9.66 -7.56 -9.98
CA ASP A 58 -10.41 -6.40 -10.43
C ASP A 58 -9.49 -5.28 -10.91
N TYR A 59 -8.28 -5.26 -10.39
CA TYR A 59 -7.28 -4.26 -10.77
C TYR A 59 -5.95 -4.91 -11.10
N ASN A 60 -6.03 -6.10 -11.70
CA ASN A 60 -4.86 -6.86 -12.08
C ASN A 60 -4.21 -6.31 -13.34
N ILE A 61 -3.25 -5.43 -13.14
CA ILE A 61 -2.52 -4.81 -14.24
C ILE A 61 -1.45 -5.75 -14.79
N GLN A 62 -1.16 -5.63 -16.07
CA GLN A 62 -0.17 -6.48 -16.74
C GLN A 62 1.14 -6.61 -15.95
N LYS A 63 2.04 -7.41 -16.49
CA LYS A 63 3.35 -7.66 -15.90
C LYS A 63 4.28 -6.47 -16.14
N GLU A 64 5.11 -6.15 -15.14
CA GLU A 64 6.02 -5.02 -15.23
C GLU A 64 5.25 -3.73 -15.04
N SER A 65 5.10 -3.34 -13.78
CA SER A 65 4.38 -2.13 -13.42
C SER A 65 4.83 -1.63 -12.05
N THR A 66 5.40 -0.44 -12.02
CA THR A 66 5.87 0.15 -10.77
C THR A 66 4.71 0.42 -9.83
N LEU A 67 4.94 0.20 -8.54
CA LEU A 67 3.92 0.44 -7.53
C LEU A 67 4.43 1.42 -6.48
N HIS A 68 3.62 2.43 -6.15
CA HIS A 68 4.01 3.43 -5.16
C HIS A 68 3.06 3.43 -3.97
N LEU A 69 3.60 3.29 -2.76
CA LEU A 69 2.79 3.28 -1.56
C LEU A 69 3.23 4.40 -0.61
N VAL A 70 2.31 5.30 -0.29
CA VAL A 70 2.60 6.41 0.60
C VAL A 70 1.84 6.31 1.90
N LEU A 71 2.44 6.78 2.98
CA LEU A 71 1.82 6.73 4.30
C LEU A 71 1.51 8.13 4.81
N ARG A 72 0.43 8.72 4.29
CA ARG A 72 0.03 10.07 4.69
C ARG A 72 -0.69 10.02 6.04
N LEU A 73 -0.57 11.09 6.81
CA LEU A 73 -1.20 11.17 8.12
C LEU A 73 -2.58 11.81 8.01
N ARG A 74 -3.54 11.28 8.76
CA ARG A 74 -4.90 11.79 8.73
C ARG A 74 -5.54 11.76 10.12
N GLY A 75 -4.71 11.59 11.14
CA GLY A 75 -5.22 11.55 12.50
C GLY A 75 -4.69 12.69 13.35
N GLY A 76 -4.07 13.68 12.71
CA GLY A 76 -3.53 14.80 13.45
C GLY A 76 -3.51 16.09 12.64
N HIS A 77 -4.39 17.03 12.98
CA HIS A 77 -4.45 18.30 12.27
C HIS A 77 -3.26 19.18 12.65
N HIS A 78 -3.21 19.58 13.91
CA HIS A 78 -2.12 20.43 14.40
C HIS A 78 -2.15 20.52 15.92
N HIS A 79 -0.99 20.57 16.54
CA HIS A 79 -0.88 20.64 17.99
C HIS A 79 -1.11 22.08 18.47
N HIS A 80 -2.21 22.27 19.20
CA HIS A 80 -2.55 23.60 19.72
C HIS A 80 -1.68 23.95 20.91
N HIS A 81 -0.85 24.98 20.75
CA HIS A 81 0.04 25.43 21.82
C HIS A 81 -0.50 26.69 22.49
N HIS A 82 -0.66 26.65 23.80
CA HIS A 82 -1.18 27.79 24.56
C HIS A 82 -0.09 28.84 24.76
N MET A 1 6.26 -14.32 -12.14
CA MET A 1 5.78 -12.95 -11.81
C MET A 1 6.75 -12.24 -10.88
N GLN A 2 7.01 -10.97 -11.18
CA GLN A 2 7.93 -10.17 -10.38
C GLN A 2 7.67 -8.67 -10.57
N ILE A 3 7.32 -8.01 -9.46
CA ILE A 3 7.05 -6.57 -9.48
C ILE A 3 7.98 -5.82 -8.54
N PHE A 4 8.08 -4.50 -8.75
CA PHE A 4 8.91 -3.65 -7.91
C PHE A 4 8.01 -2.63 -7.21
N VAL A 5 8.28 -2.36 -5.92
CA VAL A 5 7.46 -1.42 -5.18
C VAL A 5 8.29 -0.51 -4.28
N LYS A 6 8.07 0.79 -4.41
CA LYS A 6 8.79 1.76 -3.60
C LYS A 6 8.00 2.07 -2.32
N THR A 7 8.69 2.00 -1.20
CA THR A 7 8.08 2.25 0.10
C THR A 7 8.21 3.73 0.48
N LEU A 8 7.77 4.08 1.68
CA LEU A 8 7.83 5.46 2.14
C LEU A 8 9.25 5.85 2.55
N THR A 9 10.10 4.84 2.80
CA THR A 9 11.48 5.08 3.19
C THR A 9 12.38 5.19 1.97
N GLY A 10 11.85 4.82 0.79
CA GLY A 10 12.62 4.87 -0.42
C GLY A 10 13.14 3.51 -0.82
N ALA A 11 13.02 2.54 0.08
CA ALA A 11 13.51 1.19 -0.16
C ALA A 11 12.54 0.36 -1.01
N THR A 12 12.97 0.01 -2.21
CA THR A 12 12.16 -0.83 -3.10
C THR A 12 12.29 -2.30 -2.71
N ILE A 13 11.18 -3.01 -2.65
CA ILE A 13 11.19 -4.41 -2.27
C ILE A 13 10.60 -5.31 -3.36
N THR A 14 11.03 -6.57 -3.36
CA THR A 14 10.56 -7.55 -4.33
C THR A 14 9.46 -8.42 -3.70
N LEU A 15 8.28 -8.43 -4.31
CA LEU A 15 7.17 -9.21 -3.78
C LEU A 15 6.37 -9.91 -4.88
N GLU A 16 5.58 -10.89 -4.47
CA GLU A 16 4.72 -11.64 -5.37
C GLU A 16 3.26 -11.38 -5.04
N VAL A 17 2.44 -11.10 -6.06
CA VAL A 17 1.03 -10.81 -5.83
C VAL A 17 0.12 -11.98 -6.23
N GLU A 18 -1.03 -12.07 -5.57
CA GLU A 18 -2.00 -13.13 -5.83
C GLU A 18 -3.35 -12.54 -6.24
N SER A 19 -4.11 -13.28 -7.03
CA SER A 19 -5.41 -12.81 -7.48
C SER A 19 -6.34 -12.64 -6.28
N SER A 20 -6.16 -13.52 -5.30
CA SER A 20 -6.96 -13.51 -4.08
C SER A 20 -6.45 -12.47 -3.09
N ASP A 21 -5.53 -11.61 -3.52
CA ASP A 21 -4.98 -10.58 -2.64
C ASP A 21 -5.87 -9.34 -2.65
N THR A 22 -6.49 -9.06 -1.50
CA THR A 22 -7.36 -7.89 -1.38
C THR A 22 -6.75 -6.86 -0.45
N ILE A 23 -7.24 -5.63 -0.51
CA ILE A 23 -6.72 -4.55 0.33
C ILE A 23 -6.83 -4.92 1.81
N ASP A 24 -7.72 -5.86 2.13
CA ASP A 24 -7.90 -6.31 3.50
C ASP A 24 -6.83 -7.33 3.85
N ASN A 25 -6.62 -8.29 2.95
CA ASN A 25 -5.62 -9.32 3.15
C ASN A 25 -4.25 -8.71 3.37
N VAL A 26 -3.88 -7.77 2.50
CA VAL A 26 -2.59 -7.09 2.62
C VAL A 26 -2.47 -6.44 3.99
N LYS A 27 -3.49 -5.69 4.38
CA LYS A 27 -3.49 -4.99 5.66
C LYS A 27 -3.34 -5.97 6.83
N SER A 28 -4.15 -7.02 6.81
CA SER A 28 -4.10 -8.02 7.88
C SER A 28 -2.72 -8.66 7.99
N LYS A 29 -2.06 -8.87 6.85
CA LYS A 29 -0.75 -9.51 6.84
C LYS A 29 0.35 -8.59 7.34
N ILE A 30 0.03 -7.31 7.55
CA ILE A 30 1.02 -6.38 8.08
C ILE A 30 1.04 -6.45 9.60
N GLN A 31 0.64 -7.60 10.16
CA GLN A 31 0.62 -7.77 11.61
C GLN A 31 1.76 -8.67 12.06
N ALA A 32 2.99 -8.25 11.76
CA ALA A 32 4.17 -9.02 12.15
C ALA A 32 4.98 -8.26 13.20
N ALA A 33 5.60 -7.17 12.78
CA ALA A 33 6.40 -6.35 13.69
C ALA A 33 5.56 -5.22 14.28
N PRO A 34 5.55 -5.08 15.62
CA PRO A 34 4.78 -4.03 16.29
C PRO A 34 5.39 -2.65 16.05
N GLY A 35 4.56 -1.62 16.21
CA GLY A 35 5.03 -0.26 15.99
C GLY A 35 4.12 0.52 15.06
N ILE A 36 4.49 0.53 13.78
CA ILE A 36 3.72 1.25 12.76
C ILE A 36 2.34 0.63 12.56
N PRO A 37 1.31 1.45 12.34
CA PRO A 37 -0.05 0.97 12.12
C PRO A 37 -0.23 0.41 10.71
N PRO A 38 -0.50 -0.90 10.60
CA PRO A 38 -0.70 -1.56 9.30
C PRO A 38 -1.83 -0.94 8.49
N ASP A 39 -2.78 -0.33 9.19
CA ASP A 39 -3.91 0.32 8.55
C ASP A 39 -3.51 1.68 7.98
N GLN A 40 -2.26 2.08 8.22
CA GLN A 40 -1.76 3.35 7.73
C GLN A 40 -0.98 3.15 6.44
N GLN A 41 -1.15 1.99 5.80
CA GLN A 41 -0.46 1.71 4.54
C GLN A 41 -1.44 1.49 3.41
N GLU A 42 -1.21 2.18 2.29
CA GLU A 42 -2.06 2.06 1.11
C GLU A 42 -1.28 2.34 -0.17
N LEU A 43 -1.74 1.79 -1.29
CA LEU A 43 -1.10 2.02 -2.58
C LEU A 43 -1.86 3.11 -3.32
N ILE A 44 -1.12 3.94 -4.06
CA ILE A 44 -1.75 5.03 -4.80
C ILE A 44 -1.00 5.35 -6.09
N PHE A 45 -1.74 5.59 -7.17
CA PHE A 45 -1.11 5.96 -8.44
C PHE A 45 -0.86 7.46 -8.47
N ALA A 46 -0.55 8.04 -7.33
CA ALA A 46 -0.29 9.47 -7.22
C ALA A 46 -1.57 10.24 -7.54
N GLY A 47 -2.00 10.16 -8.79
CA GLY A 47 -3.21 10.83 -9.20
C GLY A 47 -4.38 9.86 -9.31
N LYS A 48 -4.11 8.56 -9.18
CA LYS A 48 -5.18 7.57 -9.23
C LYS A 48 -5.18 6.75 -7.94
N GLN A 49 -6.22 6.94 -7.12
CA GLN A 49 -6.32 6.25 -5.85
C GLN A 49 -7.08 4.93 -5.96
N LEU A 50 -6.57 3.90 -5.29
CA LEU A 50 -7.20 2.59 -5.32
C LEU A 50 -8.27 2.47 -4.24
N GLU A 51 -9.24 1.60 -4.51
CA GLU A 51 -10.34 1.36 -3.58
C GLU A 51 -10.00 0.20 -2.64
N ASP A 52 -10.23 0.39 -1.34
CA ASP A 52 -9.95 -0.64 -0.35
C ASP A 52 -10.79 -1.89 -0.58
N GLY A 53 -12.01 -1.70 -1.06
CA GLY A 53 -12.90 -2.83 -1.32
C GLY A 53 -12.63 -3.49 -2.67
N ARG A 54 -11.60 -3.05 -3.39
CA ARG A 54 -11.30 -3.63 -4.69
C ARG A 54 -10.37 -4.84 -4.55
N THR A 55 -10.37 -5.71 -5.55
CA THR A 55 -9.52 -6.90 -5.52
C THR A 55 -8.38 -6.78 -6.52
N LEU A 56 -7.46 -7.73 -6.49
CA LEU A 56 -6.30 -7.71 -7.37
C LEU A 56 -6.70 -7.79 -8.85
N SER A 57 -7.46 -8.83 -9.21
CA SER A 57 -7.88 -9.03 -10.59
C SER A 57 -8.68 -7.84 -11.12
N ASP A 58 -9.37 -7.15 -10.23
CA ASP A 58 -10.18 -5.99 -10.59
C ASP A 58 -9.31 -4.84 -11.08
N TYR A 59 -8.04 -4.85 -10.67
CA TYR A 59 -7.12 -3.80 -11.08
C TYR A 59 -5.77 -4.37 -11.49
N ASN A 60 -5.76 -5.66 -11.84
CA ASN A 60 -4.52 -6.31 -12.30
C ASN A 60 -4.65 -6.75 -13.75
N ILE A 61 -4.00 -6.01 -14.63
CA ILE A 61 -4.01 -6.30 -16.06
C ILE A 61 -2.73 -7.02 -16.47
N GLN A 62 -2.14 -6.61 -17.58
CA GLN A 62 -0.91 -7.23 -18.07
C GLN A 62 0.27 -6.88 -17.18
N LYS A 63 0.92 -7.94 -16.66
CA LYS A 63 2.08 -7.80 -15.78
C LYS A 63 3.06 -6.75 -16.29
N GLU A 64 4.05 -6.43 -15.47
CA GLU A 64 5.06 -5.43 -15.81
C GLU A 64 4.48 -4.04 -15.66
N SER A 65 4.50 -3.55 -14.41
CA SER A 65 3.98 -2.24 -14.08
C SER A 65 4.44 -1.83 -12.69
N THR A 66 4.93 -0.62 -12.58
CA THR A 66 5.42 -0.10 -11.30
C THR A 66 4.28 0.09 -10.31
N LEU A 67 4.59 -0.10 -9.02
CA LEU A 67 3.59 0.06 -7.97
C LEU A 67 4.03 1.16 -7.00
N HIS A 68 3.10 2.04 -6.61
CA HIS A 68 3.42 3.13 -5.69
C HIS A 68 2.61 3.06 -4.41
N LEU A 69 3.29 3.13 -3.28
CA LEU A 69 2.63 3.11 -1.97
C LEU A 69 2.90 4.41 -1.23
N VAL A 70 1.84 5.14 -0.88
CA VAL A 70 1.98 6.43 -0.21
C VAL A 70 1.48 6.42 1.22
N LEU A 71 2.18 7.15 2.08
CA LEU A 71 1.82 7.24 3.49
C LEU A 71 1.87 8.69 3.97
N ARG A 72 0.88 9.47 3.54
CA ARG A 72 0.81 10.88 3.92
C ARG A 72 0.13 11.07 5.26
N LEU A 73 0.79 11.84 6.13
CA LEU A 73 0.27 12.11 7.46
C LEU A 73 -0.95 13.01 7.35
N ARG A 74 -2.06 12.55 7.92
CA ARG A 74 -3.33 13.28 7.85
C ARG A 74 -4.29 12.88 8.97
N GLY A 75 -3.76 12.26 10.01
CA GLY A 75 -4.60 11.85 11.13
C GLY A 75 -5.00 13.00 12.03
N GLY A 76 -5.27 14.14 11.43
CA GLY A 76 -5.66 15.33 12.19
C GLY A 76 -4.78 16.52 11.90
N HIS A 77 -5.39 17.69 11.77
CA HIS A 77 -4.65 18.91 11.48
C HIS A 77 -3.44 19.08 12.40
N HIS A 78 -3.68 19.48 13.64
CA HIS A 78 -2.59 19.65 14.59
C HIS A 78 -3.13 19.92 16.00
N HIS A 79 -2.74 19.06 16.95
CA HIS A 79 -3.17 19.19 18.32
C HIS A 79 -2.05 19.75 19.20
N HIS A 80 -2.39 20.72 20.05
CA HIS A 80 -1.41 21.34 20.95
C HIS A 80 -1.50 20.76 22.36
N HIS A 81 -0.49 19.98 22.73
CA HIS A 81 -0.44 19.36 24.06
C HIS A 81 0.56 20.10 24.96
N HIS A 82 0.03 20.91 25.87
CA HIS A 82 0.87 21.66 26.79
C HIS A 82 1.41 20.77 27.90
N MET A 1 6.73 -13.75 -11.72
CA MET A 1 7.15 -12.33 -11.91
C MET A 1 7.22 -11.59 -10.57
N GLN A 2 8.34 -10.89 -10.36
CA GLN A 2 8.53 -10.13 -9.13
C GLN A 2 8.57 -8.64 -9.41
N ILE A 3 7.44 -7.99 -9.18
CA ILE A 3 7.30 -6.56 -9.41
C ILE A 3 8.06 -5.75 -8.36
N PHE A 4 8.13 -4.44 -8.56
CA PHE A 4 8.83 -3.56 -7.63
C PHE A 4 7.89 -2.52 -7.05
N VAL A 5 8.08 -2.21 -5.77
CA VAL A 5 7.26 -1.22 -5.08
C VAL A 5 8.11 -0.22 -4.31
N LYS A 6 7.77 1.06 -4.41
CA LYS A 6 8.50 2.10 -3.73
C LYS A 6 7.91 2.36 -2.34
N THR A 7 8.78 2.32 -1.34
CA THR A 7 8.37 2.55 0.04
C THR A 7 8.50 4.03 0.41
N LEU A 8 8.25 4.35 1.68
CA LEU A 8 8.35 5.73 2.13
C LEU A 8 9.80 6.16 2.33
N THR A 9 10.67 5.18 2.54
CA THR A 9 12.09 5.47 2.75
C THR A 9 12.85 5.48 1.42
N GLY A 10 12.21 4.99 0.36
CA GLY A 10 12.87 4.95 -0.93
C GLY A 10 13.34 3.55 -1.30
N ALA A 11 13.08 2.60 -0.40
CA ALA A 11 13.49 1.21 -0.61
C ALA A 11 12.44 0.41 -1.38
N THR A 12 12.79 -0.01 -2.59
CA THR A 12 11.90 -0.79 -3.42
C THR A 12 11.78 -2.22 -2.87
N ILE A 13 10.56 -2.72 -2.77
CA ILE A 13 10.34 -4.07 -2.24
C ILE A 13 9.79 -5.02 -3.31
N THR A 14 10.34 -6.24 -3.31
CA THR A 14 9.93 -7.28 -4.25
C THR A 14 8.88 -8.19 -3.61
N LEU A 15 7.71 -8.28 -4.22
CA LEU A 15 6.64 -9.09 -3.67
C LEU A 15 5.88 -9.86 -4.76
N GLU A 16 5.13 -10.87 -4.31
CA GLU A 16 4.32 -11.71 -5.20
C GLU A 16 2.85 -11.43 -4.95
N VAL A 17 2.10 -11.19 -6.02
CA VAL A 17 0.68 -10.87 -5.88
C VAL A 17 -0.20 -12.12 -5.88
N GLU A 18 -1.45 -11.95 -5.47
CA GLU A 18 -2.43 -13.04 -5.40
C GLU A 18 -3.81 -12.56 -5.77
N SER A 19 -4.60 -13.44 -6.38
CA SER A 19 -5.97 -13.09 -6.77
C SER A 19 -6.83 -12.90 -5.53
N SER A 20 -6.58 -13.73 -4.53
CA SER A 20 -7.34 -13.69 -3.28
C SER A 20 -6.80 -12.61 -2.33
N ASP A 21 -5.88 -11.79 -2.82
CA ASP A 21 -5.30 -10.73 -2.01
C ASP A 21 -6.21 -9.51 -1.99
N THR A 22 -6.71 -9.16 -0.82
CA THR A 22 -7.59 -8.01 -0.68
C THR A 22 -6.97 -6.97 0.24
N ILE A 23 -7.56 -5.79 0.26
CA ILE A 23 -7.05 -4.72 1.12
C ILE A 23 -7.13 -5.08 2.59
N ASP A 24 -8.03 -6.01 2.92
CA ASP A 24 -8.20 -6.46 4.30
C ASP A 24 -7.15 -7.51 4.65
N ASN A 25 -6.90 -8.41 3.70
CA ASN A 25 -5.93 -9.47 3.89
C ASN A 25 -4.57 -8.90 4.28
N VAL A 26 -4.22 -7.77 3.67
CA VAL A 26 -2.95 -7.12 3.96
C VAL A 26 -2.84 -6.84 5.46
N LYS A 27 -3.96 -6.52 6.08
CA LYS A 27 -3.99 -6.23 7.51
C LYS A 27 -3.78 -7.48 8.34
N SER A 28 -4.46 -8.56 7.98
CA SER A 28 -4.34 -9.82 8.71
C SER A 28 -2.90 -10.32 8.73
N LYS A 29 -2.28 -10.36 7.55
CA LYS A 29 -0.91 -10.85 7.41
C LYS A 29 0.09 -10.07 8.26
N ILE A 30 -0.36 -9.05 8.96
CA ILE A 30 0.53 -8.27 9.83
C ILE A 30 0.62 -8.93 11.20
N GLN A 31 0.42 -10.24 11.25
CA GLN A 31 0.48 -10.98 12.51
C GLN A 31 1.90 -11.47 12.79
N ALA A 32 2.89 -10.83 12.17
CA ALA A 32 4.28 -11.20 12.37
C ALA A 32 5.07 -10.06 12.98
N ALA A 33 5.30 -9.01 12.20
CA ALA A 33 6.05 -7.84 12.67
C ALA A 33 5.56 -6.55 12.00
N PRO A 34 4.64 -5.82 12.67
CA PRO A 34 4.10 -4.56 12.13
C PRO A 34 5.12 -3.43 12.14
N GLY A 35 5.30 -2.77 13.29
CA GLY A 35 6.25 -1.68 13.38
C GLY A 35 5.60 -0.33 13.19
N ILE A 36 4.94 -0.16 12.05
CA ILE A 36 4.27 1.09 11.70
C ILE A 36 2.80 0.83 11.36
N PRO A 37 1.94 1.85 11.43
CA PRO A 37 0.51 1.68 11.13
C PRO A 37 0.29 1.29 9.68
N PRO A 38 -0.23 0.06 9.46
CA PRO A 38 -0.47 -0.50 8.13
C PRO A 38 -1.70 0.09 7.44
N ASP A 39 -2.54 0.77 8.20
CA ASP A 39 -3.75 1.39 7.64
C ASP A 39 -3.40 2.67 6.89
N GLN A 40 -2.13 3.05 6.93
CA GLN A 40 -1.67 4.24 6.25
C GLN A 40 -1.04 3.90 4.91
N GLN A 41 -0.92 2.60 4.61
CA GLN A 41 -0.33 2.19 3.34
C GLN A 41 -1.42 1.91 2.29
N GLU A 42 -1.24 2.52 1.13
CA GLU A 42 -2.16 2.38 0.01
C GLU A 42 -1.44 2.60 -1.32
N LEU A 43 -2.00 2.06 -2.40
CA LEU A 43 -1.43 2.27 -3.72
C LEU A 43 -2.12 3.47 -4.35
N ILE A 44 -1.37 4.31 -5.04
CA ILE A 44 -1.95 5.47 -5.67
C ILE A 44 -1.26 5.83 -6.98
N PHE A 45 -2.06 6.11 -8.01
CA PHE A 45 -1.51 6.52 -9.29
C PHE A 45 -1.30 8.02 -9.30
N ALA A 46 -1.16 8.63 -8.13
CA ALA A 46 -0.96 10.07 -8.02
C ALA A 46 -2.23 10.78 -8.45
N GLY A 47 -2.61 10.60 -9.70
CA GLY A 47 -3.81 11.20 -10.21
C GLY A 47 -4.97 10.22 -10.17
N LYS A 48 -4.68 8.94 -9.93
CA LYS A 48 -5.71 7.92 -9.84
C LYS A 48 -5.61 7.19 -8.50
N GLN A 49 -6.57 7.41 -7.63
CA GLN A 49 -6.58 6.78 -6.31
C GLN A 49 -7.36 5.48 -6.32
N LEU A 50 -6.86 4.47 -5.61
CA LEU A 50 -7.52 3.18 -5.55
C LEU A 50 -8.57 3.11 -4.46
N GLU A 51 -9.47 2.16 -4.60
CA GLU A 51 -10.55 1.95 -3.64
C GLU A 51 -10.18 0.84 -2.65
N ASP A 52 -10.53 1.03 -1.39
CA ASP A 52 -10.25 0.05 -0.34
C ASP A 52 -11.00 -1.25 -0.61
N GLY A 53 -12.19 -1.14 -1.19
CA GLY A 53 -12.97 -2.32 -1.50
C GLY A 53 -12.57 -2.96 -2.82
N ARG A 54 -11.37 -2.67 -3.30
CA ARG A 54 -10.90 -3.24 -4.56
C ARG A 54 -9.99 -4.44 -4.32
N THR A 55 -10.17 -5.48 -5.11
CA THR A 55 -9.36 -6.67 -4.97
C THR A 55 -8.19 -6.64 -5.93
N LEU A 56 -7.30 -7.62 -5.82
CA LEU A 56 -6.13 -7.66 -6.69
C LEU A 56 -6.54 -7.75 -8.16
N SER A 57 -7.36 -8.75 -8.48
CA SER A 57 -7.82 -8.95 -9.85
C SER A 57 -8.54 -7.70 -10.39
N ASP A 58 -9.15 -6.95 -9.49
CA ASP A 58 -9.87 -5.74 -9.87
C ASP A 58 -8.90 -4.67 -10.36
N TYR A 59 -7.65 -4.72 -9.89
CA TYR A 59 -6.64 -3.76 -10.31
C TYR A 59 -5.29 -4.45 -10.53
N ASN A 60 -5.35 -5.70 -10.99
CA ASN A 60 -4.17 -6.50 -11.28
C ASN A 60 -3.61 -6.16 -12.64
N ILE A 61 -2.59 -5.35 -12.65
CA ILE A 61 -1.94 -4.94 -13.90
C ILE A 61 -1.05 -6.07 -14.43
N GLN A 62 -0.74 -6.01 -15.72
CA GLN A 62 0.08 -7.03 -16.36
C GLN A 62 1.52 -7.00 -15.84
N LYS A 63 2.35 -7.88 -16.40
CA LYS A 63 3.76 -7.98 -16.02
C LYS A 63 4.51 -6.70 -16.37
N GLU A 64 5.36 -6.25 -15.45
CA GLU A 64 6.14 -5.03 -15.64
C GLU A 64 5.25 -3.83 -15.36
N SER A 65 5.22 -3.43 -14.09
CA SER A 65 4.41 -2.30 -13.65
C SER A 65 4.94 -1.74 -12.34
N THR A 66 5.33 -0.46 -12.36
CA THR A 66 5.85 0.19 -11.17
C THR A 66 4.74 0.41 -10.15
N LEU A 67 5.06 0.22 -8.88
CA LEU A 67 4.07 0.42 -7.83
C LEU A 67 4.56 1.47 -6.82
N HIS A 68 3.70 2.44 -6.53
CA HIS A 68 4.05 3.50 -5.59
C HIS A 68 3.07 3.56 -4.42
N LEU A 69 3.58 3.47 -3.19
CA LEU A 69 2.70 3.54 -2.02
C LEU A 69 3.12 4.69 -1.10
N VAL A 70 2.21 5.63 -0.88
CA VAL A 70 2.45 6.78 -0.03
C VAL A 70 1.55 6.76 1.21
N LEU A 71 1.94 7.48 2.25
CA LEU A 71 1.17 7.51 3.49
C LEU A 71 0.54 8.87 3.74
N ARG A 72 -0.68 9.04 3.23
CA ARG A 72 -1.43 10.28 3.41
C ARG A 72 -2.41 10.15 4.57
N LEU A 73 -2.47 11.16 5.42
CA LEU A 73 -3.38 11.14 6.57
C LEU A 73 -4.63 11.97 6.29
N ARG A 74 -5.78 11.52 6.78
CA ARG A 74 -7.03 12.22 6.57
C ARG A 74 -7.98 12.07 7.76
N GLY A 75 -7.44 11.64 8.89
CA GLY A 75 -8.27 11.45 10.07
C GLY A 75 -8.56 12.76 10.80
N GLY A 76 -9.00 13.76 10.04
CA GLY A 76 -9.31 15.05 10.63
C GLY A 76 -8.30 16.12 10.30
N HIS A 77 -7.85 16.87 11.31
CA HIS A 77 -6.88 17.93 11.11
C HIS A 77 -6.06 18.17 12.38
N HIS A 78 -4.90 18.80 12.21
CA HIS A 78 -4.03 19.10 13.35
C HIS A 78 -4.11 20.58 13.71
N HIS A 79 -4.23 20.85 15.01
CA HIS A 79 -4.31 22.22 15.49
C HIS A 79 -2.93 22.86 15.57
N HIS A 80 -2.81 24.08 15.05
CA HIS A 80 -1.54 24.80 15.05
C HIS A 80 -1.25 25.39 16.43
N HIS A 81 -0.32 24.78 17.15
CA HIS A 81 0.05 25.25 18.48
C HIS A 81 0.93 26.49 18.40
N HIS A 82 0.35 27.65 18.71
CA HIS A 82 1.08 28.91 18.68
C HIS A 82 1.88 29.10 19.95
N MET A 1 8.28 -14.21 -12.11
CA MET A 1 7.82 -12.80 -12.12
C MET A 1 7.83 -12.20 -10.71
N GLN A 2 8.35 -10.99 -10.60
CA GLN A 2 8.42 -10.29 -9.32
C GLN A 2 8.43 -8.77 -9.53
N ILE A 3 7.29 -8.15 -9.24
CA ILE A 3 7.15 -6.71 -9.42
C ILE A 3 7.92 -5.93 -8.36
N PHE A 4 7.99 -4.61 -8.52
CA PHE A 4 8.69 -3.75 -7.58
C PHE A 4 7.73 -2.80 -6.91
N VAL A 5 7.97 -2.56 -5.62
CA VAL A 5 7.12 -1.66 -4.85
C VAL A 5 7.94 -0.74 -3.96
N LYS A 6 7.65 0.56 -4.04
CA LYS A 6 8.37 1.55 -3.25
C LYS A 6 7.68 1.78 -1.91
N THR A 7 8.47 1.67 -0.85
CA THR A 7 7.96 1.87 0.51
C THR A 7 8.08 3.32 0.92
N LEU A 8 7.74 3.63 2.17
CA LEU A 8 7.81 5.01 2.65
C LEU A 8 9.26 5.39 2.96
N THR A 9 10.11 4.39 3.18
CA THR A 9 11.52 4.63 3.48
C THR A 9 12.36 4.76 2.21
N GLY A 10 11.75 4.47 1.06
CA GLY A 10 12.46 4.55 -0.21
C GLY A 10 13.01 3.19 -0.64
N ALA A 11 12.77 2.18 0.19
CA ALA A 11 13.24 0.82 -0.09
C ALA A 11 12.23 0.01 -0.90
N THR A 12 12.59 -0.32 -2.14
CA THR A 12 11.71 -1.12 -2.99
C THR A 12 11.84 -2.59 -2.62
N ILE A 13 10.71 -3.28 -2.53
CA ILE A 13 10.73 -4.70 -2.18
C ILE A 13 10.10 -5.58 -3.26
N THR A 14 10.57 -6.81 -3.34
CA THR A 14 10.07 -7.77 -4.32
C THR A 14 8.92 -8.57 -3.74
N LEU A 15 7.75 -8.49 -4.39
CA LEU A 15 6.59 -9.22 -3.89
C LEU A 15 5.79 -9.83 -5.03
N GLU A 16 4.93 -10.79 -4.68
CA GLU A 16 4.09 -11.45 -5.65
C GLU A 16 2.62 -11.18 -5.35
N VAL A 17 1.83 -10.87 -6.38
CA VAL A 17 0.41 -10.58 -6.18
C VAL A 17 -0.47 -11.75 -6.59
N GLU A 18 -1.60 -11.88 -5.91
CA GLU A 18 -2.56 -12.95 -6.18
C GLU A 18 -3.92 -12.37 -6.53
N SER A 19 -4.72 -13.15 -7.24
CA SER A 19 -6.05 -12.70 -7.60
C SER A 19 -6.90 -12.57 -6.35
N SER A 20 -6.64 -13.45 -5.39
CA SER A 20 -7.37 -13.45 -4.12
C SER A 20 -6.72 -12.52 -3.10
N ASP A 21 -5.73 -11.73 -3.55
CA ASP A 21 -5.05 -10.81 -2.67
C ASP A 21 -5.85 -9.52 -2.51
N THR A 22 -6.20 -9.19 -1.26
CA THR A 22 -6.98 -7.99 -0.98
C THR A 22 -6.17 -6.99 -0.16
N ILE A 23 -6.52 -5.72 -0.28
CA ILE A 23 -5.83 -4.65 0.45
C ILE A 23 -5.95 -4.84 1.96
N ASP A 24 -6.93 -5.62 2.39
CA ASP A 24 -7.14 -5.87 3.80
C ASP A 24 -6.28 -7.04 4.27
N ASN A 25 -6.38 -8.16 3.55
CA ASN A 25 -5.63 -9.36 3.88
C ASN A 25 -4.13 -9.08 3.92
N VAL A 26 -3.62 -8.41 2.89
CA VAL A 26 -2.20 -8.09 2.82
C VAL A 26 -1.73 -7.30 4.04
N LYS A 27 -2.52 -6.30 4.41
CA LYS A 27 -2.20 -5.44 5.55
C LYS A 27 -2.13 -6.25 6.85
N SER A 28 -3.08 -7.16 7.02
CA SER A 28 -3.15 -7.99 8.23
C SER A 28 -1.84 -8.76 8.45
N LYS A 29 -1.04 -8.87 7.39
CA LYS A 29 0.23 -9.59 7.46
C LYS A 29 1.18 -8.99 8.50
N ILE A 30 0.73 -7.99 9.24
CA ILE A 30 1.56 -7.38 10.27
C ILE A 30 1.53 -8.25 11.53
N GLN A 31 1.38 -9.55 11.33
CA GLN A 31 1.31 -10.50 12.42
C GLN A 31 2.70 -11.00 12.82
N ALA A 32 3.73 -10.29 12.35
CA ALA A 32 5.11 -10.67 12.66
C ALA A 32 5.86 -9.52 13.31
N ALA A 33 6.06 -8.44 12.58
CA ALA A 33 6.76 -7.27 13.09
C ALA A 33 5.79 -6.11 13.27
N PRO A 34 5.36 -5.83 14.52
CA PRO A 34 4.42 -4.74 14.80
C PRO A 34 5.06 -3.37 14.61
N GLY A 35 4.30 -2.33 14.92
CA GLY A 35 4.80 -0.98 14.78
C GLY A 35 3.71 0.00 14.37
N ILE A 36 3.76 0.44 13.11
CA ILE A 36 2.78 1.37 12.57
C ILE A 36 1.54 0.64 12.08
N PRO A 37 0.35 1.28 12.16
CA PRO A 37 -0.90 0.65 11.71
C PRO A 37 -0.91 0.40 10.20
N PRO A 38 -1.36 -0.80 9.77
CA PRO A 38 -1.41 -1.16 8.35
C PRO A 38 -2.37 -0.27 7.55
N ASP A 39 -3.18 0.49 8.27
CA ASP A 39 -4.14 1.39 7.64
C ASP A 39 -3.45 2.67 7.16
N GLN A 40 -2.17 2.80 7.49
CA GLN A 40 -1.38 3.96 7.08
C GLN A 40 -0.68 3.71 5.75
N GLN A 41 -0.96 2.56 5.14
CA GLN A 41 -0.35 2.22 3.86
C GLN A 41 -1.40 1.95 2.78
N GLU A 42 -1.21 2.59 1.63
CA GLU A 42 -2.14 2.43 0.51
C GLU A 42 -1.45 2.69 -0.83
N LEU A 43 -2.01 2.12 -1.90
CA LEU A 43 -1.46 2.34 -3.24
C LEU A 43 -2.20 3.50 -3.87
N ILE A 44 -1.49 4.34 -4.63
CA ILE A 44 -2.13 5.49 -5.27
C ILE A 44 -1.51 5.84 -6.61
N PHE A 45 -2.34 6.08 -7.62
CA PHE A 45 -1.86 6.46 -8.95
C PHE A 45 -1.61 7.97 -8.99
N ALA A 46 -1.43 8.58 -7.82
CA ALA A 46 -1.20 10.03 -7.72
C ALA A 46 -2.45 10.78 -8.15
N GLY A 47 -2.79 10.64 -9.42
CA GLY A 47 -3.97 11.29 -9.96
C GLY A 47 -5.16 10.33 -9.94
N LYS A 48 -4.89 9.04 -9.69
CA LYS A 48 -5.95 8.03 -9.61
C LYS A 48 -5.84 7.29 -8.27
N GLN A 49 -6.80 7.53 -7.39
CA GLN A 49 -6.80 6.89 -6.06
C GLN A 49 -7.50 5.55 -6.09
N LEU A 50 -6.89 4.56 -5.45
CA LEU A 50 -7.47 3.21 -5.42
C LEU A 50 -8.38 3.03 -4.23
N GLU A 51 -9.41 2.22 -4.42
CA GLU A 51 -10.36 1.94 -3.34
C GLU A 51 -9.89 0.78 -2.48
N ASP A 52 -9.87 0.98 -1.17
CA ASP A 52 -9.44 -0.04 -0.23
C ASP A 52 -10.26 -1.32 -0.37
N GLY A 53 -11.53 -1.17 -0.74
CA GLY A 53 -12.39 -2.33 -0.93
C GLY A 53 -12.20 -2.97 -2.29
N ARG A 54 -11.17 -2.56 -3.02
CA ARG A 54 -10.91 -3.12 -4.34
C ARG A 54 -9.95 -4.31 -4.25
N THR A 55 -10.17 -5.32 -5.08
CA THR A 55 -9.33 -6.51 -5.07
C THR A 55 -8.23 -6.44 -6.12
N LEU A 56 -7.37 -7.45 -6.14
CA LEU A 56 -6.26 -7.48 -7.11
C LEU A 56 -6.77 -7.40 -8.54
N SER A 57 -7.69 -8.30 -8.90
CA SER A 57 -8.24 -8.35 -10.26
C SER A 57 -8.82 -7.00 -10.68
N ASP A 58 -9.28 -6.23 -9.70
CA ASP A 58 -9.87 -4.92 -9.97
C ASP A 58 -8.85 -3.97 -10.59
N TYR A 59 -7.57 -4.21 -10.31
CA TYR A 59 -6.50 -3.37 -10.84
C TYR A 59 -5.21 -4.16 -11.00
N ASN A 60 -5.37 -5.43 -11.39
CA ASN A 60 -4.25 -6.33 -11.59
C ASN A 60 -3.79 -6.29 -13.02
N ILE A 61 -2.67 -5.60 -13.23
CA ILE A 61 -2.07 -5.45 -14.55
C ILE A 61 -1.36 -6.71 -14.99
N GLN A 62 -0.62 -6.60 -16.08
CA GLN A 62 0.12 -7.73 -16.62
C GLN A 62 1.62 -7.62 -16.29
N LYS A 63 2.41 -8.50 -16.88
CA LYS A 63 3.86 -8.52 -16.65
C LYS A 63 4.49 -7.16 -16.91
N GLU A 64 5.31 -6.70 -15.96
CA GLU A 64 5.97 -5.40 -16.05
C GLU A 64 4.97 -4.29 -15.71
N SER A 65 4.85 -4.03 -14.42
CA SER A 65 3.93 -3.01 -13.91
C SER A 65 4.37 -2.56 -12.52
N THR A 66 4.76 -1.30 -12.41
CA THR A 66 5.22 -0.74 -11.14
C THR A 66 4.04 -0.30 -10.27
N LEU A 67 4.15 -0.51 -8.96
CA LEU A 67 3.11 -0.11 -8.01
C LEU A 67 3.62 1.00 -7.10
N HIS A 68 2.80 2.02 -6.85
CA HIS A 68 3.21 3.12 -6.00
C HIS A 68 2.31 3.27 -4.78
N LEU A 69 2.91 3.35 -3.59
CA LEU A 69 2.13 3.52 -2.37
C LEU A 69 2.60 4.78 -1.64
N VAL A 70 1.70 5.73 -1.47
CA VAL A 70 2.04 6.98 -0.79
C VAL A 70 1.28 7.14 0.52
N LEU A 71 1.90 7.80 1.48
CA LEU A 71 1.26 8.01 2.77
C LEU A 71 0.94 9.48 2.99
N ARG A 72 -0.27 9.88 2.61
CA ARG A 72 -0.69 11.27 2.74
C ARG A 72 -1.10 11.59 4.18
N LEU A 73 -0.40 12.54 4.79
CA LEU A 73 -0.70 12.94 6.17
C LEU A 73 -2.04 13.67 6.23
N ARG A 74 -2.95 13.15 7.03
CA ARG A 74 -4.30 13.72 7.15
C ARG A 74 -4.94 13.37 8.48
N GLY A 75 -4.11 12.97 9.45
CA GLY A 75 -4.61 12.61 10.76
C GLY A 75 -5.02 13.81 11.59
N GLY A 76 -5.50 14.85 10.92
CA GLY A 76 -5.93 16.04 11.63
C GLY A 76 -4.95 17.19 11.52
N HIS A 77 -5.46 18.40 11.58
CA HIS A 77 -4.63 19.59 11.48
C HIS A 77 -3.62 19.66 12.63
N HIS A 78 -2.37 19.34 12.32
CA HIS A 78 -1.30 19.37 13.33
C HIS A 78 -0.93 20.81 13.68
N HIS A 79 -0.53 21.02 14.93
CA HIS A 79 -0.16 22.35 15.41
C HIS A 79 1.32 22.61 15.17
N HIS A 80 1.61 23.59 14.31
CA HIS A 80 2.99 23.93 14.00
C HIS A 80 3.70 24.49 15.24
N HIS A 81 5.02 24.37 15.26
CA HIS A 81 5.81 24.87 16.38
C HIS A 81 6.38 26.25 16.09
N HIS A 82 5.67 27.29 16.54
CA HIS A 82 6.12 28.66 16.32
C HIS A 82 7.22 29.05 17.30
N MET A 1 5.55 -12.61 -12.09
CA MET A 1 5.34 -12.86 -10.63
C MET A 1 6.37 -12.13 -9.78
N GLN A 2 6.69 -10.90 -10.17
CA GLN A 2 7.66 -10.09 -9.44
C GLN A 2 7.44 -8.60 -9.71
N ILE A 3 7.15 -7.85 -8.65
CA ILE A 3 6.91 -6.41 -8.77
C ILE A 3 7.89 -5.61 -7.92
N PHE A 4 8.04 -4.33 -8.27
CA PHE A 4 8.91 -3.44 -7.53
C PHE A 4 8.08 -2.32 -6.91
N VAL A 5 8.34 -1.99 -5.65
CA VAL A 5 7.59 -0.94 -4.96
C VAL A 5 8.48 -0.05 -4.10
N LYS A 6 8.38 1.26 -4.29
CA LYS A 6 9.17 2.21 -3.53
C LYS A 6 8.44 2.62 -2.26
N THR A 7 9.13 2.45 -1.13
CA THR A 7 8.56 2.79 0.17
C THR A 7 8.92 4.22 0.56
N LEU A 8 8.53 4.61 1.76
CA LEU A 8 8.82 5.95 2.25
C LEU A 8 10.28 6.09 2.68
N THR A 9 10.92 4.95 2.92
CA THR A 9 12.31 4.95 3.34
C THR A 9 13.23 4.83 2.13
N GLY A 10 12.66 4.45 0.99
CA GLY A 10 13.46 4.29 -0.21
C GLY A 10 13.72 2.83 -0.52
N ALA A 11 13.50 1.97 0.47
CA ALA A 11 13.71 0.54 0.33
C ALA A 11 12.61 -0.12 -0.49
N THR A 12 12.92 -0.49 -1.72
CA THR A 12 11.97 -1.14 -2.59
C THR A 12 11.59 -2.51 -2.05
N ILE A 13 10.29 -2.83 -2.08
CA ILE A 13 9.81 -4.12 -1.59
C ILE A 13 9.29 -4.99 -2.73
N THR A 14 9.79 -6.22 -2.77
CA THR A 14 9.37 -7.18 -3.79
C THR A 14 8.31 -8.12 -3.24
N LEU A 15 7.18 -8.24 -3.94
CA LEU A 15 6.10 -9.09 -3.47
C LEU A 15 5.46 -9.89 -4.61
N GLU A 16 4.71 -10.91 -4.22
CA GLU A 16 4.00 -11.77 -5.16
C GLU A 16 2.49 -11.54 -5.07
N VAL A 17 1.83 -11.43 -6.21
CA VAL A 17 0.40 -11.17 -6.21
C VAL A 17 -0.43 -12.45 -6.20
N GLU A 18 -1.71 -12.30 -5.86
CA GLU A 18 -2.65 -13.41 -5.79
C GLU A 18 -4.06 -12.94 -6.12
N SER A 19 -4.88 -13.85 -6.65
CA SER A 19 -6.26 -13.53 -6.99
C SER A 19 -7.03 -13.21 -5.71
N SER A 20 -6.73 -13.96 -4.66
CA SER A 20 -7.38 -13.81 -3.37
C SER A 20 -6.80 -12.66 -2.56
N ASP A 21 -5.91 -11.88 -3.17
CA ASP A 21 -5.29 -10.76 -2.49
C ASP A 21 -6.15 -9.51 -2.59
N THR A 22 -6.75 -9.11 -1.48
CA THR A 22 -7.61 -7.93 -1.45
C THR A 22 -6.95 -6.79 -0.66
N ILE A 23 -7.58 -5.63 -0.65
CA ILE A 23 -7.04 -4.48 0.07
C ILE A 23 -6.89 -4.78 1.56
N ASP A 24 -7.68 -5.73 2.06
CA ASP A 24 -7.63 -6.11 3.46
C ASP A 24 -6.48 -7.08 3.72
N ASN A 25 -6.20 -7.93 2.73
CA ASN A 25 -5.14 -8.92 2.85
C ASN A 25 -3.81 -8.26 3.18
N VAL A 26 -3.52 -7.15 2.51
CA VAL A 26 -2.27 -6.43 2.74
C VAL A 26 -2.10 -6.05 4.21
N LYS A 27 -3.18 -5.51 4.80
CA LYS A 27 -3.15 -5.10 6.19
C LYS A 27 -2.98 -6.28 7.12
N SER A 28 -3.70 -7.36 6.85
CA SER A 28 -3.64 -8.55 7.69
C SER A 28 -2.22 -9.12 7.76
N LYS A 29 -1.56 -9.24 6.62
CA LYS A 29 -0.22 -9.81 6.56
C LYS A 29 0.84 -8.92 7.20
N ILE A 30 0.44 -7.76 7.73
CA ILE A 30 1.39 -6.87 8.40
C ILE A 30 1.53 -7.25 9.88
N GLN A 31 1.23 -8.50 10.20
CA GLN A 31 1.32 -8.96 11.60
C GLN A 31 2.70 -9.55 11.90
N ALA A 32 3.73 -9.01 11.26
CA ALA A 32 5.09 -9.48 11.48
C ALA A 32 5.86 -8.55 12.42
N ALA A 33 6.39 -7.46 11.86
CA ALA A 33 7.13 -6.49 12.66
C ALA A 33 6.26 -5.28 13.01
N PRO A 34 5.99 -5.05 14.31
CA PRO A 34 5.17 -3.93 14.76
C PRO A 34 5.91 -2.60 14.68
N GLY A 35 5.36 -1.58 15.32
CA GLY A 35 5.97 -0.26 15.30
C GLY A 35 5.31 0.65 14.28
N ILE A 36 4.86 0.05 13.19
CA ILE A 36 4.20 0.79 12.12
C ILE A 36 2.71 0.53 12.08
N PRO A 37 1.93 1.49 11.56
CA PRO A 37 0.48 1.36 11.45
C PRO A 37 0.07 0.61 10.19
N PRO A 38 -0.85 -0.37 10.32
CA PRO A 38 -1.31 -1.18 9.18
C PRO A 38 -2.40 -0.49 8.36
N ASP A 39 -3.25 0.26 9.05
CA ASP A 39 -4.34 0.98 8.40
C ASP A 39 -3.83 2.23 7.71
N GLN A 40 -2.55 2.52 7.89
CA GLN A 40 -1.94 3.69 7.29
C GLN A 40 -1.23 3.32 5.99
N GLN A 41 -1.51 2.12 5.47
CA GLN A 41 -0.89 1.69 4.23
C GLN A 41 -1.93 1.54 3.13
N GLU A 42 -1.66 2.15 1.98
CA GLU A 42 -2.57 2.09 0.84
C GLU A 42 -1.82 2.25 -0.48
N LEU A 43 -2.40 1.75 -1.57
CA LEU A 43 -1.80 1.89 -2.89
C LEU A 43 -2.41 3.12 -3.56
N ILE A 44 -1.58 3.90 -4.24
CA ILE A 44 -2.06 5.10 -4.93
C ILE A 44 -1.31 5.36 -6.23
N PHE A 45 -2.05 5.67 -7.29
CA PHE A 45 -1.44 5.99 -8.59
C PHE A 45 -1.07 7.47 -8.64
N ALA A 46 -0.79 8.07 -7.48
CA ALA A 46 -0.43 9.49 -7.41
C ALA A 46 -1.62 10.34 -7.82
N GLY A 47 -2.05 10.19 -9.07
CA GLY A 47 -3.21 10.93 -9.56
C GLY A 47 -4.43 10.04 -9.67
N LYS A 48 -4.25 8.72 -9.46
CA LYS A 48 -5.38 7.80 -9.50
C LYS A 48 -5.47 7.04 -8.18
N GLN A 49 -6.51 7.33 -7.40
CA GLN A 49 -6.69 6.68 -6.11
C GLN A 49 -7.47 5.38 -6.21
N LEU A 50 -6.95 4.32 -5.59
CA LEU A 50 -7.60 3.02 -5.63
C LEU A 50 -8.73 2.94 -4.62
N GLU A 51 -9.71 2.10 -4.91
CA GLU A 51 -10.86 1.91 -4.03
C GLU A 51 -10.59 0.77 -3.04
N ASP A 52 -11.03 0.94 -1.80
CA ASP A 52 -10.82 -0.08 -0.79
C ASP A 52 -11.49 -1.39 -1.19
N GLY A 53 -12.60 -1.29 -1.93
CA GLY A 53 -13.30 -2.47 -2.40
C GLY A 53 -12.69 -3.00 -3.69
N ARG A 54 -11.38 -2.85 -3.85
CA ARG A 54 -10.70 -3.32 -5.05
C ARG A 54 -9.88 -4.58 -4.79
N THR A 55 -9.98 -5.54 -5.69
CA THR A 55 -9.23 -6.78 -5.54
C THR A 55 -8.01 -6.76 -6.44
N LEU A 56 -7.10 -7.72 -6.27
CA LEU A 56 -5.91 -7.75 -7.08
C LEU A 56 -6.24 -8.02 -8.55
N SER A 57 -6.94 -9.12 -8.80
CA SER A 57 -7.32 -9.48 -10.15
C SER A 57 -8.07 -8.32 -10.82
N ASP A 58 -8.75 -7.53 -10.00
CA ASP A 58 -9.49 -6.38 -10.50
C ASP A 58 -8.54 -5.37 -11.14
N TYR A 59 -7.70 -4.74 -10.33
CA TYR A 59 -6.76 -3.74 -10.82
C TYR A 59 -5.43 -4.38 -11.23
N ASN A 60 -5.49 -5.64 -11.70
CA ASN A 60 -4.30 -6.35 -12.15
C ASN A 60 -4.33 -6.55 -13.66
N ILE A 61 -3.49 -5.79 -14.34
CA ILE A 61 -3.37 -5.85 -15.79
C ILE A 61 -2.20 -6.74 -16.19
N GLN A 62 -1.59 -6.49 -17.34
CA GLN A 62 -0.46 -7.29 -17.80
C GLN A 62 0.77 -7.03 -16.95
N LYS A 63 1.32 -8.11 -16.38
CA LYS A 63 2.51 -8.05 -15.51
C LYS A 63 3.50 -6.97 -15.96
N GLU A 64 4.40 -6.61 -15.06
CA GLU A 64 5.41 -5.58 -15.32
C GLU A 64 4.77 -4.20 -15.26
N SER A 65 4.69 -3.68 -14.04
CA SER A 65 4.09 -2.38 -13.79
C SER A 65 4.50 -1.87 -12.41
N THR A 66 5.05 -0.66 -12.37
CA THR A 66 5.50 -0.06 -11.12
C THR A 66 4.32 0.25 -10.21
N LEU A 67 4.52 0.02 -8.90
CA LEU A 67 3.48 0.28 -7.92
C LEU A 67 3.95 1.36 -6.94
N HIS A 68 3.06 2.26 -6.56
CA HIS A 68 3.40 3.33 -5.64
C HIS A 68 2.56 3.29 -4.36
N LEU A 69 3.22 3.19 -3.21
CA LEU A 69 2.52 3.15 -1.93
C LEU A 69 2.88 4.37 -1.09
N VAL A 70 1.87 5.15 -0.72
CA VAL A 70 2.09 6.36 0.07
C VAL A 70 1.49 6.27 1.46
N LEU A 71 2.09 6.97 2.42
CA LEU A 71 1.62 6.96 3.81
C LEU A 71 1.10 8.33 4.22
N ARG A 72 -0.21 8.47 4.26
CA ARG A 72 -0.83 9.73 4.63
C ARG A 72 -1.37 9.68 6.07
N LEU A 73 -1.18 10.75 6.82
CA LEU A 73 -1.65 10.81 8.20
C LEU A 73 -3.06 11.40 8.26
N ARG A 74 -3.88 10.86 9.16
CA ARG A 74 -5.25 11.32 9.33
C ARG A 74 -5.70 11.21 10.78
N GLY A 75 -4.74 11.07 11.68
CA GLY A 75 -5.05 10.95 13.10
C GLY A 75 -5.40 12.28 13.75
N GLY A 76 -5.76 12.21 15.03
CA GLY A 76 -6.12 13.40 15.78
C GLY A 76 -4.96 14.37 15.95
N HIS A 77 -5.28 15.65 16.10
CA HIS A 77 -4.27 16.68 16.27
C HIS A 77 -4.03 16.98 17.75
N HIS A 78 -3.14 17.92 18.03
CA HIS A 78 -2.82 18.29 19.40
C HIS A 78 -2.95 19.79 19.61
N HIS A 79 -3.34 20.19 20.82
CA HIS A 79 -3.51 21.60 21.14
C HIS A 79 -2.16 22.31 21.24
N HIS A 80 -2.13 23.59 20.89
CA HIS A 80 -0.91 24.38 20.94
C HIS A 80 -0.88 25.28 22.16
N HIS A 81 -0.01 24.96 23.11
CA HIS A 81 0.13 25.73 24.34
C HIS A 81 1.16 26.84 24.16
N HIS A 82 0.72 28.10 24.19
CA HIS A 82 1.62 29.23 24.04
C HIS A 82 2.38 29.49 25.34
N MET A 1 6.68 -13.74 -12.22
CA MET A 1 6.01 -12.97 -11.14
C MET A 1 7.02 -12.20 -10.31
N GLN A 2 6.99 -10.87 -10.46
CA GLN A 2 7.91 -10.01 -9.73
C GLN A 2 7.51 -8.55 -9.92
N ILE A 3 7.30 -7.86 -8.80
CA ILE A 3 6.92 -6.46 -8.83
C ILE A 3 7.93 -5.61 -8.06
N PHE A 4 8.06 -4.34 -8.45
CA PHE A 4 8.96 -3.43 -7.79
C PHE A 4 8.19 -2.22 -7.25
N VAL A 5 8.40 -1.92 -5.98
CA VAL A 5 7.70 -0.81 -5.36
C VAL A 5 8.57 -0.04 -4.39
N LYS A 6 8.50 1.28 -4.47
CA LYS A 6 9.29 2.14 -3.59
C LYS A 6 8.52 2.43 -2.30
N THR A 7 9.20 2.26 -1.19
CA THR A 7 8.62 2.48 0.13
C THR A 7 8.87 3.91 0.60
N LEU A 8 8.47 4.18 1.84
CA LEU A 8 8.65 5.51 2.42
C LEU A 8 10.11 5.73 2.83
N THR A 9 10.86 4.65 2.94
CA THR A 9 12.26 4.73 3.31
C THR A 9 13.15 4.83 2.08
N GLY A 10 12.60 4.52 0.91
CA GLY A 10 13.37 4.55 -0.32
C GLY A 10 13.82 3.16 -0.75
N ALA A 11 13.65 2.21 0.15
CA ALA A 11 14.05 0.83 -0.09
C ALA A 11 12.97 0.05 -0.87
N THR A 12 13.24 -0.21 -2.14
CA THR A 12 12.31 -0.94 -2.98
C THR A 12 12.22 -2.40 -2.52
N ILE A 13 10.99 -2.93 -2.50
CA ILE A 13 10.80 -4.32 -2.07
C ILE A 13 10.20 -5.18 -3.18
N THR A 14 10.64 -6.44 -3.21
CA THR A 14 10.15 -7.41 -4.19
C THR A 14 9.11 -8.33 -3.57
N LEU A 15 7.94 -8.40 -4.18
CA LEU A 15 6.86 -9.23 -3.65
C LEU A 15 6.10 -9.96 -4.76
N GLU A 16 5.35 -10.97 -4.35
CA GLU A 16 4.53 -11.77 -5.27
C GLU A 16 3.06 -11.49 -5.00
N VAL A 17 2.31 -11.21 -6.07
CA VAL A 17 0.90 -10.89 -5.92
C VAL A 17 0.00 -12.11 -6.17
N GLU A 18 -1.13 -12.14 -5.44
CA GLU A 18 -2.09 -13.23 -5.54
C GLU A 18 -3.46 -12.70 -5.94
N SER A 19 -4.23 -13.53 -6.64
CA SER A 19 -5.57 -13.15 -7.08
C SER A 19 -6.45 -12.91 -5.86
N SER A 20 -6.26 -13.75 -4.86
CA SER A 20 -7.02 -13.64 -3.61
C SER A 20 -6.45 -12.55 -2.72
N ASP A 21 -5.58 -11.71 -3.28
CA ASP A 21 -4.95 -10.63 -2.54
C ASP A 21 -5.85 -9.39 -2.52
N THR A 22 -6.39 -9.08 -1.34
CA THR A 22 -7.26 -7.92 -1.21
C THR A 22 -6.63 -6.88 -0.29
N ILE A 23 -7.19 -5.67 -0.31
CA ILE A 23 -6.67 -4.58 0.52
C ILE A 23 -6.79 -4.91 2.00
N ASP A 24 -7.72 -5.80 2.33
CA ASP A 24 -7.93 -6.20 3.71
C ASP A 24 -6.96 -7.30 4.10
N ASN A 25 -6.86 -8.31 3.26
CA ASN A 25 -5.97 -9.45 3.51
C ASN A 25 -4.53 -9.00 3.70
N VAL A 26 -4.09 -8.04 2.90
CA VAL A 26 -2.73 -7.52 3.02
C VAL A 26 -2.49 -6.94 4.41
N LYS A 27 -3.52 -6.32 4.97
CA LYS A 27 -3.42 -5.72 6.29
C LYS A 27 -3.16 -6.76 7.37
N SER A 28 -3.90 -7.87 7.31
CA SER A 28 -3.77 -8.94 8.29
C SER A 28 -2.33 -9.47 8.34
N LYS A 29 -1.73 -9.63 7.17
CA LYS A 29 -0.37 -10.15 7.07
C LYS A 29 0.65 -9.17 7.67
N ILE A 30 0.17 -8.06 8.20
CA ILE A 30 1.06 -7.09 8.83
C ILE A 30 1.21 -7.41 10.31
N GLN A 31 0.96 -8.67 10.65
CA GLN A 31 1.08 -9.11 12.04
C GLN A 31 2.39 -9.86 12.27
N ALA A 32 3.45 -9.37 11.64
CA ALA A 32 4.77 -9.99 11.77
C ALA A 32 5.82 -8.99 12.25
N ALA A 33 5.49 -7.71 12.14
CA ALA A 33 6.40 -6.65 12.55
C ALA A 33 5.63 -5.42 13.05
N PRO A 34 5.46 -5.29 14.39
CA PRO A 34 4.75 -4.15 14.97
C PRO A 34 5.59 -2.86 14.90
N GLY A 35 4.92 -1.72 15.07
CA GLY A 35 5.61 -0.44 15.01
C GLY A 35 4.94 0.53 14.06
N ILE A 36 4.51 0.01 12.90
CA ILE A 36 3.86 0.83 11.88
C ILE A 36 2.38 0.46 11.74
N PRO A 37 1.50 1.47 11.54
CA PRO A 37 0.06 1.23 11.38
C PRO A 37 -0.24 0.55 10.05
N PRO A 38 -0.84 -0.67 10.08
CA PRO A 38 -1.18 -1.42 8.87
C PRO A 38 -2.30 -0.76 8.06
N ASP A 39 -3.21 -0.10 8.78
CA ASP A 39 -4.33 0.59 8.15
C ASP A 39 -3.89 1.93 7.56
N GLN A 40 -2.63 2.28 7.79
CA GLN A 40 -2.10 3.54 7.29
C GLN A 40 -1.30 3.31 6.01
N GLN A 41 -1.40 2.10 5.45
CA GLN A 41 -0.66 1.78 4.22
C GLN A 41 -1.65 1.57 3.06
N GLU A 42 -1.38 2.25 1.95
CA GLU A 42 -2.23 2.14 0.77
C GLU A 42 -1.47 2.43 -0.52
N LEU A 43 -1.98 1.92 -1.64
CA LEU A 43 -1.36 2.17 -2.94
C LEU A 43 -2.06 3.36 -3.60
N ILE A 44 -1.30 4.20 -4.28
CA ILE A 44 -1.89 5.36 -4.94
C ILE A 44 -1.15 5.75 -6.21
N PHE A 45 -1.89 6.10 -7.25
CA PHE A 45 -1.28 6.50 -8.51
C PHE A 45 -0.93 7.99 -8.45
N ALA A 46 -0.75 8.50 -7.23
CA ALA A 46 -0.41 9.91 -7.02
C ALA A 46 -1.60 10.77 -7.41
N GLY A 47 -2.00 10.70 -8.67
CA GLY A 47 -3.12 11.45 -9.14
C GLY A 47 -4.33 10.56 -9.37
N LYS A 48 -4.14 9.24 -9.30
CA LYS A 48 -5.24 8.31 -9.48
C LYS A 48 -5.43 7.49 -8.21
N GLN A 49 -6.53 7.76 -7.50
CA GLN A 49 -6.83 7.06 -6.25
C GLN A 49 -7.55 5.75 -6.49
N LEU A 50 -7.02 4.67 -5.92
CA LEU A 50 -7.62 3.34 -6.08
C LEU A 50 -8.67 3.07 -5.03
N GLU A 51 -9.52 2.08 -5.29
CA GLU A 51 -10.58 1.69 -4.37
C GLU A 51 -10.08 0.62 -3.38
N ASP A 52 -10.31 0.86 -2.10
CA ASP A 52 -9.87 -0.07 -1.06
C ASP A 52 -10.66 -1.38 -1.09
N GLY A 53 -11.94 -1.28 -1.43
CA GLY A 53 -12.78 -2.45 -1.50
C GLY A 53 -12.59 -3.23 -2.79
N ARG A 54 -11.58 -2.87 -3.57
CA ARG A 54 -11.30 -3.55 -4.82
C ARG A 54 -10.28 -4.68 -4.63
N THR A 55 -10.40 -5.73 -5.45
CA THR A 55 -9.52 -6.88 -5.37
C THR A 55 -8.31 -6.74 -6.28
N LEU A 56 -7.37 -7.67 -6.20
CA LEU A 56 -6.18 -7.62 -7.04
C LEU A 56 -6.54 -7.74 -8.51
N SER A 57 -7.24 -8.81 -8.85
CA SER A 57 -7.65 -9.04 -10.23
C SER A 57 -8.51 -7.91 -10.76
N ASP A 58 -9.22 -7.25 -9.87
CA ASP A 58 -10.10 -6.13 -10.23
C ASP A 58 -9.28 -4.94 -10.72
N TYR A 59 -8.02 -4.87 -10.31
CA TYR A 59 -7.15 -3.77 -10.71
C TYR A 59 -5.76 -4.29 -11.12
N ASN A 60 -5.71 -5.57 -11.48
CA ASN A 60 -4.47 -6.21 -11.90
C ASN A 60 -4.55 -6.67 -13.35
N ILE A 61 -3.82 -5.98 -14.21
CA ILE A 61 -3.78 -6.28 -15.62
C ILE A 61 -2.60 -7.21 -15.95
N GLN A 62 -1.88 -6.91 -17.02
CA GLN A 62 -0.74 -7.72 -17.43
C GLN A 62 0.51 -7.34 -16.64
N LYS A 63 1.22 -8.37 -16.16
CA LYS A 63 2.44 -8.20 -15.37
C LYS A 63 3.35 -7.10 -15.91
N GLU A 64 4.32 -6.69 -15.10
CA GLU A 64 5.26 -5.62 -15.49
C GLU A 64 4.60 -4.25 -15.34
N SER A 65 4.61 -3.75 -14.11
CA SER A 65 4.01 -2.46 -13.79
C SER A 65 4.45 -2.00 -12.41
N THR A 66 4.95 -0.78 -12.32
CA THR A 66 5.41 -0.21 -11.06
C THR A 66 4.22 0.11 -10.15
N LEU A 67 4.41 -0.10 -8.85
CA LEU A 67 3.35 0.19 -7.89
C LEU A 67 3.85 1.20 -6.87
N HIS A 68 3.02 2.21 -6.59
CA HIS A 68 3.41 3.25 -5.64
C HIS A 68 2.45 3.32 -4.46
N LEU A 69 2.98 3.27 -3.24
CA LEU A 69 2.16 3.37 -2.05
C LEU A 69 2.56 4.61 -1.24
N VAL A 70 1.61 5.52 -1.05
CA VAL A 70 1.89 6.75 -0.31
C VAL A 70 1.08 6.84 0.98
N LEU A 71 1.66 7.49 1.99
CA LEU A 71 0.99 7.64 3.27
C LEU A 71 0.67 9.12 3.51
N ARG A 72 -0.53 9.52 3.14
CA ARG A 72 -0.95 10.91 3.30
C ARG A 72 -1.10 11.29 4.76
N LEU A 73 -0.53 12.43 5.12
CA LEU A 73 -0.57 12.92 6.49
C LEU A 73 -2.00 13.31 6.87
N ARG A 74 -2.47 12.73 7.98
CA ARG A 74 -3.83 12.95 8.45
C ARG A 74 -3.91 12.86 9.97
N GLY A 75 -2.76 12.99 10.65
CA GLY A 75 -2.74 12.90 12.08
C GLY A 75 -3.27 14.14 12.79
N GLY A 76 -2.62 14.51 13.89
CA GLY A 76 -3.03 15.68 14.65
C GLY A 76 -2.41 16.96 14.13
N HIS A 77 -3.22 18.02 14.10
CA HIS A 77 -2.75 19.32 13.62
C HIS A 77 -1.59 19.85 14.45
N HIS A 78 -1.14 21.05 14.10
CA HIS A 78 -0.05 21.69 14.81
C HIS A 78 -0.53 22.92 15.56
N HIS A 79 0.05 23.18 16.73
CA HIS A 79 -0.35 24.32 17.54
C HIS A 79 0.67 25.46 17.44
N HIS A 80 0.18 26.66 17.19
CA HIS A 80 1.05 27.83 17.06
C HIS A 80 1.18 28.53 18.40
N HIS A 81 2.34 28.40 19.02
CA HIS A 81 2.59 29.03 20.32
C HIS A 81 3.27 30.39 20.15
N HIS A 82 2.64 31.42 20.68
CA HIS A 82 3.17 32.78 20.61
C HIS A 82 4.32 32.97 21.60
#